data_1X57
#
_entry.id   1X57
#
_entity_poly.entity_id   1
_entity_poly.type   'polypeptide(L)'
_entity_poly.pdbx_seq_one_letter_code
;GSSGSSGDRVTLEVGKVIQQGRQSKGLTQKDLATKINEKPQVIADYESGRAIPNNQVLGKIERAIGLKLRGKDIGKPIEK
GPRAKSGPSSG
;
_entity_poly.pdbx_strand_id   A
#
# COMPACT_ATOMS: atom_id res chain seq x y z
N GLY A 1 17.31 -8.03 -6.46
CA GLY A 1 17.25 -8.25 -5.01
C GLY A 1 16.24 -9.32 -4.70
N SER A 2 16.67 -10.43 -4.10
CA SER A 2 15.82 -11.54 -3.73
C SER A 2 14.76 -11.07 -2.73
N SER A 3 13.52 -11.52 -2.88
CA SER A 3 12.47 -11.37 -1.88
C SER A 3 11.49 -12.53 -2.04
N GLY A 4 10.52 -12.64 -1.15
CA GLY A 4 9.56 -13.74 -1.09
C GLY A 4 9.42 -14.18 0.36
N SER A 5 9.15 -15.47 0.54
CA SER A 5 8.95 -16.15 1.81
C SER A 5 7.57 -15.79 2.35
N SER A 6 6.54 -16.37 1.71
CA SER A 6 5.13 -16.27 2.07
C SER A 6 4.60 -17.69 2.28
N GLY A 7 4.13 -17.99 3.49
CA GLY A 7 3.64 -19.30 3.87
C GLY A 7 2.86 -19.15 5.16
N ASP A 8 1.61 -18.69 5.01
CA ASP A 8 0.59 -18.54 6.05
C ASP A 8 1.08 -17.79 7.28
N ARG A 9 0.87 -16.48 7.29
CA ARG A 9 1.03 -15.59 8.44
C ARG A 9 -0.07 -14.54 8.40
N VAL A 10 -0.16 -13.66 9.40
CA VAL A 10 -1.11 -12.55 9.40
C VAL A 10 -0.54 -11.46 8.48
N THR A 11 -1.41 -10.56 8.02
CA THR A 11 -1.04 -9.38 7.26
C THR A 11 -1.81 -8.24 7.91
N LEU A 12 -1.12 -7.19 8.39
CA LEU A 12 -1.76 -5.98 8.92
C LEU A 12 -2.60 -5.35 7.82
N GLU A 13 -3.53 -4.45 8.19
CA GLU A 13 -4.38 -3.80 7.20
C GLU A 13 -3.56 -2.98 6.21
N VAL A 14 -2.44 -2.39 6.64
CA VAL A 14 -1.49 -1.74 5.76
C VAL A 14 -1.02 -2.74 4.72
N GLY A 15 -0.50 -3.90 5.14
CA GLY A 15 -0.02 -4.93 4.25
C GLY A 15 -1.11 -5.40 3.29
N LYS A 16 -2.32 -5.63 3.78
CA LYS A 16 -3.46 -5.98 2.95
C LYS A 16 -3.72 -4.88 1.93
N VAL A 17 -3.94 -3.62 2.33
CA VAL A 17 -4.24 -2.52 1.41
C VAL A 17 -3.10 -2.34 0.40
N ILE A 18 -1.84 -2.55 0.82
CA ILE A 18 -0.68 -2.52 -0.06
C ILE A 18 -0.89 -3.54 -1.17
N GLN A 19 -1.05 -4.82 -0.80
CA GLN A 19 -1.23 -5.92 -1.73
C GLN A 19 -2.43 -5.68 -2.64
N GLN A 20 -3.56 -5.30 -2.06
CA GLN A 20 -4.82 -5.09 -2.74
C GLN A 20 -4.71 -3.95 -3.76
N GLY A 21 -4.13 -2.83 -3.38
CA GLY A 21 -3.97 -1.70 -4.28
C GLY A 21 -2.92 -2.00 -5.35
N ARG A 22 -1.85 -2.73 -5.00
CA ARG A 22 -0.90 -3.23 -5.97
C ARG A 22 -1.64 -4.04 -7.02
N GLN A 23 -2.29 -5.11 -6.60
CA GLN A 23 -2.92 -6.08 -7.47
C GLN A 23 -4.04 -5.45 -8.29
N SER A 24 -4.71 -4.43 -7.75
CA SER A 24 -5.73 -3.69 -8.49
C SER A 24 -5.16 -2.96 -9.71
N LYS A 25 -3.84 -2.78 -9.76
CA LYS A 25 -3.10 -2.05 -10.78
C LYS A 25 -2.01 -2.95 -11.39
N GLY A 26 -2.04 -4.26 -11.12
CA GLY A 26 -1.05 -5.22 -11.57
C GLY A 26 0.38 -4.94 -11.09
N LEU A 27 0.59 -4.06 -10.11
CA LEU A 27 1.92 -3.58 -9.73
C LEU A 27 2.62 -4.65 -8.90
N THR A 28 3.75 -5.17 -9.35
CA THR A 28 4.54 -6.07 -8.52
C THR A 28 5.07 -5.33 -7.27
N GLN A 29 5.61 -6.06 -6.30
CA GLN A 29 6.24 -5.45 -5.13
C GLN A 29 7.45 -4.61 -5.55
N LYS A 30 8.17 -5.06 -6.58
CA LYS A 30 9.33 -4.36 -7.10
C LYS A 30 8.88 -3.12 -7.89
N ASP A 31 7.73 -3.14 -8.56
CA ASP A 31 7.16 -1.94 -9.18
C ASP A 31 6.81 -0.93 -8.10
N LEU A 32 6.29 -1.39 -6.96
CA LEU A 32 5.91 -0.54 -5.83
C LEU A 32 7.13 0.14 -5.25
N ALA A 33 8.15 -0.66 -4.90
CA ALA A 33 9.42 -0.19 -4.37
C ALA A 33 10.02 0.89 -5.28
N THR A 34 9.95 0.67 -6.59
CA THR A 34 10.36 1.63 -7.59
C THR A 34 9.53 2.92 -7.46
N LYS A 35 8.19 2.83 -7.45
CA LYS A 35 7.30 4.00 -7.34
C LYS A 35 7.57 4.84 -6.10
N ILE A 36 8.12 4.26 -5.03
CA ILE A 36 8.34 4.97 -3.78
C ILE A 36 9.82 5.15 -3.47
N ASN A 37 10.72 4.74 -4.38
CA ASN A 37 12.16 4.87 -4.26
C ASN A 37 12.63 4.22 -2.95
N GLU A 38 12.28 2.95 -2.77
CA GLU A 38 12.59 2.10 -1.63
C GLU A 38 13.20 0.78 -2.12
N LYS A 39 13.52 -0.11 -1.20
CA LYS A 39 13.85 -1.51 -1.47
C LYS A 39 12.57 -2.31 -1.66
N PRO A 40 12.58 -3.36 -2.50
CA PRO A 40 11.51 -4.34 -2.53
C PRO A 40 11.52 -5.25 -1.30
N GLN A 41 12.58 -5.20 -0.49
CA GLN A 41 12.67 -5.82 0.82
C GLN A 41 11.57 -5.25 1.72
N VAL A 42 11.56 -3.92 1.92
CA VAL A 42 10.64 -3.33 2.88
C VAL A 42 9.19 -3.55 2.44
N ILE A 43 8.87 -3.58 1.14
CA ILE A 43 7.51 -3.87 0.67
C ILE A 43 7.08 -5.27 1.12
N ALA A 44 7.96 -6.26 0.95
CA ALA A 44 7.70 -7.63 1.35
C ALA A 44 7.49 -7.77 2.87
N ASP A 45 8.10 -6.89 3.67
CA ASP A 45 7.97 -6.88 5.12
C ASP A 45 6.72 -6.10 5.55
N TYR A 46 6.42 -4.99 4.86
CA TYR A 46 5.21 -4.18 5.03
C TYR A 46 3.96 -5.03 4.85
N GLU A 47 3.99 -5.94 3.88
CA GLU A 47 2.88 -6.84 3.57
C GLU A 47 2.51 -7.71 4.77
N SER A 48 3.51 -8.25 5.48
CA SER A 48 3.25 -9.01 6.69
C SER A 48 2.90 -8.08 7.85
N GLY A 49 3.52 -6.89 7.88
CA GLY A 49 3.49 -6.00 9.02
C GLY A 49 4.70 -6.25 9.92
N ARG A 50 5.89 -6.36 9.32
CA ARG A 50 7.16 -6.64 10.00
C ARG A 50 8.26 -5.64 9.66
N ALA A 51 8.00 -4.66 8.81
CA ALA A 51 8.84 -3.47 8.75
C ALA A 51 8.27 -2.46 9.76
N ILE A 52 8.93 -1.31 9.96
CA ILE A 52 8.37 -0.23 10.76
C ILE A 52 7.64 0.73 9.82
N PRO A 53 6.30 0.85 9.89
CA PRO A 53 5.53 1.68 9.00
C PRO A 53 5.67 3.13 9.46
N ASN A 54 6.28 3.98 8.64
CA ASN A 54 6.48 5.38 8.99
C ASN A 54 5.65 6.27 8.07
N ASN A 55 5.07 7.35 8.59
CA ASN A 55 4.12 8.19 7.86
C ASN A 55 4.69 8.78 6.58
N GLN A 56 6.01 8.94 6.49
CA GLN A 56 6.70 9.35 5.29
C GLN A 56 6.52 8.29 4.18
N VAL A 57 6.92 7.05 4.44
CA VAL A 57 6.86 5.96 3.47
C VAL A 57 5.40 5.60 3.21
N LEU A 58 4.54 5.51 4.24
CA LEU A 58 3.09 5.36 4.08
C LEU A 58 2.55 6.39 3.11
N GLY A 59 2.93 7.67 3.24
CA GLY A 59 2.54 8.74 2.34
C GLY A 59 2.95 8.48 0.89
N LYS A 60 4.17 7.98 0.66
CA LYS A 60 4.60 7.57 -0.69
C LYS A 60 3.73 6.43 -1.21
N ILE A 61 3.46 5.42 -0.39
CA ILE A 61 2.63 4.27 -0.74
C ILE A 61 1.22 4.72 -1.09
N GLU A 62 0.68 5.76 -0.45
CA GLU A 62 -0.65 6.24 -0.83
C GLU A 62 -0.67 6.61 -2.31
N ARG A 63 0.28 7.43 -2.76
CA ARG A 63 0.43 7.82 -4.16
C ARG A 63 0.50 6.57 -5.04
N ALA A 64 1.25 5.57 -4.58
CA ALA A 64 1.58 4.36 -5.30
C ALA A 64 0.35 3.62 -5.83
N ILE A 65 -0.70 3.53 -5.01
CA ILE A 65 -1.91 2.75 -5.34
C ILE A 65 -3.15 3.65 -5.48
N GLY A 66 -3.09 4.89 -4.99
CA GLY A 66 -4.16 5.86 -5.03
C GLY A 66 -5.18 5.66 -3.92
N LEU A 67 -4.80 5.05 -2.80
CA LEU A 67 -5.66 4.79 -1.64
C LEU A 67 -4.94 5.25 -0.36
N LYS A 68 -5.69 5.43 0.73
CA LYS A 68 -5.23 5.80 2.07
C LYS A 68 -4.59 4.62 2.77
N LEU A 69 -3.57 4.87 3.59
CA LEU A 69 -2.76 3.86 4.29
C LEU A 69 -2.81 4.04 5.82
N ARG A 70 -3.61 4.97 6.36
CA ARG A 70 -3.87 5.14 7.80
C ARG A 70 -5.35 5.45 8.02
N GLY A 71 -5.80 5.29 9.26
CA GLY A 71 -7.19 5.37 9.68
C GLY A 71 -7.86 4.02 9.47
N LYS A 72 -9.06 3.84 10.04
CA LYS A 72 -9.93 2.74 9.61
C LYS A 72 -10.49 3.02 8.21
N ASP A 73 -10.29 4.25 7.69
CA ASP A 73 -10.57 4.67 6.33
C ASP A 73 -9.49 4.12 5.37
N ILE A 74 -8.59 3.24 5.80
CA ILE A 74 -7.59 2.62 4.93
C ILE A 74 -8.28 1.98 3.71
N GLY A 75 -7.66 2.08 2.54
CA GLY A 75 -8.26 1.57 1.31
C GLY A 75 -9.36 2.45 0.73
N LYS A 76 -9.77 3.54 1.40
CA LYS A 76 -10.48 4.64 0.75
C LYS A 76 -9.51 5.29 -0.23
N PRO A 77 -10.00 5.81 -1.36
CA PRO A 77 -9.18 6.48 -2.35
C PRO A 77 -8.66 7.82 -1.84
N ILE A 78 -7.62 8.34 -2.49
CA ILE A 78 -7.12 9.69 -2.22
C ILE A 78 -7.66 10.57 -3.35
N GLU A 79 -8.60 11.46 -2.98
CA GLU A 79 -9.30 12.41 -3.84
C GLU A 79 -10.28 11.71 -4.80
N LYS A 80 -9.78 11.02 -5.82
CA LYS A 80 -10.54 10.23 -6.78
C LYS A 80 -9.90 8.85 -6.85
N GLY A 81 -10.72 7.83 -6.99
CA GLY A 81 -10.37 6.44 -7.19
C GLY A 81 -11.62 5.58 -6.99
N PRO A 82 -11.59 4.30 -7.40
CA PRO A 82 -12.74 3.41 -7.30
C PRO A 82 -13.01 3.03 -5.84
N ARG A 83 -14.19 2.45 -5.58
CA ARG A 83 -14.52 1.91 -4.27
C ARG A 83 -13.64 0.71 -3.93
N ALA A 84 -13.62 0.36 -2.63
CA ALA A 84 -13.14 -0.91 -2.12
C ALA A 84 -14.04 -1.34 -0.95
N LYS A 85 -14.00 -2.63 -0.61
CA LYS A 85 -14.70 -3.22 0.53
C LYS A 85 -13.90 -2.89 1.81
N SER A 86 -14.40 -3.27 2.97
CA SER A 86 -13.70 -3.15 4.25
C SER A 86 -13.89 -4.44 5.05
N GLY A 87 -13.45 -4.46 6.32
CA GLY A 87 -13.58 -5.60 7.22
C GLY A 87 -12.86 -5.32 8.54
N PRO A 88 -13.04 -6.16 9.57
CA PRO A 88 -12.42 -5.98 10.87
C PRO A 88 -10.94 -6.38 10.82
N SER A 89 -10.28 -6.33 11.97
CA SER A 89 -8.96 -6.89 12.21
C SER A 89 -9.09 -7.87 13.38
N SER A 90 -7.99 -8.28 13.99
CA SER A 90 -7.93 -8.79 15.36
C SER A 90 -6.52 -8.48 15.86
N GLY A 91 -6.17 -8.96 17.05
CA GLY A 91 -4.86 -8.77 17.65
C GLY A 91 -4.60 -9.86 18.66
N GLY A 1 15.21 -16.37 7.31
CA GLY A 1 13.85 -16.81 6.98
C GLY A 1 12.82 -15.80 7.46
N SER A 2 11.65 -16.29 7.89
CA SER A 2 10.53 -15.48 8.32
C SER A 2 9.92 -16.04 9.60
N SER A 3 9.58 -17.34 9.63
CA SER A 3 8.91 -17.97 10.76
C SER A 3 9.29 -19.45 10.79
N GLY A 4 9.73 -19.97 11.93
CA GLY A 4 10.10 -21.36 12.12
C GLY A 4 8.90 -22.29 11.99
N SER A 5 8.57 -22.67 10.75
CA SER A 5 7.59 -23.65 10.33
C SER A 5 6.13 -23.17 10.41
N SER A 6 5.84 -22.05 11.07
CA SER A 6 4.47 -21.53 11.17
C SER A 6 4.19 -20.56 10.02
N GLY A 7 2.92 -20.22 9.79
CA GLY A 7 2.56 -19.19 8.82
C GLY A 7 1.08 -19.21 8.49
N ASP A 8 0.22 -18.85 9.45
CA ASP A 8 -1.22 -18.79 9.25
C ASP A 8 -1.80 -17.75 10.22
N ARG A 9 -2.24 -16.60 9.70
CA ARG A 9 -3.02 -15.57 10.40
C ARG A 9 -3.51 -14.53 9.39
N VAL A 10 -4.32 -13.56 9.81
CA VAL A 10 -4.69 -12.41 8.97
C VAL A 10 -3.50 -11.44 8.86
N THR A 11 -3.57 -10.42 8.00
CA THR A 11 -2.57 -9.36 7.88
C THR A 11 -3.04 -8.07 8.56
N LEU A 12 -2.10 -7.16 8.83
CA LEU A 12 -2.40 -5.80 9.27
C LEU A 12 -3.04 -5.06 8.11
N GLU A 13 -3.82 -4.02 8.43
CA GLU A 13 -4.63 -3.30 7.46
C GLU A 13 -3.77 -2.65 6.40
N VAL A 14 -2.62 -2.09 6.78
CA VAL A 14 -1.63 -1.54 5.86
C VAL A 14 -1.23 -2.62 4.86
N GLY A 15 -0.70 -3.76 5.31
CA GLY A 15 -0.25 -4.83 4.44
C GLY A 15 -1.36 -5.37 3.54
N LYS A 16 -2.57 -5.51 4.08
CA LYS A 16 -3.75 -5.94 3.35
C LYS A 16 -4.06 -4.97 2.21
N VAL A 17 -4.20 -3.67 2.50
CA VAL A 17 -4.49 -2.65 1.50
C VAL A 17 -3.35 -2.55 0.49
N ILE A 18 -2.09 -2.69 0.93
CA ILE A 18 -0.93 -2.70 0.04
C ILE A 18 -1.13 -3.84 -0.97
N GLN A 19 -1.31 -5.08 -0.50
CA GLN A 19 -1.48 -6.23 -1.38
C GLN A 19 -2.59 -5.96 -2.40
N GLN A 20 -3.78 -5.61 -1.92
CA GLN A 20 -4.96 -5.42 -2.75
C GLN A 20 -4.75 -4.30 -3.77
N GLY A 21 -4.15 -3.19 -3.36
CA GLY A 21 -3.98 -2.03 -4.22
C GLY A 21 -2.92 -2.27 -5.27
N ARG A 22 -1.80 -2.90 -4.88
CA ARG A 22 -0.79 -3.36 -5.82
C ARG A 22 -1.45 -4.21 -6.89
N GLN A 23 -2.08 -5.31 -6.48
CA GLN A 23 -2.59 -6.31 -7.38
C GLN A 23 -3.69 -5.73 -8.28
N SER A 24 -4.46 -4.76 -7.76
CA SER A 24 -5.49 -4.08 -8.52
C SER A 24 -4.90 -3.28 -9.70
N LYS A 25 -3.63 -2.87 -9.62
CA LYS A 25 -2.94 -2.13 -10.67
C LYS A 25 -1.81 -2.96 -11.28
N GLY A 26 -1.76 -4.27 -11.02
CA GLY A 26 -0.73 -5.18 -11.52
C GLY A 26 0.68 -4.83 -11.02
N LEU A 27 0.80 -3.96 -10.01
CA LEU A 27 2.09 -3.45 -9.58
C LEU A 27 2.82 -4.57 -8.84
N THR A 28 3.97 -4.99 -9.34
CA THR A 28 4.83 -5.92 -8.61
C THR A 28 5.36 -5.24 -7.34
N GLN A 29 6.07 -5.99 -6.49
CA GLN A 29 6.70 -5.38 -5.33
C GLN A 29 7.83 -4.47 -5.77
N LYS A 30 8.60 -4.83 -6.81
CA LYS A 30 9.60 -3.93 -7.37
C LYS A 30 8.96 -2.69 -7.99
N ASP A 31 7.77 -2.81 -8.60
CA ASP A 31 7.07 -1.65 -9.15
C ASP A 31 6.80 -0.66 -8.02
N LEU A 32 6.20 -1.16 -6.94
CA LEU A 32 5.79 -0.37 -5.79
C LEU A 32 7.01 0.30 -5.16
N ALA A 33 8.05 -0.50 -4.89
CA ALA A 33 9.32 -0.07 -4.38
C ALA A 33 9.86 1.10 -5.22
N THR A 34 9.92 0.96 -6.53
CA THR A 34 10.30 2.02 -7.45
C THR A 34 9.40 3.26 -7.33
N LYS A 35 8.07 3.10 -7.27
CA LYS A 35 7.13 4.20 -7.07
C LYS A 35 7.37 4.97 -5.77
N ILE A 36 8.12 4.41 -4.82
CA ILE A 36 8.55 5.07 -3.59
C ILE A 36 10.08 5.20 -3.50
N ASN A 37 10.79 4.88 -4.59
CA ASN A 37 12.26 4.81 -4.73
C ASN A 37 12.98 3.89 -3.73
N GLU A 38 12.25 3.13 -2.92
CA GLU A 38 12.80 2.36 -1.81
C GLU A 38 12.88 0.88 -2.23
N LYS A 39 13.18 -0.04 -1.29
CA LYS A 39 13.52 -1.42 -1.64
C LYS A 39 12.33 -2.38 -1.56
N PRO A 40 12.21 -3.34 -2.48
CA PRO A 40 11.09 -4.27 -2.52
C PRO A 40 11.10 -5.24 -1.33
N GLN A 41 12.24 -5.45 -0.65
CA GLN A 41 12.26 -6.13 0.63
C GLN A 41 11.37 -5.42 1.64
N VAL A 42 11.39 -4.08 1.74
CA VAL A 42 10.51 -3.43 2.70
C VAL A 42 9.05 -3.61 2.30
N ILE A 43 8.71 -3.61 1.00
CA ILE A 43 7.33 -3.84 0.54
C ILE A 43 6.85 -5.22 1.01
N ALA A 44 7.66 -6.25 0.79
CA ALA A 44 7.33 -7.61 1.19
C ALA A 44 7.07 -7.70 2.70
N ASP A 45 7.83 -6.93 3.48
CA ASP A 45 7.78 -6.88 4.93
C ASP A 45 6.56 -6.07 5.42
N TYR A 46 6.24 -4.94 4.79
CA TYR A 46 5.06 -4.12 5.08
C TYR A 46 3.81 -4.99 4.90
N GLU A 47 3.74 -5.75 3.80
CA GLU A 47 2.66 -6.70 3.53
C GLU A 47 2.50 -7.69 4.68
N SER A 48 3.61 -8.14 5.28
CA SER A 48 3.59 -9.10 6.38
C SER A 48 3.59 -8.46 7.77
N GLY A 49 3.57 -7.13 7.89
CA GLY A 49 3.45 -6.53 9.21
C GLY A 49 4.78 -6.44 9.94
N ARG A 50 5.88 -6.64 9.22
CA ARG A 50 7.23 -6.78 9.74
C ARG A 50 7.84 -5.39 9.87
N ALA A 51 7.91 -4.66 8.76
CA ALA A 51 8.53 -3.34 8.70
C ALA A 51 7.84 -2.40 9.69
N ILE A 52 8.61 -1.51 10.33
CA ILE A 52 8.04 -0.42 11.09
C ILE A 52 7.42 0.56 10.09
N PRO A 53 6.10 0.82 10.16
CA PRO A 53 5.46 1.76 9.27
C PRO A 53 5.86 3.18 9.66
N ASN A 54 6.19 4.03 8.68
CA ASN A 54 6.57 5.42 8.90
C ASN A 54 5.83 6.31 7.90
N ASN A 55 5.23 7.40 8.35
CA ASN A 55 4.53 8.42 7.56
C ASN A 55 5.26 8.73 6.26
N GLN A 56 6.58 8.94 6.33
CA GLN A 56 7.40 9.28 5.16
C GLN A 56 7.15 8.32 4.02
N VAL A 57 7.19 7.02 4.30
CA VAL A 57 7.01 5.93 3.36
C VAL A 57 5.52 5.75 3.10
N LEU A 58 4.67 5.69 4.13
CA LEU A 58 3.21 5.57 3.98
C LEU A 58 2.65 6.61 3.02
N GLY A 59 3.13 7.85 3.05
CA GLY A 59 2.67 8.92 2.16
C GLY A 59 3.07 8.68 0.70
N LYS A 60 4.19 8.00 0.48
CA LYS A 60 4.64 7.56 -0.84
C LYS A 60 3.76 6.41 -1.29
N ILE A 61 3.52 5.42 -0.42
CA ILE A 61 2.67 4.26 -0.72
C ILE A 61 1.26 4.72 -1.10
N GLU A 62 0.70 5.74 -0.43
CA GLU A 62 -0.66 6.15 -0.77
C GLU A 62 -0.73 6.59 -2.23
N ARG A 63 0.25 7.35 -2.72
CA ARG A 63 0.27 7.69 -4.14
C ARG A 63 0.53 6.46 -5.01
N ALA A 64 1.37 5.56 -4.52
CA ALA A 64 1.81 4.35 -5.20
C ALA A 64 0.62 3.49 -5.63
N ILE A 65 -0.47 3.42 -4.85
CA ILE A 65 -1.69 2.68 -5.21
C ILE A 65 -2.88 3.63 -5.44
N GLY A 66 -2.84 4.86 -4.94
CA GLY A 66 -3.92 5.85 -5.03
C GLY A 66 -5.06 5.55 -4.06
N LEU A 67 -4.77 4.94 -2.93
CA LEU A 67 -5.72 4.69 -1.84
C LEU A 67 -5.07 5.10 -0.53
N LYS A 68 -5.87 5.32 0.51
CA LYS A 68 -5.44 5.70 1.85
C LYS A 68 -4.76 4.52 2.52
N LEU A 69 -3.68 4.78 3.27
CA LEU A 69 -2.94 3.80 4.06
C LEU A 69 -3.05 4.15 5.54
N ARG A 70 -3.75 5.25 5.87
CA ARG A 70 -3.91 5.77 7.22
C ARG A 70 -5.37 6.10 7.44
N GLY A 71 -5.86 5.83 8.64
CA GLY A 71 -7.24 6.03 9.05
C GLY A 71 -8.05 4.74 8.90
N LYS A 72 -9.24 4.73 9.47
CA LYS A 72 -10.20 3.64 9.28
C LYS A 72 -10.78 3.64 7.86
N ASP A 73 -10.55 4.71 7.11
CA ASP A 73 -10.86 4.86 5.68
C ASP A 73 -9.76 4.23 4.81
N ILE A 74 -8.89 3.38 5.36
CA ILE A 74 -7.87 2.69 4.57
C ILE A 74 -8.52 1.99 3.37
N GLY A 75 -7.85 2.00 2.22
CA GLY A 75 -8.38 1.42 1.00
C GLY A 75 -9.48 2.26 0.33
N LYS A 76 -10.01 3.32 0.96
CA LYS A 76 -10.75 4.35 0.24
C LYS A 76 -9.71 5.11 -0.57
N PRO A 77 -10.11 5.68 -1.71
CA PRO A 77 -9.19 6.35 -2.61
C PRO A 77 -8.62 7.62 -2.00
N ILE A 78 -7.46 8.05 -2.47
CA ILE A 78 -6.99 9.43 -2.30
C ILE A 78 -7.26 10.15 -3.61
N GLU A 79 -7.30 11.48 -3.56
CA GLU A 79 -7.30 12.39 -4.70
C GLU A 79 -8.26 11.92 -5.81
N LYS A 80 -9.55 12.20 -5.64
CA LYS A 80 -10.63 11.75 -6.52
C LYS A 80 -10.48 12.32 -7.94
N GLY A 81 -9.68 11.67 -8.79
CA GLY A 81 -9.62 11.89 -10.22
C GLY A 81 -10.69 11.05 -10.93
N PRO A 82 -10.46 10.65 -12.19
CA PRO A 82 -11.48 10.07 -13.06
C PRO A 82 -11.97 8.72 -12.53
N ARG A 83 -13.30 8.59 -12.34
CA ARG A 83 -13.99 7.45 -11.74
C ARG A 83 -13.18 6.86 -10.57
N ALA A 84 -12.81 7.71 -9.61
CA ALA A 84 -12.18 7.31 -8.35
C ALA A 84 -13.22 6.62 -7.44
N LYS A 85 -13.67 5.45 -7.88
CA LYS A 85 -14.70 4.62 -7.27
C LYS A 85 -14.22 4.03 -5.95
N SER A 86 -15.14 3.48 -5.15
CA SER A 86 -14.78 2.66 -4.01
C SER A 86 -15.84 1.58 -3.82
N GLY A 87 -17.08 1.97 -3.51
CA GLY A 87 -18.13 1.07 -3.06
C GLY A 87 -18.72 1.68 -1.79
N PRO A 88 -19.81 2.45 -1.88
CA PRO A 88 -20.26 3.31 -0.78
C PRO A 88 -21.04 2.57 0.31
N SER A 89 -21.39 1.31 0.10
CA SER A 89 -22.00 0.48 1.14
C SER A 89 -20.88 -0.14 1.96
N SER A 90 -19.89 -0.77 1.29
CA SER A 90 -19.01 -1.79 1.84
C SER A 90 -19.82 -2.91 2.50
N GLY A 91 -19.15 -3.92 3.06
CA GLY A 91 -19.77 -5.21 3.31
C GLY A 91 -19.74 -5.96 2.00
N GLY A 1 13.38 -12.54 -0.30
CA GLY A 1 13.25 -12.44 -1.76
C GLY A 1 11.78 -12.34 -2.11
N SER A 2 11.22 -13.38 -2.73
CA SER A 2 9.80 -13.71 -2.67
C SER A 2 9.70 -14.91 -1.73
N SER A 3 9.68 -14.65 -0.43
CA SER A 3 9.85 -15.65 0.62
C SER A 3 8.60 -15.60 1.50
N GLY A 4 7.63 -16.49 1.25
CA GLY A 4 6.42 -16.64 2.04
C GLY A 4 5.53 -15.39 2.05
N SER A 5 4.75 -15.19 0.99
CA SER A 5 3.75 -14.14 0.88
C SER A 5 2.52 -14.54 1.69
N SER A 6 2.04 -13.66 2.57
CA SER A 6 0.78 -13.79 3.30
C SER A 6 0.59 -15.18 3.92
N GLY A 7 1.62 -15.65 4.61
CA GLY A 7 1.69 -16.92 5.33
C GLY A 7 0.85 -16.97 6.60
N ASP A 8 -0.24 -16.21 6.66
CA ASP A 8 -1.14 -16.09 7.81
C ASP A 8 -2.50 -15.62 7.31
N ARG A 9 -3.56 -15.88 8.08
CA ARG A 9 -4.94 -15.67 7.64
C ARG A 9 -5.51 -14.31 8.10
N VAL A 10 -4.73 -13.40 8.66
CA VAL A 10 -5.22 -12.12 9.17
C VAL A 10 -4.22 -11.03 8.82
N THR A 11 -4.27 -10.60 7.56
CA THR A 11 -3.44 -9.52 7.07
C THR A 11 -3.77 -8.24 7.85
N LEU A 12 -2.74 -7.52 8.30
CA LEU A 12 -2.87 -6.20 8.90
C LEU A 12 -3.55 -5.27 7.88
N GLU A 13 -4.24 -4.23 8.35
CA GLU A 13 -5.00 -3.33 7.50
C GLU A 13 -4.10 -2.68 6.44
N VAL A 14 -2.89 -2.26 6.84
CA VAL A 14 -1.86 -1.73 5.95
C VAL A 14 -1.51 -2.79 4.89
N GLY A 15 -0.91 -3.91 5.28
CA GLY A 15 -0.47 -4.96 4.35
C GLY A 15 -1.57 -5.44 3.41
N LYS A 16 -2.84 -5.38 3.85
CA LYS A 16 -3.97 -5.72 3.03
C LYS A 16 -4.22 -4.64 1.98
N VAL A 17 -4.40 -3.37 2.37
CA VAL A 17 -4.65 -2.29 1.40
C VAL A 17 -3.51 -2.19 0.40
N ILE A 18 -2.28 -2.37 0.86
CA ILE A 18 -1.10 -2.39 0.03
C ILE A 18 -1.29 -3.47 -1.05
N GLN A 19 -1.47 -4.73 -0.64
CA GLN A 19 -1.51 -5.83 -1.57
C GLN A 19 -2.73 -5.67 -2.50
N GLN A 20 -3.89 -5.24 -1.97
CA GLN A 20 -5.10 -4.96 -2.72
C GLN A 20 -4.87 -3.91 -3.80
N GLY A 21 -4.20 -2.82 -3.47
CA GLY A 21 -3.94 -1.75 -4.40
C GLY A 21 -2.98 -2.19 -5.49
N ARG A 22 -1.91 -2.90 -5.10
CA ARG A 22 -0.99 -3.50 -6.05
C ARG A 22 -1.74 -4.40 -7.02
N GLN A 23 -2.43 -5.41 -6.50
CA GLN A 23 -3.13 -6.40 -7.31
C GLN A 23 -4.18 -5.73 -8.19
N SER A 24 -4.80 -4.64 -7.72
CA SER A 24 -5.79 -3.89 -8.51
C SER A 24 -5.17 -3.15 -9.72
N LYS A 25 -3.84 -3.10 -9.87
CA LYS A 25 -3.18 -2.45 -11.00
C LYS A 25 -2.09 -3.35 -11.60
N GLY A 26 -1.99 -4.61 -11.18
CA GLY A 26 -0.93 -5.51 -11.59
C GLY A 26 0.46 -4.95 -11.26
N LEU A 27 0.59 -4.19 -10.17
CA LEU A 27 1.87 -3.61 -9.76
C LEU A 27 2.60 -4.67 -8.93
N THR A 28 3.78 -5.12 -9.34
CA THR A 28 4.55 -6.07 -8.53
C THR A 28 5.18 -5.34 -7.32
N GLN A 29 5.77 -6.08 -6.38
CA GLN A 29 6.46 -5.47 -5.24
C GLN A 29 7.63 -4.59 -5.71
N LYS A 30 8.37 -4.99 -6.75
CA LYS A 30 9.38 -4.15 -7.39
C LYS A 30 8.77 -2.85 -7.95
N ASP A 31 7.53 -2.85 -8.43
CA ASP A 31 6.89 -1.63 -8.93
C ASP A 31 6.62 -0.70 -7.75
N LEU A 32 6.19 -1.24 -6.61
CA LEU A 32 5.93 -0.44 -5.41
C LEU A 32 7.24 0.17 -4.93
N ALA A 33 8.28 -0.65 -4.84
CA ALA A 33 9.65 -0.29 -4.46
C ALA A 33 10.10 0.91 -5.28
N THR A 34 9.97 0.82 -6.60
CA THR A 34 10.30 1.87 -7.55
C THR A 34 9.43 3.12 -7.31
N LYS A 35 8.12 2.96 -7.14
CA LYS A 35 7.19 4.07 -6.93
C LYS A 35 7.41 4.84 -5.63
N ILE A 36 8.09 4.28 -4.64
CA ILE A 36 8.46 5.00 -3.40
C ILE A 36 9.98 5.21 -3.33
N ASN A 37 10.74 4.71 -4.29
CA ASN A 37 12.20 4.58 -4.25
C ASN A 37 12.71 4.03 -2.92
N GLU A 38 12.47 2.75 -2.69
CA GLU A 38 13.05 1.91 -1.64
C GLU A 38 13.35 0.52 -2.23
N LYS A 39 13.94 -0.40 -1.44
CA LYS A 39 14.22 -1.76 -1.85
C LYS A 39 12.97 -2.65 -1.78
N PRO A 40 12.74 -3.58 -2.72
CA PRO A 40 11.57 -4.45 -2.72
C PRO A 40 11.50 -5.46 -1.57
N GLN A 41 12.55 -5.67 -0.77
CA GLN A 41 12.42 -6.45 0.45
C GLN A 41 11.73 -5.63 1.55
N VAL A 42 11.81 -4.30 1.58
CA VAL A 42 11.01 -3.55 2.56
C VAL A 42 9.54 -3.69 2.18
N ILE A 43 9.23 -3.72 0.88
CA ILE A 43 7.87 -3.84 0.38
C ILE A 43 7.23 -5.15 0.87
N ALA A 44 7.92 -6.28 0.71
CA ALA A 44 7.44 -7.56 1.22
C ALA A 44 7.32 -7.57 2.76
N ASP A 45 8.19 -6.83 3.46
CA ASP A 45 8.11 -6.70 4.91
C ASP A 45 6.95 -5.78 5.31
N TYR A 46 6.54 -4.82 4.47
CA TYR A 46 5.41 -3.92 4.67
C TYR A 46 4.09 -4.69 4.56
N GLU A 47 4.00 -5.66 3.65
CA GLU A 47 2.89 -6.63 3.63
C GLU A 47 2.84 -7.32 4.99
N SER A 48 3.95 -7.93 5.38
CA SER A 48 4.06 -8.77 6.55
C SER A 48 3.88 -8.01 7.87
N GLY A 49 4.05 -6.69 7.86
CA GLY A 49 4.00 -5.86 9.05
C GLY A 49 5.35 -5.61 9.71
N ARG A 50 6.41 -6.32 9.29
CA ARG A 50 7.71 -6.24 9.92
C ARG A 50 8.48 -4.99 9.54
N ALA A 51 8.13 -4.37 8.42
CA ALA A 51 8.62 -3.04 8.13
C ALA A 51 7.77 -2.10 8.95
N ILE A 52 8.37 -1.40 9.91
CA ILE A 52 7.65 -0.61 10.89
C ILE A 52 7.05 0.60 10.15
N PRO A 53 5.72 0.71 10.03
CA PRO A 53 5.11 1.60 9.08
C PRO A 53 5.18 3.05 9.58
N ASN A 54 5.92 3.90 8.87
CA ASN A 54 6.19 5.29 9.27
C ASN A 54 5.47 6.24 8.32
N ASN A 55 4.96 7.36 8.81
CA ASN A 55 4.10 8.27 8.07
C ASN A 55 4.70 8.72 6.73
N GLN A 56 6.00 9.00 6.71
CA GLN A 56 6.74 9.38 5.50
C GLN A 56 6.49 8.35 4.41
N VAL A 57 6.87 7.10 4.68
CA VAL A 57 6.79 6.01 3.71
C VAL A 57 5.33 5.73 3.41
N LEU A 58 4.45 5.65 4.41
CA LEU A 58 3.03 5.44 4.22
C LEU A 58 2.47 6.45 3.20
N GLY A 59 2.85 7.73 3.31
CA GLY A 59 2.47 8.77 2.35
C GLY A 59 2.91 8.46 0.92
N LYS A 60 4.13 7.98 0.73
CA LYS A 60 4.66 7.62 -0.59
C LYS A 60 3.86 6.43 -1.12
N ILE A 61 3.59 5.43 -0.29
CA ILE A 61 2.77 4.27 -0.65
C ILE A 61 1.37 4.73 -1.06
N GLU A 62 0.83 5.81 -0.46
CA GLU A 62 -0.50 6.26 -0.89
C GLU A 62 -0.48 6.59 -2.38
N ARG A 63 0.48 7.37 -2.85
CA ARG A 63 0.61 7.65 -4.29
C ARG A 63 1.01 6.42 -5.10
N ALA A 64 1.62 5.42 -4.45
CA ALA A 64 2.02 4.19 -5.12
C ALA A 64 0.78 3.51 -5.71
N ILE A 65 -0.25 3.25 -4.89
CA ILE A 65 -1.46 2.54 -5.32
C ILE A 65 -2.63 3.49 -5.61
N GLY A 66 -2.57 4.73 -5.12
CA GLY A 66 -3.60 5.74 -5.24
C GLY A 66 -4.70 5.64 -4.20
N LEU A 67 -4.44 4.97 -3.06
CA LEU A 67 -5.39 4.81 -1.95
C LEU A 67 -4.72 5.30 -0.66
N LYS A 68 -5.50 5.58 0.38
CA LYS A 68 -5.03 6.00 1.69
C LYS A 68 -4.40 4.82 2.40
N LEU A 69 -3.28 5.05 3.10
CA LEU A 69 -2.54 4.07 3.90
C LEU A 69 -2.47 4.49 5.37
N ARG A 70 -3.04 5.63 5.75
CA ARG A 70 -3.21 6.03 7.14
C ARG A 70 -4.68 6.35 7.37
N GLY A 71 -5.11 6.23 8.63
CA GLY A 71 -6.46 6.47 9.07
C GLY A 71 -7.37 5.33 8.64
N LYS A 72 -8.53 5.17 9.29
CA LYS A 72 -9.43 4.05 9.01
C LYS A 72 -10.16 4.23 7.67
N ASP A 73 -9.97 5.36 6.98
CA ASP A 73 -10.30 5.49 5.56
C ASP A 73 -9.27 4.73 4.70
N ILE A 74 -8.40 3.89 5.28
CA ILE A 74 -7.46 3.07 4.52
C ILE A 74 -8.19 2.38 3.38
N GLY A 75 -7.59 2.43 2.19
CA GLY A 75 -8.18 1.81 1.01
C GLY A 75 -9.27 2.65 0.34
N LYS A 76 -9.68 3.80 0.91
CA LYS A 76 -10.36 4.84 0.15
C LYS A 76 -9.30 5.51 -0.73
N PRO A 77 -9.69 6.05 -1.88
CA PRO A 77 -8.76 6.68 -2.81
C PRO A 77 -8.26 8.03 -2.27
N ILE A 78 -7.14 8.49 -2.82
CA ILE A 78 -6.60 9.82 -2.54
C ILE A 78 -6.96 10.72 -3.69
N GLU A 79 -7.36 11.97 -3.39
CA GLU A 79 -7.58 13.06 -4.35
C GLU A 79 -8.45 12.69 -5.56
N LYS A 80 -9.27 11.65 -5.41
CA LYS A 80 -10.06 10.88 -6.38
C LYS A 80 -10.37 11.62 -7.69
N GLY A 81 -9.43 11.56 -8.64
CA GLY A 81 -9.44 12.27 -9.90
C GLY A 81 -10.21 11.52 -10.99
N PRO A 82 -10.04 11.88 -12.26
CA PRO A 82 -10.66 11.21 -13.41
C PRO A 82 -10.17 9.75 -13.52
N ARG A 83 -10.95 8.83 -12.96
CA ARG A 83 -10.79 7.39 -13.10
C ARG A 83 -12.20 6.82 -13.23
N ALA A 84 -12.49 6.14 -14.33
CA ALA A 84 -13.79 5.59 -14.69
C ALA A 84 -14.91 6.57 -14.36
N LYS A 85 -15.04 7.61 -15.19
CA LYS A 85 -15.96 8.72 -14.97
C LYS A 85 -16.39 9.35 -16.28
N SER A 86 -15.44 9.63 -17.18
CA SER A 86 -15.66 10.39 -18.41
C SER A 86 -16.44 11.67 -18.14
N GLY A 87 -15.77 12.66 -17.51
CA GLY A 87 -16.28 14.01 -17.28
C GLY A 87 -16.43 14.80 -18.59
N PRO A 88 -16.56 16.14 -18.53
CA PRO A 88 -16.96 16.96 -19.69
C PRO A 88 -16.00 16.88 -20.88
N SER A 89 -14.76 16.44 -20.69
CA SER A 89 -13.99 15.82 -21.75
C SER A 89 -13.30 14.59 -21.16
N SER A 90 -12.31 14.81 -20.28
CA SER A 90 -11.67 13.76 -19.51
C SER A 90 -11.10 14.37 -18.22
N GLY A 91 -10.08 15.21 -18.34
CA GLY A 91 -9.33 15.76 -17.23
C GLY A 91 -7.93 16.09 -17.68
N GLY A 1 16.92 -9.42 6.75
CA GLY A 1 16.84 -10.88 6.66
C GLY A 1 15.87 -11.43 7.68
N SER A 2 15.17 -12.51 7.36
CA SER A 2 14.30 -13.25 8.26
C SER A 2 13.95 -14.60 7.62
N SER A 3 13.37 -15.50 8.42
CA SER A 3 12.65 -16.68 7.94
C SER A 3 11.36 -16.82 8.75
N GLY A 4 11.50 -16.82 10.08
CA GLY A 4 10.44 -17.24 10.98
C GLY A 4 10.20 -18.74 10.86
N SER A 5 9.40 -19.26 11.78
CA SER A 5 8.88 -20.61 11.75
C SER A 5 7.60 -20.62 12.57
N SER A 6 6.47 -20.97 11.95
CA SER A 6 5.12 -20.96 12.53
C SER A 6 4.79 -19.66 13.29
N GLY A 7 3.79 -19.70 14.17
CA GLY A 7 3.28 -18.59 14.95
C GLY A 7 2.22 -17.84 14.15
N ASP A 8 1.07 -17.61 14.77
CA ASP A 8 -0.15 -17.17 14.13
C ASP A 8 -0.02 -15.81 13.42
N ARG A 9 -0.23 -15.74 12.10
CA ARG A 9 -0.16 -14.52 11.30
C ARG A 9 -1.56 -13.94 11.06
N VAL A 10 -1.64 -12.77 10.43
CA VAL A 10 -2.85 -12.01 10.19
C VAL A 10 -2.71 -11.30 8.84
N THR A 11 -3.83 -10.99 8.20
CA THR A 11 -3.84 -10.07 7.07
C THR A 11 -3.92 -8.63 7.59
N LEU A 12 -2.77 -8.14 8.04
CA LEU A 12 -2.56 -6.81 8.58
C LEU A 12 -3.07 -5.81 7.55
N GLU A 13 -3.87 -4.85 8.00
CA GLU A 13 -4.68 -3.94 7.19
C GLU A 13 -3.84 -3.16 6.17
N VAL A 14 -2.72 -2.56 6.59
CA VAL A 14 -1.82 -1.87 5.68
C VAL A 14 -1.34 -2.83 4.60
N GLY A 15 -0.83 -4.01 4.97
CA GLY A 15 -0.45 -5.03 4.01
C GLY A 15 -1.59 -5.46 3.11
N LYS A 16 -2.83 -5.54 3.62
CA LYS A 16 -4.00 -5.88 2.83
C LYS A 16 -4.21 -4.80 1.77
N VAL A 17 -4.34 -3.52 2.15
CA VAL A 17 -4.59 -2.46 1.19
C VAL A 17 -3.42 -2.30 0.23
N ILE A 18 -2.18 -2.53 0.68
CA ILE A 18 -1.02 -2.58 -0.20
C ILE A 18 -1.25 -3.69 -1.23
N GLN A 19 -1.43 -4.94 -0.79
CA GLN A 19 -1.54 -6.08 -1.67
C GLN A 19 -2.70 -5.89 -2.67
N GLN A 20 -3.83 -5.36 -2.20
CA GLN A 20 -5.01 -5.02 -2.98
C GLN A 20 -4.70 -3.95 -4.02
N GLY A 21 -4.19 -2.80 -3.60
CA GLY A 21 -3.93 -1.68 -4.49
C GLY A 21 -2.83 -1.99 -5.50
N ARG A 22 -1.84 -2.81 -5.11
CA ARG A 22 -0.90 -3.42 -6.03
C ARG A 22 -1.67 -4.14 -7.12
N GLN A 23 -2.47 -5.14 -6.75
CA GLN A 23 -3.27 -5.94 -7.65
C GLN A 23 -4.10 -5.07 -8.60
N SER A 24 -4.76 -4.05 -8.07
CA SER A 24 -5.66 -3.18 -8.80
C SER A 24 -4.94 -2.22 -9.77
N LYS A 25 -3.60 -2.19 -9.73
CA LYS A 25 -2.74 -1.55 -10.72
C LYS A 25 -1.78 -2.56 -11.39
N GLY A 26 -1.95 -3.86 -11.12
CA GLY A 26 -1.08 -4.92 -11.61
C GLY A 26 0.37 -4.77 -11.15
N LEU A 27 0.63 -4.00 -10.08
CA LEU A 27 1.98 -3.65 -9.68
C LEU A 27 2.53 -4.77 -8.82
N THR A 28 3.74 -5.21 -9.11
CA THR A 28 4.44 -6.14 -8.26
C THR A 28 4.97 -5.39 -7.03
N GLN A 29 5.58 -6.10 -6.09
CA GLN A 29 6.27 -5.49 -4.95
C GLN A 29 7.51 -4.73 -5.41
N LYS A 30 8.24 -5.25 -6.40
CA LYS A 30 9.39 -4.55 -7.00
C LYS A 30 8.93 -3.26 -7.67
N ASP A 31 7.78 -3.30 -8.34
CA ASP A 31 7.22 -2.13 -8.99
C ASP A 31 6.81 -1.10 -7.94
N LEU A 32 6.18 -1.54 -6.84
CA LEU A 32 5.79 -0.68 -5.72
C LEU A 32 7.02 0.01 -5.15
N ALA A 33 8.08 -0.75 -4.85
CA ALA A 33 9.35 -0.28 -4.33
C ALA A 33 9.85 0.89 -5.18
N THR A 34 9.93 0.71 -6.49
CA THR A 34 10.36 1.74 -7.42
C THR A 34 9.41 2.94 -7.43
N LYS A 35 8.09 2.74 -7.38
CA LYS A 35 7.11 3.83 -7.26
C LYS A 35 7.25 4.64 -5.97
N ILE A 36 8.02 4.20 -4.99
CA ILE A 36 8.29 4.96 -3.76
C ILE A 36 9.79 5.18 -3.53
N ASN A 37 10.59 4.85 -4.55
CA ASN A 37 12.05 4.72 -4.54
C ASN A 37 12.57 4.12 -3.24
N GLU A 38 12.27 2.84 -3.05
CA GLU A 38 12.73 1.96 -1.97
C GLU A 38 13.23 0.66 -2.62
N LYS A 39 13.67 -0.28 -1.79
CA LYS A 39 14.02 -1.63 -2.19
C LYS A 39 12.83 -2.57 -2.02
N PRO A 40 12.74 -3.65 -2.82
CA PRO A 40 11.63 -4.60 -2.78
C PRO A 40 11.58 -5.42 -1.49
N GLN A 41 12.67 -5.46 -0.71
CA GLN A 41 12.69 -6.17 0.55
C GLN A 41 11.76 -5.49 1.55
N VAL A 42 11.90 -4.18 1.75
CA VAL A 42 11.11 -3.50 2.76
C VAL A 42 9.62 -3.58 2.40
N ILE A 43 9.28 -3.69 1.11
CA ILE A 43 7.91 -3.87 0.65
C ILE A 43 7.33 -5.19 1.20
N ALA A 44 8.01 -6.32 1.00
CA ALA A 44 7.52 -7.58 1.55
C ALA A 44 7.33 -7.51 3.07
N ASP A 45 8.27 -6.83 3.74
CA ASP A 45 8.25 -6.69 5.19
C ASP A 45 7.12 -5.77 5.64
N TYR A 46 6.73 -4.76 4.83
CA TYR A 46 5.58 -3.90 5.05
C TYR A 46 4.28 -4.69 5.01
N GLU A 47 4.12 -5.59 4.02
CA GLU A 47 2.93 -6.42 3.88
C GLU A 47 2.70 -7.28 5.13
N SER A 48 3.79 -7.70 5.76
CA SER A 48 3.76 -8.43 7.03
C SER A 48 3.63 -7.54 8.28
N GLY A 49 4.00 -6.27 8.22
CA GLY A 49 4.13 -5.43 9.42
C GLY A 49 5.51 -5.47 10.07
N ARG A 50 6.44 -6.25 9.51
CA ARG A 50 7.77 -6.40 10.07
C ARG A 50 8.55 -5.10 9.92
N ALA A 51 8.52 -4.50 8.73
CA ALA A 51 9.06 -3.16 8.54
C ALA A 51 8.26 -2.23 9.43
N ILE A 52 8.90 -1.33 10.16
CA ILE A 52 8.21 -0.40 11.04
C ILE A 52 7.45 0.58 10.13
N PRO A 53 6.11 0.66 10.23
CA PRO A 53 5.32 1.53 9.37
C PRO A 53 5.54 2.99 9.74
N ASN A 54 6.12 3.74 8.80
CA ASN A 54 6.47 5.15 8.92
C ASN A 54 5.47 5.95 8.09
N ASN A 55 4.73 6.92 8.66
CA ASN A 55 3.72 7.69 7.92
C ASN A 55 4.30 8.39 6.68
N GLN A 56 5.60 8.67 6.68
CA GLN A 56 6.29 9.22 5.52
C GLN A 56 6.19 8.24 4.35
N VAL A 57 6.63 7.00 4.57
CA VAL A 57 6.65 5.95 3.56
C VAL A 57 5.24 5.48 3.24
N LEU A 58 4.36 5.37 4.25
CA LEU A 58 2.92 5.14 4.04
C LEU A 58 2.40 6.16 3.03
N GLY A 59 2.74 7.44 3.17
CA GLY A 59 2.35 8.51 2.26
C GLY A 59 2.83 8.23 0.84
N LYS A 60 4.09 7.83 0.67
CA LYS A 60 4.61 7.44 -0.65
C LYS A 60 3.79 6.29 -1.24
N ILE A 61 3.46 5.29 -0.43
CA ILE A 61 2.65 4.14 -0.83
C ILE A 61 1.23 4.59 -1.18
N GLU A 62 0.66 5.57 -0.49
CA GLU A 62 -0.66 6.05 -0.86
C GLU A 62 -0.61 6.57 -2.30
N ARG A 63 0.37 7.42 -2.60
CA ARG A 63 0.60 7.91 -3.96
C ARG A 63 0.83 6.76 -4.93
N ALA A 64 1.43 5.66 -4.46
CA ALA A 64 1.77 4.52 -5.28
C ALA A 64 0.54 3.78 -5.80
N ILE A 65 -0.37 3.39 -4.90
CA ILE A 65 -1.57 2.64 -5.26
C ILE A 65 -2.74 3.58 -5.59
N GLY A 66 -2.66 4.85 -5.20
CA GLY A 66 -3.69 5.87 -5.33
C GLY A 66 -4.81 5.74 -4.30
N LEU A 67 -4.54 5.18 -3.11
CA LEU A 67 -5.54 5.03 -2.04
C LEU A 67 -4.87 5.25 -0.67
N LYS A 68 -5.65 5.53 0.36
CA LYS A 68 -5.21 5.79 1.74
C LYS A 68 -4.63 4.53 2.36
N LEU A 69 -3.58 4.69 3.16
CA LEU A 69 -2.98 3.62 3.96
C LEU A 69 -3.08 3.96 5.45
N ARG A 70 -3.84 4.99 5.84
CA ARG A 70 -3.97 5.43 7.21
C ARG A 70 -5.41 5.82 7.50
N GLY A 71 -5.78 5.78 8.78
CA GLY A 71 -7.14 5.92 9.24
C GLY A 71 -7.92 4.63 8.97
N LYS A 72 -9.12 4.50 9.55
CA LYS A 72 -10.01 3.37 9.21
C LYS A 72 -10.54 3.53 7.79
N ASP A 73 -10.39 4.72 7.20
CA ASP A 73 -10.61 5.03 5.78
C ASP A 73 -9.61 4.30 4.86
N ILE A 74 -8.79 3.37 5.36
CA ILE A 74 -7.82 2.64 4.54
C ILE A 74 -8.50 2.09 3.28
N GLY A 75 -7.84 2.24 2.13
CA GLY A 75 -8.34 1.76 0.86
C GLY A 75 -9.40 2.67 0.21
N LYS A 76 -9.84 3.74 0.87
CA LYS A 76 -10.54 4.85 0.26
C LYS A 76 -9.50 5.61 -0.58
N PRO A 77 -9.91 6.30 -1.64
CA PRO A 77 -8.99 6.99 -2.54
C PRO A 77 -8.30 8.19 -1.86
N ILE A 78 -7.28 8.73 -2.52
CA ILE A 78 -6.57 9.92 -2.07
C ILE A 78 -6.97 11.09 -2.96
N GLU A 79 -7.62 12.08 -2.34
CA GLU A 79 -8.05 13.31 -2.99
C GLU A 79 -9.04 13.00 -4.13
N LYS A 80 -9.40 14.01 -4.95
CA LYS A 80 -10.27 13.85 -6.11
C LYS A 80 -11.53 13.04 -5.74
N GLY A 81 -12.21 13.48 -4.69
CA GLY A 81 -13.11 12.68 -3.88
C GLY A 81 -13.66 13.56 -2.76
N PRO A 82 -14.31 12.99 -1.75
CA PRO A 82 -15.03 13.75 -0.73
C PRO A 82 -14.03 14.50 0.15
N ARG A 83 -13.87 15.79 -0.11
CA ARG A 83 -12.86 16.62 0.55
C ARG A 83 -13.42 18.03 0.59
N ALA A 84 -13.16 18.74 1.69
CA ALA A 84 -13.60 20.11 1.91
C ALA A 84 -12.41 20.90 2.45
N LYS A 85 -12.22 22.13 1.97
CA LYS A 85 -11.42 23.15 2.64
C LYS A 85 -12.07 24.50 2.37
N SER A 86 -12.60 25.13 3.42
CA SER A 86 -13.24 26.43 3.37
C SER A 86 -12.82 27.28 4.57
N GLY A 87 -11.62 27.06 5.10
CA GLY A 87 -10.96 27.90 6.08
C GLY A 87 -9.45 27.64 6.00
N PRO A 88 -8.62 28.54 6.56
CA PRO A 88 -7.18 28.39 6.53
C PRO A 88 -6.76 27.22 7.42
N SER A 89 -5.65 26.56 7.09
CA SER A 89 -4.89 25.80 8.05
C SER A 89 -4.20 26.80 8.97
N SER A 90 -4.29 26.59 10.28
CA SER A 90 -3.83 27.53 11.28
C SER A 90 -2.33 27.80 11.15
N GLY A 91 -1.89 29.01 11.49
CA GLY A 91 -0.49 29.39 11.47
C GLY A 91 0.06 29.35 10.06
N GLY A 1 14.32 -14.77 1.49
CA GLY A 1 14.70 -15.49 0.27
C GLY A 1 13.53 -16.26 -0.28
N SER A 2 12.85 -15.69 -1.29
CA SER A 2 11.93 -16.37 -2.21
C SER A 2 10.85 -17.27 -1.56
N SER A 3 10.39 -16.93 -0.36
CA SER A 3 9.38 -17.69 0.37
C SER A 3 8.00 -17.41 -0.26
N GLY A 4 7.37 -18.44 -0.80
CA GLY A 4 5.97 -18.41 -1.20
C GLY A 4 5.15 -19.10 -0.11
N SER A 5 5.08 -20.42 -0.20
CA SER A 5 4.40 -21.37 0.66
C SER A 5 2.88 -21.15 0.74
N SER A 6 2.42 -20.04 1.32
CA SER A 6 1.06 -19.81 1.79
C SER A 6 0.59 -20.91 2.76
N GLY A 7 -0.62 -20.77 3.29
CA GLY A 7 -1.25 -21.70 4.22
C GLY A 7 -1.58 -21.01 5.54
N ASP A 8 -2.29 -19.88 5.45
CA ASP A 8 -2.80 -19.13 6.59
C ASP A 8 -3.96 -18.26 6.12
N ARG A 9 -4.61 -17.56 7.05
CA ARG A 9 -5.74 -16.68 6.76
C ARG A 9 -5.65 -15.36 7.53
N VAL A 10 -4.49 -15.03 8.07
CA VAL A 10 -4.28 -13.77 8.78
C VAL A 10 -4.29 -12.62 7.77
N THR A 11 -4.64 -11.40 8.21
CA THR A 11 -4.87 -10.27 7.32
C THR A 11 -4.48 -8.99 8.04
N LEU A 12 -3.25 -8.54 7.85
CA LEU A 12 -2.76 -7.26 8.35
C LEU A 12 -3.49 -6.16 7.59
N GLU A 13 -3.93 -5.14 8.30
CA GLU A 13 -4.76 -4.08 7.73
C GLU A 13 -4.01 -3.35 6.60
N VAL A 14 -2.84 -2.76 6.92
CA VAL A 14 -1.97 -2.04 5.98
C VAL A 14 -1.57 -2.95 4.83
N GLY A 15 -0.96 -4.10 5.13
CA GLY A 15 -0.57 -5.11 4.15
C GLY A 15 -1.70 -5.46 3.20
N LYS A 16 -2.91 -5.70 3.70
CA LYS A 16 -4.06 -6.01 2.86
C LYS A 16 -4.37 -4.85 1.92
N VAL A 17 -4.47 -3.62 2.42
CA VAL A 17 -4.74 -2.46 1.56
C VAL A 17 -3.65 -2.28 0.52
N ILE A 18 -2.38 -2.45 0.92
CA ILE A 18 -1.26 -2.44 -0.01
C ILE A 18 -1.57 -3.48 -1.06
N GLN A 19 -1.58 -4.76 -0.69
CA GLN A 19 -1.62 -5.89 -1.59
C GLN A 19 -2.86 -5.81 -2.50
N GLN A 20 -3.96 -5.22 -2.02
CA GLN A 20 -5.15 -4.90 -2.78
C GLN A 20 -4.84 -3.86 -3.86
N GLY A 21 -4.55 -2.60 -3.49
CA GLY A 21 -4.43 -1.52 -4.47
C GLY A 21 -3.23 -1.72 -5.39
N ARG A 22 -2.20 -2.39 -4.88
CA ARG A 22 -1.06 -2.90 -5.60
C ARG A 22 -1.58 -3.79 -6.73
N GLN A 23 -2.31 -4.88 -6.46
CA GLN A 23 -2.81 -5.77 -7.48
C GLN A 23 -3.87 -5.13 -8.37
N SER A 24 -4.64 -4.16 -7.88
CA SER A 24 -5.57 -3.38 -8.70
C SER A 24 -4.82 -2.60 -9.80
N LYS A 25 -3.51 -2.38 -9.63
CA LYS A 25 -2.63 -1.75 -10.60
C LYS A 25 -1.64 -2.77 -11.19
N GLY A 26 -1.80 -4.06 -10.85
CA GLY A 26 -0.98 -5.17 -11.28
C GLY A 26 0.44 -5.14 -10.74
N LEU A 27 0.74 -4.24 -9.79
CA LEU A 27 2.12 -3.89 -9.47
C LEU A 27 2.76 -5.03 -8.69
N THR A 28 3.94 -5.44 -9.12
CA THR A 28 4.79 -6.30 -8.31
C THR A 28 5.23 -5.53 -7.06
N GLN A 29 5.70 -6.24 -6.04
CA GLN A 29 6.37 -5.64 -4.88
C GLN A 29 7.55 -4.77 -5.35
N LYS A 30 8.25 -5.24 -6.39
CA LYS A 30 9.36 -4.51 -6.97
C LYS A 30 8.92 -3.18 -7.57
N ASP A 31 7.79 -3.17 -8.30
CA ASP A 31 7.31 -1.94 -8.91
C ASP A 31 6.79 -0.99 -7.85
N LEU A 32 6.18 -1.48 -6.78
CA LEU A 32 5.77 -0.66 -5.64
C LEU A 32 7.01 0.01 -5.02
N ALA A 33 8.08 -0.77 -4.83
CA ALA A 33 9.33 -0.32 -4.24
C ALA A 33 9.87 0.84 -5.04
N THR A 34 10.03 0.66 -6.34
CA THR A 34 10.53 1.70 -7.21
C THR A 34 9.55 2.86 -7.34
N LYS A 35 8.24 2.64 -7.26
CA LYS A 35 7.25 3.71 -7.22
C LYS A 35 7.60 4.70 -6.11
N ILE A 36 7.82 4.21 -4.90
CA ILE A 36 8.16 5.04 -3.75
C ILE A 36 9.68 5.29 -3.64
N ASN A 37 10.46 4.77 -4.59
CA ASN A 37 11.91 4.66 -4.64
C ASN A 37 12.49 4.18 -3.31
N GLU A 38 12.31 2.88 -3.05
CA GLU A 38 12.78 2.11 -1.90
C GLU A 38 13.27 0.73 -2.36
N LYS A 39 13.86 -0.05 -1.44
CA LYS A 39 14.24 -1.44 -1.71
C LYS A 39 13.03 -2.36 -1.58
N PRO A 40 12.91 -3.40 -2.40
CA PRO A 40 11.72 -4.23 -2.44
C PRO A 40 11.61 -5.25 -1.31
N GLN A 41 12.69 -5.56 -0.57
CA GLN A 41 12.56 -6.43 0.60
C GLN A 41 11.77 -5.71 1.71
N VAL A 42 11.90 -4.38 1.87
CA VAL A 42 11.12 -3.68 2.89
C VAL A 42 9.65 -3.60 2.48
N ILE A 43 9.36 -3.61 1.17
CA ILE A 43 8.00 -3.70 0.66
C ILE A 43 7.40 -5.05 1.05
N ALA A 44 8.11 -6.15 0.79
CA ALA A 44 7.63 -7.47 1.18
C ALA A 44 7.39 -7.53 2.70
N ASP A 45 8.24 -6.85 3.46
CA ASP A 45 8.11 -6.76 4.91
C ASP A 45 6.95 -5.86 5.34
N TYR A 46 6.60 -4.82 4.57
CA TYR A 46 5.40 -4.02 4.78
C TYR A 46 4.16 -4.92 4.74
N GLU A 47 4.04 -5.76 3.69
CA GLU A 47 2.91 -6.69 3.59
C GLU A 47 3.00 -7.77 4.67
N SER A 48 4.19 -8.15 5.13
CA SER A 48 4.34 -9.12 6.22
C SER A 48 3.91 -8.53 7.57
N GLY A 49 4.19 -7.25 7.80
CA GLY A 49 3.91 -6.54 9.06
C GLY A 49 5.17 -6.12 9.81
N ARG A 50 6.33 -6.25 9.18
CA ARG A 50 7.63 -6.23 9.83
C ARG A 50 8.30 -4.88 9.66
N ALA A 51 8.22 -4.31 8.45
CA ALA A 51 8.72 -2.98 8.18
C ALA A 51 7.88 -2.02 9.02
N ILE A 52 8.53 -1.12 9.76
CA ILE A 52 7.82 -0.19 10.63
C ILE A 52 7.06 0.77 9.72
N PRO A 53 5.74 0.92 9.87
CA PRO A 53 5.01 1.74 8.95
C PRO A 53 5.30 3.20 9.33
N ASN A 54 6.01 3.91 8.47
CA ASN A 54 6.47 5.26 8.76
C ASN A 54 5.60 6.20 7.95
N ASN A 55 5.04 7.24 8.57
CA ASN A 55 4.16 8.20 7.92
C ASN A 55 4.74 8.77 6.61
N GLN A 56 6.06 8.93 6.46
CA GLN A 56 6.60 9.31 5.15
C GLN A 56 6.37 8.21 4.12
N VAL A 57 6.89 7.02 4.37
CA VAL A 57 6.83 5.89 3.46
C VAL A 57 5.37 5.52 3.18
N LEU A 58 4.51 5.42 4.20
CA LEU A 58 3.06 5.30 4.06
C LEU A 58 2.55 6.34 3.08
N GLY A 59 2.92 7.62 3.26
CA GLY A 59 2.55 8.70 2.38
C GLY A 59 2.94 8.42 0.92
N LYS A 60 4.14 7.89 0.68
CA LYS A 60 4.59 7.55 -0.65
C LYS A 60 3.74 6.39 -1.20
N ILE A 61 3.48 5.37 -0.39
CA ILE A 61 2.67 4.21 -0.76
C ILE A 61 1.25 4.66 -1.12
N GLU A 62 0.69 5.66 -0.45
CA GLU A 62 -0.65 6.13 -0.78
C GLU A 62 -0.67 6.58 -2.23
N ARG A 63 0.30 7.39 -2.68
CA ARG A 63 0.37 7.79 -4.08
C ARG A 63 0.74 6.63 -5.01
N ALA A 64 1.46 5.64 -4.50
CA ALA A 64 1.83 4.45 -5.25
C ALA A 64 0.60 3.69 -5.77
N ILE A 65 -0.46 3.59 -4.96
CA ILE A 65 -1.66 2.81 -5.31
C ILE A 65 -2.92 3.66 -5.44
N GLY A 66 -2.92 4.89 -4.93
CA GLY A 66 -4.05 5.79 -4.90
C GLY A 66 -5.11 5.39 -3.88
N LEU A 67 -4.70 4.75 -2.77
CA LEU A 67 -5.58 4.51 -1.62
C LEU A 67 -4.95 5.09 -0.36
N LYS A 68 -5.73 5.24 0.70
CA LYS A 68 -5.32 5.70 2.02
C LYS A 68 -4.65 4.55 2.74
N LEU A 69 -3.58 4.83 3.48
CA LEU A 69 -2.81 3.84 4.23
C LEU A 69 -2.83 4.20 5.72
N ARG A 70 -3.64 5.20 6.11
CA ARG A 70 -3.87 5.67 7.46
C ARG A 70 -5.35 6.02 7.61
N GLY A 71 -5.77 6.24 8.86
CA GLY A 71 -7.15 6.23 9.28
C GLY A 71 -7.70 4.81 9.21
N LYS A 72 -8.77 4.51 9.96
CA LYS A 72 -9.55 3.30 9.71
C LYS A 72 -10.22 3.34 8.34
N ASP A 73 -10.28 4.52 7.71
CA ASP A 73 -10.66 4.76 6.32
C ASP A 73 -9.64 4.18 5.33
N ILE A 74 -8.69 3.37 5.78
CA ILE A 74 -7.69 2.72 4.96
C ILE A 74 -8.36 2.00 3.78
N GLY A 75 -7.70 2.00 2.63
CA GLY A 75 -8.20 1.35 1.43
C GLY A 75 -9.36 2.10 0.80
N LYS A 76 -9.86 3.18 1.39
CA LYS A 76 -10.61 4.19 0.66
C LYS A 76 -9.59 4.89 -0.23
N PRO A 77 -10.01 5.40 -1.38
CA PRO A 77 -9.12 6.03 -2.33
C PRO A 77 -8.59 7.36 -1.78
N ILE A 78 -7.45 7.80 -2.33
CA ILE A 78 -7.03 9.19 -2.29
C ILE A 78 -7.37 9.77 -3.67
N GLU A 79 -7.67 11.06 -3.70
CA GLU A 79 -7.82 11.89 -4.90
C GLU A 79 -9.00 11.43 -5.78
N LYS A 80 -8.85 10.36 -6.56
CA LYS A 80 -9.89 9.80 -7.40
C LYS A 80 -11.03 9.28 -6.52
N GLY A 81 -12.05 10.10 -6.27
CA GLY A 81 -13.08 9.79 -5.30
C GLY A 81 -13.76 8.46 -5.59
N PRO A 82 -14.27 7.79 -4.54
CA PRO A 82 -14.69 6.40 -4.63
C PRO A 82 -15.82 6.29 -5.64
N ARG A 83 -15.66 5.41 -6.64
CA ARG A 83 -16.70 5.13 -7.63
C ARG A 83 -17.21 6.42 -8.29
N ALA A 84 -16.33 7.42 -8.48
CA ALA A 84 -16.56 8.59 -9.32
C ALA A 84 -17.02 8.09 -10.70
N LYS A 85 -18.27 8.37 -11.09
CA LYS A 85 -18.96 7.51 -12.05
C LYS A 85 -18.46 7.65 -13.48
N SER A 86 -18.10 8.87 -13.90
CA SER A 86 -17.72 9.16 -15.28
C SER A 86 -16.37 8.54 -15.65
N GLY A 87 -15.99 8.71 -16.93
CA GLY A 87 -14.69 8.39 -17.50
C GLY A 87 -14.06 7.10 -16.97
N PRO A 88 -14.71 5.94 -17.09
CA PRO A 88 -14.17 4.69 -16.56
C PRO A 88 -12.92 4.21 -17.29
N SER A 89 -12.66 4.72 -18.50
CA SER A 89 -11.50 4.42 -19.35
C SER A 89 -11.08 2.95 -19.25
N SER A 90 -11.78 2.07 -19.96
CA SER A 90 -11.17 0.81 -20.37
C SER A 90 -9.94 1.13 -21.23
N GLY A 91 -8.99 0.21 -21.26
CA GLY A 91 -7.66 0.46 -21.75
C GLY A 91 -7.00 -0.86 -22.08
N GLY A 1 0.85 -12.73 -17.61
CA GLY A 1 -0.31 -12.74 -18.51
C GLY A 1 -1.55 -13.25 -17.80
N SER A 2 -2.72 -12.84 -18.28
CA SER A 2 -4.03 -13.09 -17.67
C SER A 2 -4.12 -12.55 -16.24
N SER A 3 -5.21 -12.89 -15.56
CA SER A 3 -5.54 -12.50 -14.20
C SER A 3 -6.36 -13.62 -13.55
N GLY A 4 -6.94 -13.38 -12.37
CA GLY A 4 -7.89 -14.28 -11.75
C GLY A 4 -7.19 -15.13 -10.72
N SER A 5 -6.97 -14.56 -9.54
CA SER A 5 -6.59 -15.24 -8.32
C SER A 5 -6.91 -14.26 -7.19
N SER A 6 -8.17 -14.26 -6.75
CA SER A 6 -8.70 -13.33 -5.76
C SER A 6 -7.92 -13.41 -4.45
N GLY A 7 -7.58 -14.63 -4.03
CA GLY A 7 -6.89 -14.89 -2.76
C GLY A 7 -7.86 -14.86 -1.60
N ASP A 8 -7.38 -15.25 -0.43
CA ASP A 8 -8.09 -15.15 0.83
C ASP A 8 -7.09 -15.39 1.96
N ARG A 9 -6.77 -14.36 2.76
CA ARG A 9 -5.88 -14.44 3.92
C ARG A 9 -6.22 -13.40 4.98
N VAL A 10 -5.80 -13.63 6.22
CA VAL A 10 -5.57 -12.58 7.20
C VAL A 10 -4.22 -11.90 6.93
N THR A 11 -4.12 -10.61 7.28
CA THR A 11 -2.92 -9.80 7.37
C THR A 11 -3.31 -8.46 8.00
N LEU A 12 -2.31 -7.64 8.31
CA LEU A 12 -2.44 -6.28 8.79
C LEU A 12 -3.24 -5.44 7.78
N GLU A 13 -3.92 -4.41 8.25
CA GLU A 13 -4.74 -3.55 7.40
C GLU A 13 -3.90 -2.91 6.29
N VAL A 14 -2.71 -2.41 6.64
CA VAL A 14 -1.77 -1.81 5.70
C VAL A 14 -1.41 -2.84 4.61
N GLY A 15 -0.91 -4.02 5.00
CA GLY A 15 -0.55 -5.08 4.08
C GLY A 15 -1.71 -5.49 3.18
N LYS A 16 -2.94 -5.56 3.71
CA LYS A 16 -4.11 -5.88 2.91
C LYS A 16 -4.28 -4.83 1.81
N VAL A 17 -4.41 -3.55 2.16
CA VAL A 17 -4.64 -2.50 1.16
C VAL A 17 -3.47 -2.44 0.19
N ILE A 18 -2.24 -2.75 0.61
CA ILE A 18 -1.10 -2.77 -0.29
C ILE A 18 -1.29 -3.89 -1.31
N GLN A 19 -1.47 -5.13 -0.84
CA GLN A 19 -1.65 -6.31 -1.67
C GLN A 19 -2.76 -6.08 -2.70
N GLN A 20 -3.91 -5.58 -2.22
CA GLN A 20 -5.09 -5.29 -2.99
C GLN A 20 -4.87 -4.13 -3.96
N GLY A 21 -4.39 -2.99 -3.47
CA GLY A 21 -4.23 -1.77 -4.25
C GLY A 21 -3.23 -1.95 -5.38
N ARG A 22 -2.19 -2.76 -5.14
CA ARG A 22 -1.28 -3.22 -6.19
C ARG A 22 -2.01 -4.10 -7.20
N GLN A 23 -2.73 -5.12 -6.75
CA GLN A 23 -3.53 -6.00 -7.60
C GLN A 23 -4.47 -5.19 -8.50
N SER A 24 -5.01 -4.12 -7.96
CA SER A 24 -5.95 -3.19 -8.59
C SER A 24 -5.27 -2.28 -9.63
N LYS A 25 -3.94 -2.39 -9.79
CA LYS A 25 -3.09 -1.61 -10.69
C LYS A 25 -2.07 -2.52 -11.40
N GLY A 26 -2.14 -3.85 -11.25
CA GLY A 26 -1.24 -4.81 -11.87
C GLY A 26 0.21 -4.74 -11.39
N LEU A 27 0.48 -4.18 -10.21
CA LEU A 27 1.85 -3.87 -9.77
C LEU A 27 2.43 -5.02 -8.93
N THR A 28 3.67 -5.40 -9.19
CA THR A 28 4.43 -6.23 -8.25
C THR A 28 4.89 -5.36 -7.07
N GLN A 29 5.43 -6.00 -6.02
CA GLN A 29 6.15 -5.29 -4.97
C GLN A 29 7.42 -4.61 -5.52
N LYS A 30 8.03 -5.16 -6.57
CA LYS A 30 9.23 -4.59 -7.20
C LYS A 30 8.89 -3.31 -7.95
N ASP A 31 7.71 -3.25 -8.57
CA ASP A 31 7.21 -2.02 -9.16
C ASP A 31 6.92 -1.02 -8.06
N LEU A 32 6.41 -1.46 -6.92
CA LEU A 32 6.01 -0.57 -5.84
C LEU A 32 7.21 0.12 -5.22
N ALA A 33 8.24 -0.66 -4.90
CA ALA A 33 9.55 -0.20 -4.45
C ALA A 33 10.04 0.91 -5.39
N THR A 34 9.97 0.65 -6.69
CA THR A 34 10.31 1.62 -7.71
C THR A 34 9.41 2.87 -7.63
N LYS A 35 8.08 2.70 -7.55
CA LYS A 35 7.07 3.75 -7.47
C LYS A 35 7.22 4.69 -6.26
N ILE A 36 8.08 4.37 -5.30
CA ILE A 36 8.36 5.22 -4.14
C ILE A 36 9.85 5.45 -3.94
N ASN A 37 10.70 4.88 -4.80
CA ASN A 37 12.14 4.69 -4.62
C ASN A 37 12.48 4.23 -3.20
N GLU A 38 12.23 2.95 -2.95
CA GLU A 38 12.64 2.17 -1.81
C GLU A 38 13.09 0.81 -2.32
N LYS A 39 13.50 -0.09 -1.43
CA LYS A 39 13.88 -1.46 -1.79
C LYS A 39 12.63 -2.35 -1.76
N PRO A 40 12.51 -3.29 -2.70
CA PRO A 40 11.47 -4.31 -2.64
C PRO A 40 11.64 -5.23 -1.45
N GLN A 41 12.84 -5.27 -0.86
CA GLN A 41 13.11 -5.94 0.39
C GLN A 41 12.29 -5.32 1.53
N VAL A 42 12.33 -4.00 1.72
CA VAL A 42 11.57 -3.39 2.81
C VAL A 42 10.07 -3.45 2.51
N ILE A 43 9.66 -3.33 1.24
CA ILE A 43 8.26 -3.51 0.86
C ILE A 43 7.76 -4.90 1.30
N ALA A 44 8.53 -5.94 1.00
CA ALA A 44 8.16 -7.28 1.41
C ALA A 44 8.15 -7.48 2.92
N ASP A 45 8.86 -6.64 3.67
CA ASP A 45 8.72 -6.56 5.12
C ASP A 45 7.37 -5.92 5.49
N TYR A 46 7.04 -4.73 4.98
CA TYR A 46 5.78 -4.04 5.20
C TYR A 46 4.58 -5.00 5.10
N GLU A 47 4.44 -5.81 4.04
CA GLU A 47 3.23 -6.60 3.80
C GLU A 47 3.01 -7.70 4.83
N SER A 48 4.11 -8.20 5.36
CA SER A 48 4.12 -9.04 6.56
C SER A 48 3.74 -8.23 7.80
N GLY A 49 4.19 -6.97 7.88
CA GLY A 49 3.94 -6.12 9.03
C GLY A 49 5.02 -6.26 10.07
N ARG A 50 6.25 -6.60 9.65
CA ARG A 50 7.35 -6.87 10.56
C ARG A 50 7.93 -5.56 11.07
N ALA A 51 8.24 -4.65 10.15
CA ALA A 51 8.63 -3.28 10.37
C ALA A 51 7.44 -2.46 10.86
N ILE A 52 7.71 -1.25 11.35
CA ILE A 52 6.68 -0.28 11.74
C ILE A 52 6.36 0.55 10.50
N PRO A 53 5.09 0.69 10.09
CA PRO A 53 4.77 1.47 8.91
C PRO A 53 4.95 2.96 9.25
N ASN A 54 5.91 3.63 8.59
CA ASN A 54 6.34 4.98 8.95
C ASN A 54 5.70 6.02 8.03
N ASN A 55 5.20 7.13 8.59
CA ASN A 55 4.38 8.12 7.86
C ASN A 55 5.01 8.61 6.57
N GLN A 56 6.35 8.77 6.54
CA GLN A 56 7.09 9.24 5.38
C GLN A 56 6.83 8.30 4.20
N VAL A 57 7.25 7.05 4.33
CA VAL A 57 7.13 5.99 3.34
C VAL A 57 5.66 5.69 3.07
N LEU A 58 4.82 5.66 4.12
CA LEU A 58 3.37 5.47 4.00
C LEU A 58 2.80 6.44 2.97
N GLY A 59 3.07 7.74 3.08
CA GLY A 59 2.53 8.73 2.15
C GLY A 59 2.99 8.49 0.71
N LYS A 60 4.20 7.96 0.53
CA LYS A 60 4.68 7.57 -0.80
C LYS A 60 3.86 6.39 -1.34
N ILE A 61 3.60 5.39 -0.49
CA ILE A 61 2.78 4.22 -0.82
C ILE A 61 1.35 4.66 -1.13
N GLU A 62 0.80 5.65 -0.43
CA GLU A 62 -0.54 6.15 -0.76
C GLU A 62 -0.56 6.59 -2.23
N ARG A 63 0.40 7.43 -2.66
CA ARG A 63 0.53 7.84 -4.07
C ARG A 63 0.88 6.70 -5.02
N ALA A 64 1.40 5.60 -4.49
CA ALA A 64 1.73 4.43 -5.27
C ALA A 64 0.46 3.73 -5.79
N ILE A 65 -0.57 3.55 -4.96
CA ILE A 65 -1.78 2.81 -5.31
C ILE A 65 -3.05 3.67 -5.37
N GLY A 66 -2.95 4.91 -4.91
CA GLY A 66 -3.99 5.93 -4.86
C GLY A 66 -5.05 5.66 -3.81
N LEU A 67 -4.75 4.89 -2.78
CA LEU A 67 -5.63 4.69 -1.64
C LEU A 67 -4.90 5.12 -0.37
N LYS A 68 -5.65 5.36 0.70
CA LYS A 68 -5.14 5.71 2.02
C LYS A 68 -4.56 4.48 2.66
N LEU A 69 -3.44 4.65 3.35
CA LEU A 69 -2.74 3.61 4.10
C LEU A 69 -2.66 3.97 5.58
N ARG A 70 -3.34 5.01 6.04
CA ARG A 70 -3.39 5.37 7.46
C ARG A 70 -4.86 5.59 7.86
N GLY A 71 -5.09 5.65 9.16
CA GLY A 71 -6.40 5.88 9.74
C GLY A 71 -7.25 4.62 9.68
N LYS A 72 -8.45 4.71 10.25
CA LYS A 72 -9.48 3.68 10.13
C LYS A 72 -10.27 3.83 8.82
N ASP A 73 -9.79 4.66 7.89
CA ASP A 73 -10.40 4.88 6.57
C ASP A 73 -9.60 4.14 5.49
N ILE A 74 -8.75 3.18 5.87
CA ILE A 74 -7.77 2.59 4.96
C ILE A 74 -8.46 2.05 3.70
N GLY A 75 -7.83 2.17 2.54
CA GLY A 75 -8.37 1.73 1.26
C GLY A 75 -9.41 2.69 0.66
N LYS A 76 -9.81 3.78 1.35
CA LYS A 76 -10.50 4.87 0.70
C LYS A 76 -9.49 5.63 -0.17
N PRO A 77 -9.93 6.22 -1.28
CA PRO A 77 -9.05 6.81 -2.27
C PRO A 77 -8.50 8.16 -1.85
N ILE A 78 -7.31 8.48 -2.35
CA ILE A 78 -6.65 9.76 -2.15
C ILE A 78 -6.86 10.59 -3.41
N GLU A 79 -7.37 11.81 -3.28
CA GLU A 79 -7.56 12.79 -4.37
C GLU A 79 -8.10 12.17 -5.67
N LYS A 80 -9.25 11.48 -5.57
CA LYS A 80 -9.91 10.72 -6.64
C LYS A 80 -9.03 9.61 -7.20
N GLY A 81 -8.35 8.91 -6.30
CA GLY A 81 -7.91 7.55 -6.48
C GLY A 81 -9.07 6.61 -6.78
N PRO A 82 -8.78 5.32 -7.05
CA PRO A 82 -9.76 4.39 -7.55
C PRO A 82 -10.81 3.97 -6.52
N ARG A 83 -12.00 3.58 -7.00
CA ARG A 83 -12.99 2.92 -6.17
C ARG A 83 -12.54 1.50 -5.80
N ALA A 84 -13.34 0.83 -4.98
CA ALA A 84 -13.12 -0.54 -4.50
C ALA A 84 -14.48 -1.23 -4.37
N LYS A 85 -14.46 -2.56 -4.28
CA LYS A 85 -15.62 -3.47 -4.16
C LYS A 85 -16.42 -3.58 -5.46
N SER A 86 -16.55 -2.49 -6.22
CA SER A 86 -16.92 -2.49 -7.63
C SER A 86 -15.85 -3.17 -8.49
N GLY A 87 -16.03 -3.21 -9.81
CA GLY A 87 -15.08 -3.76 -10.75
C GLY A 87 -15.53 -5.14 -11.21
N PRO A 88 -16.14 -5.29 -12.40
CA PRO A 88 -16.58 -6.59 -12.89
C PRO A 88 -15.37 -7.50 -13.17
N SER A 89 -15.60 -8.79 -13.39
CA SER A 89 -14.59 -9.83 -13.28
C SER A 89 -14.70 -10.73 -14.52
N SER A 90 -13.67 -10.71 -15.36
CA SER A 90 -13.56 -11.55 -16.55
C SER A 90 -13.32 -12.99 -16.10
N GLY A 91 -13.90 -13.96 -16.79
CA GLY A 91 -13.70 -15.38 -16.54
C GLY A 91 -15.06 -16.02 -16.38
N GLY A 1 2.58 -14.61 -17.75
CA GLY A 1 2.19 -13.20 -17.62
C GLY A 1 0.75 -13.14 -17.15
N SER A 2 0.47 -12.35 -16.10
CA SER A 2 -0.85 -12.23 -15.50
C SER A 2 -1.42 -13.60 -15.13
N SER A 3 -0.91 -14.19 -14.04
CA SER A 3 -1.51 -15.37 -13.46
C SER A 3 -2.88 -15.00 -12.88
N GLY A 4 -3.83 -15.92 -12.95
CA GLY A 4 -5.13 -15.80 -12.33
C GLY A 4 -5.07 -16.44 -10.95
N SER A 5 -4.44 -15.76 -9.99
CA SER A 5 -4.48 -16.11 -8.57
C SER A 5 -3.82 -14.99 -7.76
N SER A 6 -4.15 -14.93 -6.48
CA SER A 6 -3.56 -14.02 -5.52
C SER A 6 -3.52 -14.61 -4.08
N GLY A 7 -4.08 -15.79 -3.87
CA GLY A 7 -4.14 -16.46 -2.59
C GLY A 7 -5.46 -16.15 -1.92
N ASP A 8 -5.45 -15.31 -0.89
CA ASP A 8 -6.60 -15.00 -0.06
C ASP A 8 -6.43 -13.59 0.52
N ARG A 9 -7.35 -13.12 1.37
CA ARG A 9 -7.04 -11.99 2.26
C ARG A 9 -5.81 -12.32 3.11
N VAL A 10 -5.21 -11.29 3.71
CA VAL A 10 -3.99 -11.39 4.50
C VAL A 10 -4.16 -10.62 5.81
N THR A 11 -3.14 -10.63 6.65
CA THR A 11 -3.09 -9.88 7.89
C THR A 11 -2.91 -8.39 7.65
N LEU A 12 -3.27 -7.62 8.70
CA LEU A 12 -3.22 -6.18 8.83
C LEU A 12 -4.10 -5.45 7.82
N GLU A 13 -4.54 -4.24 8.15
CA GLU A 13 -5.24 -3.38 7.21
C GLU A 13 -4.22 -2.92 6.16
N VAL A 14 -3.06 -2.43 6.60
CA VAL A 14 -1.97 -1.93 5.76
C VAL A 14 -1.54 -3.01 4.78
N GLY A 15 -0.99 -4.13 5.25
CA GLY A 15 -0.54 -5.23 4.39
C GLY A 15 -1.59 -5.65 3.36
N LYS A 16 -2.86 -5.75 3.75
CA LYS A 16 -3.91 -6.09 2.80
C LYS A 16 -4.16 -4.99 1.78
N VAL A 17 -4.38 -3.74 2.19
CA VAL A 17 -4.60 -2.65 1.25
C VAL A 17 -3.40 -2.49 0.33
N ILE A 18 -2.19 -2.79 0.80
CA ILE A 18 -1.00 -2.78 -0.01
C ILE A 18 -1.15 -3.79 -1.14
N GLN A 19 -1.38 -5.07 -0.79
CA GLN A 19 -1.49 -6.14 -1.76
C GLN A 19 -2.67 -5.86 -2.72
N GLN A 20 -3.83 -5.49 -2.19
CA GLN A 20 -5.02 -5.17 -2.95
C GLN A 20 -4.76 -4.00 -3.90
N GLY A 21 -4.19 -2.90 -3.42
CA GLY A 21 -3.97 -1.72 -4.26
C GLY A 21 -2.91 -1.97 -5.32
N ARG A 22 -1.91 -2.80 -5.04
CA ARG A 22 -1.01 -3.30 -6.06
C ARG A 22 -1.78 -4.07 -7.13
N GLN A 23 -2.45 -5.15 -6.73
CA GLN A 23 -3.15 -6.06 -7.64
C GLN A 23 -4.30 -5.37 -8.38
N SER A 24 -4.83 -4.29 -7.83
CA SER A 24 -5.81 -3.39 -8.46
C SER A 24 -5.23 -2.76 -9.73
N LYS A 25 -3.91 -2.79 -9.89
CA LYS A 25 -3.17 -2.21 -11.00
C LYS A 25 -2.26 -3.26 -11.66
N GLY A 26 -2.29 -4.51 -11.19
CA GLY A 26 -1.43 -5.61 -11.61
C GLY A 26 0.01 -5.45 -11.13
N LEU A 27 0.35 -4.39 -10.40
CA LEU A 27 1.72 -3.96 -10.19
C LEU A 27 2.41 -4.83 -9.14
N THR A 28 3.70 -5.06 -9.34
CA THR A 28 4.49 -5.97 -8.51
C THR A 28 4.98 -5.25 -7.25
N GLN A 29 5.62 -5.97 -6.34
CA GLN A 29 6.30 -5.39 -5.18
C GLN A 29 7.54 -4.61 -5.64
N LYS A 30 8.26 -5.12 -6.64
CA LYS A 30 9.34 -4.42 -7.30
C LYS A 30 8.86 -3.11 -7.91
N ASP A 31 7.69 -3.08 -8.56
CA ASP A 31 7.11 -1.87 -9.14
C ASP A 31 6.82 -0.87 -8.03
N LEU A 32 6.26 -1.33 -6.91
CA LEU A 32 5.92 -0.50 -5.76
C LEU A 32 7.18 0.13 -5.18
N ALA A 33 8.22 -0.67 -4.96
CA ALA A 33 9.50 -0.22 -4.44
C ALA A 33 10.05 0.91 -5.31
N THR A 34 9.96 0.71 -6.62
CA THR A 34 10.38 1.68 -7.63
C THR A 34 9.54 2.96 -7.51
N LYS A 35 8.20 2.87 -7.43
CA LYS A 35 7.30 4.01 -7.24
C LYS A 35 7.64 4.85 -6.01
N ILE A 36 8.26 4.28 -4.98
CA ILE A 36 8.60 4.99 -3.75
C ILE A 36 10.12 5.15 -3.58
N ASN A 37 10.89 4.84 -4.64
CA ASN A 37 12.35 4.86 -4.70
C ASN A 37 12.98 4.20 -3.46
N GLU A 38 12.50 3.01 -3.10
CA GLU A 38 12.94 2.25 -1.94
C GLU A 38 13.21 0.79 -2.37
N LYS A 39 13.46 -0.12 -1.41
CA LYS A 39 13.75 -1.53 -1.68
C LYS A 39 12.45 -2.33 -1.66
N PRO A 40 12.28 -3.33 -2.54
CA PRO A 40 11.17 -4.28 -2.44
C PRO A 40 11.31 -5.21 -1.24
N GLN A 41 12.46 -5.18 -0.56
CA GLN A 41 12.66 -5.71 0.77
C GLN A 41 11.57 -5.14 1.70
N VAL A 42 11.54 -3.81 1.88
CA VAL A 42 10.59 -3.24 2.83
C VAL A 42 9.17 -3.45 2.37
N ILE A 43 8.90 -3.53 1.06
CA ILE A 43 7.56 -3.77 0.55
C ILE A 43 7.06 -5.14 1.01
N ALA A 44 7.91 -6.16 0.91
CA ALA A 44 7.60 -7.47 1.47
C ALA A 44 7.43 -7.38 3.01
N ASP A 45 8.27 -6.59 3.68
CA ASP A 45 8.22 -6.40 5.13
C ASP A 45 6.89 -5.74 5.54
N TYR A 46 6.42 -4.76 4.77
CA TYR A 46 5.15 -4.07 4.94
C TYR A 46 4.01 -5.08 4.77
N GLU A 47 4.07 -5.94 3.75
CA GLU A 47 3.11 -6.99 3.50
C GLU A 47 3.00 -8.01 4.65
N SER A 48 4.10 -8.24 5.37
CA SER A 48 4.11 -9.15 6.52
C SER A 48 3.79 -8.47 7.84
N GLY A 49 3.92 -7.15 7.96
CA GLY A 49 3.77 -6.47 9.24
C GLY A 49 5.08 -6.50 10.04
N ARG A 50 6.19 -6.27 9.36
CA ARG A 50 7.54 -6.33 9.93
C ARG A 50 8.14 -4.92 9.92
N ALA A 51 8.06 -4.22 8.78
CA ALA A 51 8.59 -2.87 8.63
C ALA A 51 8.00 -1.96 9.71
N ILE A 52 8.74 -0.94 10.14
CA ILE A 52 8.17 0.14 10.95
C ILE A 52 7.23 0.91 10.03
N PRO A 53 5.92 0.96 10.30
CA PRO A 53 5.02 1.82 9.56
C PRO A 53 5.36 3.25 9.95
N ASN A 54 5.85 4.03 8.98
CA ASN A 54 6.37 5.36 9.20
C ASN A 54 5.66 6.29 8.24
N ASN A 55 5.02 7.35 8.77
CA ASN A 55 4.18 8.30 8.02
C ASN A 55 4.88 8.88 6.78
N GLN A 56 6.21 8.99 6.84
CA GLN A 56 7.08 9.39 5.74
C GLN A 56 6.92 8.45 4.53
N VAL A 57 6.96 7.14 4.75
CA VAL A 57 6.93 6.15 3.68
C VAL A 57 5.49 5.74 3.39
N LEU A 58 4.61 5.64 4.40
CA LEU A 58 3.17 5.44 4.21
C LEU A 58 2.65 6.43 3.18
N GLY A 59 3.04 7.71 3.26
CA GLY A 59 2.66 8.71 2.28
C GLY A 59 3.12 8.36 0.86
N LYS A 60 4.34 7.82 0.69
CA LYS A 60 4.82 7.41 -0.62
C LYS A 60 3.97 6.26 -1.16
N ILE A 61 3.71 5.24 -0.33
CA ILE A 61 2.91 4.08 -0.72
C ILE A 61 1.48 4.53 -1.07
N GLU A 62 0.94 5.52 -0.38
CA GLU A 62 -0.39 6.04 -0.70
C GLU A 62 -0.40 6.53 -2.15
N ARG A 63 0.56 7.37 -2.56
CA ARG A 63 0.66 7.77 -3.97
C ARG A 63 1.00 6.62 -4.89
N ALA A 64 1.64 5.57 -4.40
CA ALA A 64 2.02 4.43 -5.21
C ALA A 64 0.76 3.80 -5.81
N ILE A 65 -0.21 3.42 -4.97
CA ILE A 65 -1.44 2.75 -5.40
C ILE A 65 -2.59 3.76 -5.64
N GLY A 66 -2.44 4.98 -5.14
CA GLY A 66 -3.45 6.02 -5.15
C GLY A 66 -4.63 5.67 -4.26
N LEU A 67 -4.38 5.07 -3.09
CA LEU A 67 -5.38 4.86 -2.03
C LEU A 67 -4.77 5.23 -0.68
N LYS A 68 -5.61 5.38 0.34
CA LYS A 68 -5.25 5.64 1.72
C LYS A 68 -4.67 4.39 2.34
N LEU A 69 -3.64 4.58 3.18
CA LEU A 69 -2.95 3.54 3.96
C LEU A 69 -3.07 3.84 5.46
N ARG A 70 -3.84 4.87 5.86
CA ARG A 70 -3.90 5.34 7.23
C ARG A 70 -5.33 5.75 7.57
N GLY A 71 -5.70 5.55 8.83
CA GLY A 71 -7.06 5.67 9.34
C GLY A 71 -7.88 4.46 8.91
N LYS A 72 -9.07 4.28 9.48
CA LYS A 72 -9.97 3.19 9.08
C LYS A 72 -10.54 3.42 7.68
N ASP A 73 -10.37 4.62 7.11
CA ASP A 73 -10.70 4.97 5.72
C ASP A 73 -9.67 4.36 4.75
N ILE A 74 -8.84 3.42 5.19
CA ILE A 74 -7.89 2.72 4.36
C ILE A 74 -8.58 2.11 3.12
N GLY A 75 -7.86 1.99 2.01
CA GLY A 75 -8.39 1.42 0.78
C GLY A 75 -9.33 2.36 0.02
N LYS A 76 -9.78 3.47 0.61
CA LYS A 76 -10.43 4.56 -0.09
C LYS A 76 -9.38 5.27 -0.93
N PRO A 77 -9.76 5.86 -2.06
CA PRO A 77 -8.84 6.56 -2.94
C PRO A 77 -8.41 7.90 -2.34
N ILE A 78 -7.33 8.47 -2.84
CA ILE A 78 -6.75 9.74 -2.36
C ILE A 78 -6.97 10.82 -3.44
N GLU A 79 -7.29 12.04 -3.02
CA GLU A 79 -7.56 13.21 -3.86
C GLU A 79 -8.62 12.99 -4.95
N LYS A 80 -9.55 12.02 -4.80
CA LYS A 80 -10.48 11.60 -5.85
C LYS A 80 -11.70 12.53 -5.90
N GLY A 81 -11.48 13.83 -6.11
CA GLY A 81 -12.56 14.79 -6.34
C GLY A 81 -12.23 16.17 -5.75
N PRO A 82 -13.22 17.08 -5.72
CA PRO A 82 -13.14 18.36 -5.01
C PRO A 82 -13.32 18.15 -3.49
N ARG A 83 -13.36 19.26 -2.75
CA ARG A 83 -13.49 19.30 -1.29
C ARG A 83 -12.38 18.46 -0.66
N ALA A 84 -11.14 18.68 -1.13
CA ALA A 84 -9.94 18.15 -0.50
C ALA A 84 -9.75 18.78 0.88
N LYS A 85 -8.76 18.27 1.63
CA LYS A 85 -8.27 18.84 2.89
C LYS A 85 -9.40 19.08 3.90
N SER A 86 -9.21 19.95 4.90
CA SER A 86 -10.24 20.27 5.88
C SER A 86 -9.93 21.67 6.41
N GLY A 87 -8.81 21.82 7.12
CA GLY A 87 -8.28 23.09 7.57
C GLY A 87 -7.51 23.79 6.45
N PRO A 88 -6.89 24.93 6.75
CA PRO A 88 -6.13 25.72 5.79
C PRO A 88 -4.81 25.03 5.44
N SER A 89 -4.16 25.52 4.37
CA SER A 89 -2.79 25.23 3.96
C SER A 89 -2.48 25.95 2.65
N SER A 90 -1.21 26.06 2.30
CA SER A 90 -0.77 26.43 0.96
C SER A 90 -1.01 25.25 0.01
N GLY A 91 -0.38 24.11 0.29
CA GLY A 91 -0.61 22.86 -0.43
C GLY A 91 -1.95 22.26 -0.04
N GLY A 1 15.49 -14.47 -7.20
CA GLY A 1 14.47 -14.12 -6.21
C GLY A 1 13.19 -14.90 -6.47
N SER A 2 12.78 -15.79 -5.56
CA SER A 2 11.69 -16.72 -5.82
C SER A 2 10.32 -16.03 -5.72
N SER A 3 10.01 -15.45 -4.56
CA SER A 3 8.70 -14.97 -4.12
C SER A 3 7.59 -16.04 -4.22
N GLY A 4 6.43 -15.81 -3.61
CA GLY A 4 5.38 -16.82 -3.49
C GLY A 4 4.41 -16.54 -2.36
N SER A 5 3.62 -17.56 -2.03
CA SER A 5 2.62 -17.54 -0.98
C SER A 5 2.54 -18.94 -0.37
N SER A 6 1.88 -19.07 0.77
CA SER A 6 1.84 -20.30 1.53
C SER A 6 0.55 -20.35 2.36
N GLY A 7 -0.57 -20.08 1.69
CA GLY A 7 -1.84 -19.82 2.32
C GLY A 7 -1.97 -18.32 2.53
N ASP A 8 -3.12 -17.78 2.12
CA ASP A 8 -3.48 -16.36 2.09
C ASP A 8 -3.10 -15.62 3.38
N ARG A 9 -3.42 -16.24 4.54
CA ARG A 9 -3.23 -15.73 5.90
C ARG A 9 -3.95 -14.42 6.17
N VAL A 10 -4.12 -14.11 7.45
CA VAL A 10 -4.60 -12.80 7.86
C VAL A 10 -3.44 -11.80 7.72
N THR A 11 -3.77 -10.52 7.65
CA THR A 11 -2.84 -9.43 7.41
C THR A 11 -3.20 -8.27 8.31
N LEU A 12 -2.31 -7.30 8.47
CA LEU A 12 -2.64 -5.99 9.01
C LEU A 12 -3.30 -5.21 7.87
N GLU A 13 -4.15 -4.23 8.20
CA GLU A 13 -4.88 -3.46 7.19
C GLU A 13 -3.93 -2.82 6.18
N VAL A 14 -2.76 -2.32 6.64
CA VAL A 14 -1.74 -1.76 5.78
C VAL A 14 -1.33 -2.79 4.73
N GLY A 15 -0.80 -3.95 5.11
CA GLY A 15 -0.40 -4.99 4.17
C GLY A 15 -1.54 -5.43 3.27
N LYS A 16 -2.77 -5.52 3.80
CA LYS A 16 -3.94 -5.88 3.01
C LYS A 16 -4.17 -4.85 1.92
N VAL A 17 -4.30 -3.56 2.27
CA VAL A 17 -4.53 -2.48 1.31
C VAL A 17 -3.36 -2.40 0.32
N ILE A 18 -2.12 -2.62 0.76
CA ILE A 18 -0.96 -2.63 -0.11
C ILE A 18 -1.16 -3.73 -1.15
N GLN A 19 -1.35 -4.98 -0.71
CA GLN A 19 -1.48 -6.12 -1.60
C GLN A 19 -2.61 -5.89 -2.60
N GLN A 20 -3.77 -5.47 -2.11
CA GLN A 20 -4.90 -5.13 -2.93
C GLN A 20 -4.53 -4.05 -3.93
N GLY A 21 -4.12 -2.86 -3.50
CA GLY A 21 -3.94 -1.76 -4.42
C GLY A 21 -2.84 -2.01 -5.44
N ARG A 22 -1.80 -2.80 -5.07
CA ARG A 22 -0.87 -3.34 -6.04
C ARG A 22 -1.62 -4.17 -7.07
N GLN A 23 -2.23 -5.28 -6.65
CA GLN A 23 -2.86 -6.26 -7.50
C GLN A 23 -4.02 -5.66 -8.31
N SER A 24 -4.71 -4.64 -7.79
CA SER A 24 -5.80 -3.95 -8.44
C SER A 24 -5.32 -3.03 -9.58
N LYS A 25 -4.00 -2.93 -9.74
CA LYS A 25 -3.32 -2.19 -10.80
C LYS A 25 -2.30 -3.09 -11.51
N GLY A 26 -2.35 -4.41 -11.26
CA GLY A 26 -1.45 -5.39 -11.85
C GLY A 26 0.01 -5.24 -11.41
N LEU A 27 0.27 -4.53 -10.30
CA LEU A 27 1.62 -4.12 -9.92
C LEU A 27 2.29 -5.18 -9.07
N THR A 28 3.60 -5.31 -9.27
CA THR A 28 4.47 -6.16 -8.49
C THR A 28 4.92 -5.43 -7.20
N GLN A 29 5.52 -6.14 -6.25
CA GLN A 29 6.23 -5.53 -5.14
C GLN A 29 7.35 -4.63 -5.66
N LYS A 30 8.12 -5.08 -6.65
CA LYS A 30 9.16 -4.28 -7.29
C LYS A 30 8.63 -2.97 -7.85
N ASP A 31 7.42 -2.96 -8.41
CA ASP A 31 6.83 -1.72 -8.89
C ASP A 31 6.60 -0.75 -7.74
N LEU A 32 6.19 -1.25 -6.56
CA LEU A 32 5.94 -0.43 -5.39
C LEU A 32 7.26 0.18 -4.92
N ALA A 33 8.30 -0.64 -4.80
CA ALA A 33 9.64 -0.27 -4.41
C ALA A 33 10.09 0.91 -5.26
N THR A 34 10.06 0.77 -6.58
CA THR A 34 10.40 1.84 -7.51
C THR A 34 9.48 3.06 -7.36
N LYS A 35 8.17 2.89 -7.21
CA LYS A 35 7.21 3.98 -7.05
C LYS A 35 7.52 4.85 -5.83
N ILE A 36 8.05 4.27 -4.75
CA ILE A 36 8.45 5.02 -3.55
C ILE A 36 9.98 5.21 -3.47
N ASN A 37 10.71 4.72 -4.46
CA ASN A 37 12.16 4.69 -4.58
C ASN A 37 12.86 4.03 -3.39
N GLU A 38 12.35 2.89 -2.92
CA GLU A 38 12.88 2.04 -1.85
C GLU A 38 13.34 0.69 -2.40
N LYS A 39 13.91 -0.20 -1.56
CA LYS A 39 14.14 -1.58 -1.96
C LYS A 39 12.82 -2.36 -1.93
N PRO A 40 12.65 -3.36 -2.82
CA PRO A 40 11.54 -4.29 -2.74
C PRO A 40 11.62 -5.23 -1.55
N GLN A 41 12.74 -5.21 -0.81
CA GLN A 41 12.84 -5.83 0.50
C GLN A 41 11.75 -5.27 1.41
N VAL A 42 11.77 -3.97 1.71
CA VAL A 42 10.90 -3.45 2.75
C VAL A 42 9.44 -3.52 2.34
N ILE A 43 9.14 -3.57 1.04
CA ILE A 43 7.81 -3.82 0.51
C ILE A 43 7.30 -5.20 0.95
N ALA A 44 8.15 -6.22 0.80
CA ALA A 44 7.84 -7.58 1.22
C ALA A 44 7.68 -7.70 2.74
N ASP A 45 8.34 -6.82 3.50
CA ASP A 45 8.22 -6.76 4.96
C ASP A 45 6.95 -6.01 5.36
N TYR A 46 6.59 -4.94 4.65
CA TYR A 46 5.37 -4.15 4.83
C TYR A 46 4.13 -5.05 4.77
N GLU A 47 4.11 -6.01 3.85
CA GLU A 47 2.96 -6.88 3.66
C GLU A 47 2.64 -7.70 4.91
N SER A 48 3.65 -8.19 5.62
CA SER A 48 3.45 -8.85 6.91
C SER A 48 3.30 -7.86 8.06
N GLY A 49 3.82 -6.63 7.92
CA GLY A 49 3.89 -5.69 9.03
C GLY A 49 5.22 -5.76 9.77
N ARG A 50 6.20 -6.53 9.29
CA ARG A 50 7.52 -6.59 9.94
C ARG A 50 8.23 -5.25 9.80
N ALA A 51 8.09 -4.59 8.65
CA ALA A 51 8.50 -3.21 8.52
C ALA A 51 7.54 -2.39 9.38
N ILE A 52 8.06 -1.75 10.43
CA ILE A 52 7.28 -0.78 11.19
C ILE A 52 7.12 0.43 10.27
N PRO A 53 5.89 0.80 9.88
CA PRO A 53 5.67 1.84 8.90
C PRO A 53 5.77 3.23 9.57
N ASN A 54 6.11 4.24 8.78
CA ASN A 54 6.16 5.65 9.22
C ASN A 54 5.33 6.48 8.24
N ASN A 55 4.79 7.63 8.68
CA ASN A 55 3.84 8.40 7.87
C ASN A 55 4.46 8.90 6.58
N GLN A 56 5.76 9.18 6.57
CA GLN A 56 6.51 9.56 5.39
C GLN A 56 6.37 8.47 4.32
N VAL A 57 6.82 7.26 4.64
CA VAL A 57 6.84 6.14 3.72
C VAL A 57 5.40 5.72 3.38
N LEU A 58 4.52 5.54 4.38
CA LEU A 58 3.09 5.33 4.18
C LEU A 58 2.55 6.33 3.15
N GLY A 59 2.87 7.62 3.29
CA GLY A 59 2.51 8.67 2.36
C GLY A 59 2.97 8.38 0.94
N LYS A 60 4.23 7.97 0.76
CA LYS A 60 4.74 7.57 -0.55
C LYS A 60 3.95 6.38 -1.08
N ILE A 61 3.65 5.38 -0.25
CA ILE A 61 2.85 4.24 -0.64
C ILE A 61 1.43 4.70 -1.03
N GLU A 62 0.87 5.72 -0.38
CA GLU A 62 -0.43 6.25 -0.81
C GLU A 62 -0.30 6.80 -2.23
N ARG A 63 0.76 7.55 -2.55
CA ARG A 63 1.03 7.99 -3.93
C ARG A 63 1.16 6.79 -4.87
N ALA A 64 1.80 5.72 -4.41
CA ALA A 64 2.13 4.53 -5.18
C ALA A 64 0.86 3.83 -5.67
N ILE A 65 -0.07 3.48 -4.78
CA ILE A 65 -1.30 2.77 -5.17
C ILE A 65 -2.42 3.76 -5.50
N GLY A 66 -2.41 4.97 -4.92
CA GLY A 66 -3.42 6.00 -5.10
C GLY A 66 -4.62 5.81 -4.19
N LEU A 67 -4.41 5.18 -3.03
CA LEU A 67 -5.39 5.01 -1.96
C LEU A 67 -4.74 5.37 -0.63
N LYS A 68 -5.52 5.57 0.42
CA LYS A 68 -5.09 5.85 1.78
C LYS A 68 -4.46 4.61 2.39
N LEU A 69 -3.38 4.79 3.17
CA LEU A 69 -2.67 3.77 3.94
C LEU A 69 -2.72 4.13 5.43
N ARG A 70 -3.47 5.17 5.81
CA ARG A 70 -3.55 5.70 7.16
C ARG A 70 -5.02 5.90 7.49
N GLY A 71 -5.32 5.88 8.79
CA GLY A 71 -6.65 6.01 9.35
C GLY A 71 -7.57 4.83 8.99
N LYS A 72 -8.77 4.80 9.55
CA LYS A 72 -9.76 3.76 9.28
C LYS A 72 -10.31 3.85 7.86
N ASP A 73 -10.14 4.98 7.16
CA ASP A 73 -10.57 5.13 5.76
C ASP A 73 -9.59 4.43 4.80
N ILE A 74 -8.73 3.55 5.29
CA ILE A 74 -7.71 2.87 4.51
C ILE A 74 -8.33 2.21 3.26
N GLY A 75 -7.62 2.31 2.14
CA GLY A 75 -8.06 1.73 0.88
C GLY A 75 -9.13 2.56 0.17
N LYS A 76 -9.70 3.60 0.79
CA LYS A 76 -10.41 4.64 0.04
C LYS A 76 -9.35 5.46 -0.69
N PRO A 77 -9.71 6.10 -1.80
CA PRO A 77 -8.77 6.84 -2.63
C PRO A 77 -8.23 8.08 -1.92
N ILE A 78 -7.22 8.70 -2.55
CA ILE A 78 -6.67 9.99 -2.16
C ILE A 78 -7.07 11.04 -3.20
N GLU A 79 -6.93 12.31 -2.86
CA GLU A 79 -7.16 13.41 -3.80
C GLU A 79 -6.01 13.47 -4.79
N LYS A 80 -6.33 13.62 -6.08
CA LYS A 80 -5.42 14.07 -7.14
C LYS A 80 -6.25 14.76 -8.22
N GLY A 81 -5.60 15.61 -9.02
CA GLY A 81 -6.18 16.28 -10.18
C GLY A 81 -7.57 16.83 -9.90
N PRO A 82 -8.62 16.31 -10.55
CA PRO A 82 -9.99 16.80 -10.43
C PRO A 82 -10.57 16.46 -9.05
N ARG A 83 -10.64 17.49 -8.19
CA ARG A 83 -11.32 17.60 -6.90
C ARG A 83 -10.35 17.29 -5.76
N ALA A 84 -10.18 18.25 -4.85
CA ALA A 84 -9.34 18.16 -3.66
C ALA A 84 -10.01 18.95 -2.53
N LYS A 85 -10.20 20.26 -2.73
CA LYS A 85 -10.68 21.25 -1.76
C LYS A 85 -9.77 21.37 -0.53
N SER A 86 -9.93 22.45 0.22
CA SER A 86 -9.06 22.89 1.32
C SER A 86 -7.59 22.49 1.12
N GLY A 87 -6.93 23.24 0.26
CA GLY A 87 -5.50 23.17 -0.04
C GLY A 87 -5.30 23.96 -1.32
N PRO A 88 -5.50 25.29 -1.30
CA PRO A 88 -5.44 26.10 -2.50
C PRO A 88 -4.03 26.07 -3.08
N SER A 89 -3.90 26.19 -4.40
CA SER A 89 -2.64 26.26 -5.11
C SER A 89 -2.87 26.94 -6.47
N SER A 90 -1.78 27.35 -7.11
CA SER A 90 -1.77 27.86 -8.47
C SER A 90 -0.71 27.09 -9.27
N GLY A 91 -0.67 27.29 -10.58
CA GLY A 91 0.41 26.84 -11.43
C GLY A 91 1.16 28.10 -11.79
N GLY A 1 11.47 -11.00 -13.59
CA GLY A 1 10.08 -11.49 -13.65
C GLY A 1 9.41 -11.30 -12.30
N SER A 2 8.38 -12.11 -12.01
CA SER A 2 7.66 -12.06 -10.75
C SER A 2 7.21 -13.47 -10.32
N SER A 3 6.78 -14.31 -11.26
CA SER A 3 6.45 -15.73 -11.09
C SER A 3 5.82 -16.12 -9.74
N GLY A 4 4.80 -15.37 -9.31
CA GLY A 4 4.17 -15.59 -8.02
C GLY A 4 3.56 -16.99 -7.91
N SER A 5 3.45 -17.52 -6.70
CA SER A 5 2.91 -18.85 -6.45
C SER A 5 2.55 -18.98 -4.97
N SER A 6 1.45 -18.35 -4.56
CA SER A 6 0.95 -18.45 -3.19
C SER A 6 -0.57 -18.46 -3.16
N GLY A 7 -1.13 -19.07 -2.11
CA GLY A 7 -2.56 -19.06 -1.85
C GLY A 7 -2.94 -17.74 -1.19
N ASP A 8 -3.22 -17.79 0.12
CA ASP A 8 -3.83 -16.70 0.87
C ASP A 8 -3.10 -16.55 2.21
N ARG A 9 -2.17 -15.59 2.29
CA ARG A 9 -1.28 -15.40 3.44
C ARG A 9 -1.15 -13.95 3.87
N VAL A 10 -1.91 -13.03 3.28
CA VAL A 10 -1.88 -11.64 3.68
C VAL A 10 -2.35 -11.47 5.12
N THR A 11 -1.83 -10.45 5.78
CA THR A 11 -2.07 -10.07 7.17
C THR A 11 -2.48 -8.60 7.21
N LEU A 12 -2.74 -8.09 8.41
CA LEU A 12 -2.84 -6.66 8.73
C LEU A 12 -4.04 -5.99 8.05
N GLU A 13 -4.16 -4.67 8.24
CA GLU A 13 -4.91 -3.80 7.36
C GLU A 13 -3.96 -3.10 6.37
N VAL A 14 -2.81 -2.58 6.82
CA VAL A 14 -1.82 -1.92 5.96
C VAL A 14 -1.32 -2.93 4.92
N GLY A 15 -0.77 -4.07 5.35
CA GLY A 15 -0.30 -5.11 4.45
C GLY A 15 -1.38 -5.56 3.48
N LYS A 16 -2.63 -5.70 3.94
CA LYS A 16 -3.77 -5.97 3.08
C LYS A 16 -3.91 -4.90 2.02
N VAL A 17 -4.14 -3.64 2.40
CA VAL A 17 -4.37 -2.55 1.45
C VAL A 17 -3.18 -2.42 0.48
N ILE A 18 -1.96 -2.73 0.93
CA ILE A 18 -0.79 -2.73 0.08
C ILE A 18 -0.93 -3.81 -0.97
N GLN A 19 -1.10 -5.08 -0.57
CA GLN A 19 -1.25 -6.20 -1.49
C GLN A 19 -2.40 -5.93 -2.47
N GLN A 20 -3.57 -5.54 -1.96
CA GLN A 20 -4.75 -5.30 -2.75
C GLN A 20 -4.51 -4.15 -3.72
N GLY A 21 -4.05 -3.01 -3.23
CA GLY A 21 -3.83 -1.83 -4.06
C GLY A 21 -2.77 -2.06 -5.13
N ARG A 22 -1.74 -2.87 -4.83
CA ARG A 22 -0.79 -3.33 -5.83
C ARG A 22 -1.52 -4.10 -6.93
N GLN A 23 -2.21 -5.16 -6.53
CA GLN A 23 -2.93 -6.08 -7.40
C GLN A 23 -4.10 -5.42 -8.14
N SER A 24 -4.57 -4.25 -7.69
CA SER A 24 -5.51 -3.42 -8.43
C SER A 24 -4.86 -2.71 -9.64
N LYS A 25 -3.54 -2.72 -9.79
CA LYS A 25 -2.83 -2.08 -10.90
C LYS A 25 -1.73 -2.97 -11.49
N GLY A 26 -1.84 -4.29 -11.30
CA GLY A 26 -0.89 -5.29 -11.76
C GLY A 26 0.53 -5.12 -11.17
N LEU A 27 0.68 -4.32 -10.11
CA LEU A 27 1.98 -3.86 -9.63
C LEU A 27 2.68 -5.03 -8.94
N THR A 28 3.91 -5.35 -9.37
CA THR A 28 4.76 -6.22 -8.58
C THR A 28 5.14 -5.50 -7.28
N GLN A 29 5.77 -6.21 -6.35
CA GLN A 29 6.37 -5.58 -5.18
C GLN A 29 7.49 -4.64 -5.61
N LYS A 30 8.21 -4.97 -6.70
CA LYS A 30 9.28 -4.15 -7.23
C LYS A 30 8.73 -2.89 -7.90
N ASP A 31 7.58 -2.97 -8.57
CA ASP A 31 6.91 -1.81 -9.16
C ASP A 31 6.59 -0.81 -8.05
N LEU A 32 6.13 -1.33 -6.90
CA LEU A 32 5.83 -0.51 -5.73
C LEU A 32 7.10 0.11 -5.17
N ALA A 33 8.14 -0.70 -5.01
CA ALA A 33 9.45 -0.27 -4.54
C ALA A 33 9.96 0.92 -5.35
N THR A 34 9.88 0.84 -6.68
CA THR A 34 10.16 1.93 -7.60
C THR A 34 9.26 3.13 -7.33
N LYS A 35 7.95 2.92 -7.21
CA LYS A 35 6.99 3.98 -6.97
C LYS A 35 7.27 4.78 -5.69
N ILE A 36 7.99 4.23 -4.71
CA ILE A 36 8.40 4.96 -3.52
C ILE A 36 9.93 5.11 -3.44
N ASN A 37 10.67 4.72 -4.48
CA ASN A 37 12.13 4.60 -4.51
C ASN A 37 12.69 4.07 -3.18
N GLU A 38 12.48 2.78 -2.91
CA GLU A 38 13.06 2.05 -1.80
C GLU A 38 13.39 0.62 -2.24
N LYS A 39 13.93 -0.21 -1.35
CA LYS A 39 14.13 -1.63 -1.62
C LYS A 39 12.79 -2.34 -1.71
N PRO A 40 12.65 -3.32 -2.61
CA PRO A 40 11.48 -4.20 -2.64
C PRO A 40 11.45 -5.15 -1.43
N GLN A 41 12.54 -5.21 -0.66
CA GLN A 41 12.59 -5.89 0.63
C GLN A 41 11.61 -5.28 1.61
N VAL A 42 11.50 -3.93 1.67
CA VAL A 42 10.63 -3.32 2.66
C VAL A 42 9.17 -3.46 2.24
N ILE A 43 8.86 -3.56 0.95
CA ILE A 43 7.50 -3.77 0.46
C ILE A 43 6.99 -5.12 0.96
N ALA A 44 7.81 -6.16 0.81
CA ALA A 44 7.49 -7.50 1.32
C ALA A 44 7.18 -7.45 2.81
N ASP A 45 7.96 -6.67 3.56
CA ASP A 45 7.87 -6.63 5.00
C ASP A 45 6.70 -5.77 5.46
N TYR A 46 6.36 -4.71 4.72
CA TYR A 46 5.13 -3.95 4.89
C TYR A 46 3.92 -4.88 4.71
N GLU A 47 3.96 -5.74 3.69
CA GLU A 47 2.88 -6.66 3.39
C GLU A 47 2.62 -7.65 4.51
N SER A 48 3.66 -8.19 5.16
CA SER A 48 3.45 -9.07 6.30
C SER A 48 3.22 -8.30 7.60
N GLY A 49 3.71 -7.07 7.71
CA GLY A 49 3.55 -6.24 8.89
C GLY A 49 4.83 -6.06 9.67
N ARG A 50 5.93 -6.60 9.17
CA ARG A 50 7.23 -6.63 9.81
C ARG A 50 7.78 -5.23 9.90
N ALA A 51 7.94 -4.53 8.76
CA ALA A 51 8.55 -3.21 8.73
C ALA A 51 7.74 -2.24 9.59
N ILE A 52 8.41 -1.32 10.29
CA ILE A 52 7.73 -0.28 11.05
C ILE A 52 7.07 0.66 10.02
N PRO A 53 5.76 0.93 10.13
CA PRO A 53 5.07 1.87 9.27
C PRO A 53 5.55 3.28 9.63
N ASN A 54 6.21 3.98 8.69
CA ASN A 54 6.69 5.35 8.86
C ASN A 54 5.91 6.23 7.90
N ASN A 55 5.29 7.31 8.39
CA ASN A 55 4.59 8.32 7.60
C ASN A 55 5.34 8.77 6.35
N GLN A 56 6.67 8.91 6.42
CA GLN A 56 7.50 9.31 5.29
C GLN A 56 7.35 8.33 4.12
N VAL A 57 7.13 7.04 4.38
CA VAL A 57 6.90 6.02 3.37
C VAL A 57 5.39 5.85 3.17
N LEU A 58 4.57 5.74 4.22
CA LEU A 58 3.12 5.56 4.12
C LEU A 58 2.52 6.56 3.13
N GLY A 59 2.83 7.84 3.25
CA GLY A 59 2.32 8.88 2.36
C GLY A 59 2.71 8.65 0.89
N LYS A 60 3.87 8.04 0.64
CA LYS A 60 4.35 7.65 -0.69
C LYS A 60 3.57 6.43 -1.17
N ILE A 61 3.35 5.44 -0.30
CA ILE A 61 2.55 4.26 -0.62
C ILE A 61 1.14 4.72 -1.00
N GLU A 62 0.59 5.76 -0.36
CA GLU A 62 -0.72 6.23 -0.77
C GLU A 62 -0.69 6.67 -2.24
N ARG A 63 0.32 7.43 -2.67
CA ARG A 63 0.49 7.80 -4.07
C ARG A 63 0.85 6.59 -4.95
N ALA A 64 1.42 5.54 -4.38
CA ALA A 64 1.83 4.35 -5.09
C ALA A 64 0.64 3.55 -5.64
N ILE A 65 -0.49 3.49 -4.90
CA ILE A 65 -1.68 2.71 -5.29
C ILE A 65 -2.92 3.59 -5.46
N GLY A 66 -2.93 4.79 -4.87
CA GLY A 66 -4.03 5.73 -4.89
C GLY A 66 -5.14 5.38 -3.89
N LEU A 67 -4.79 4.72 -2.77
CA LEU A 67 -5.70 4.50 -1.65
C LEU A 67 -5.04 5.04 -0.38
N LYS A 68 -5.82 5.19 0.69
CA LYS A 68 -5.37 5.61 2.00
C LYS A 68 -4.63 4.47 2.68
N LEU A 69 -3.59 4.79 3.43
CA LEU A 69 -2.78 3.86 4.22
C LEU A 69 -2.80 4.27 5.71
N ARG A 70 -3.65 5.23 6.12
CA ARG A 70 -3.82 5.63 7.52
C ARG A 70 -5.29 5.83 7.85
N GLY A 71 -5.59 5.85 9.15
CA GLY A 71 -6.93 5.90 9.70
C GLY A 71 -7.60 4.53 9.66
N LYS A 72 -8.81 4.44 10.18
CA LYS A 72 -9.68 3.29 9.88
C LYS A 72 -10.13 3.33 8.42
N ASP A 73 -10.10 4.51 7.79
CA ASP A 73 -10.49 4.84 6.42
C ASP A 73 -9.52 4.23 5.40
N ILE A 74 -8.67 3.28 5.79
CA ILE A 74 -7.72 2.64 4.91
C ILE A 74 -8.47 2.01 3.73
N GLY A 75 -7.82 1.91 2.57
CA GLY A 75 -8.43 1.33 1.39
C GLY A 75 -9.52 2.20 0.75
N LYS A 76 -9.93 3.32 1.36
CA LYS A 76 -10.59 4.39 0.64
C LYS A 76 -9.60 4.90 -0.41
N PRO A 77 -10.08 5.41 -1.55
CA PRO A 77 -9.25 6.11 -2.50
C PRO A 77 -8.76 7.43 -1.93
N ILE A 78 -7.63 7.90 -2.44
CA ILE A 78 -7.19 9.28 -2.27
C ILE A 78 -7.52 10.01 -3.58
N GLU A 79 -7.90 11.28 -3.50
CA GLU A 79 -7.93 12.22 -4.63
C GLU A 79 -8.69 11.69 -5.85
N LYS A 80 -9.75 10.91 -5.64
CA LYS A 80 -10.61 10.40 -6.72
C LYS A 80 -12.00 11.00 -6.51
N GLY A 81 -12.11 12.31 -6.68
CA GLY A 81 -13.34 13.07 -6.54
C GLY A 81 -13.01 14.52 -6.19
N PRO A 82 -14.02 15.42 -6.18
CA PRO A 82 -13.84 16.82 -5.87
C PRO A 82 -13.67 17.03 -4.36
N ARG A 83 -12.44 17.10 -3.87
CA ARG A 83 -12.15 17.50 -2.49
C ARG A 83 -10.70 17.96 -2.37
N ALA A 84 -10.46 19.00 -1.58
CA ALA A 84 -9.23 19.19 -0.83
C ALA A 84 -9.62 19.74 0.54
N LYS A 85 -9.04 19.21 1.62
CA LYS A 85 -9.24 19.80 2.94
C LYS A 85 -8.45 21.11 3.09
N SER A 86 -8.68 21.79 4.20
CA SER A 86 -7.77 22.80 4.74
C SER A 86 -7.36 22.37 6.15
N GLY A 87 -6.48 23.14 6.79
CA GLY A 87 -5.97 22.88 8.13
C GLY A 87 -4.71 23.71 8.32
N PRO A 88 -3.56 23.25 7.83
CA PRO A 88 -2.33 24.03 7.85
C PRO A 88 -2.48 25.17 6.84
N SER A 89 -2.85 26.37 7.31
CA SER A 89 -2.88 27.56 6.48
C SER A 89 -1.45 27.81 5.98
N SER A 90 -1.21 27.58 4.69
CA SER A 90 0.11 27.54 4.07
C SER A 90 0.97 26.40 4.62
N GLY A 91 2.11 26.18 3.96
CA GLY A 91 3.22 25.37 4.39
C GLY A 91 4.46 26.24 4.29
N GLY A 1 15.53 -11.41 -7.94
CA GLY A 1 14.44 -12.31 -8.32
C GLY A 1 14.09 -13.25 -7.18
N SER A 2 13.18 -12.81 -6.31
CA SER A 2 12.49 -13.64 -5.32
C SER A 2 11.13 -13.01 -5.04
N SER A 3 10.20 -13.79 -4.50
CA SER A 3 8.89 -13.33 -4.04
C SER A 3 8.49 -14.04 -2.73
N GLY A 4 9.34 -14.91 -2.17
CA GLY A 4 8.91 -15.85 -1.14
C GLY A 4 8.11 -17.00 -1.77
N SER A 5 7.56 -17.88 -0.93
CA SER A 5 6.71 -18.99 -1.35
C SER A 5 5.78 -19.44 -0.20
N SER A 6 5.45 -18.54 0.73
CA SER A 6 4.79 -18.84 2.00
C SER A 6 3.63 -17.88 2.21
N GLY A 7 2.44 -18.39 2.50
CA GLY A 7 1.32 -17.62 3.01
C GLY A 7 1.29 -17.79 4.53
N ASP A 8 0.16 -18.25 5.06
CA ASP A 8 -0.07 -18.58 6.47
C ASP A 8 0.46 -17.48 7.39
N ARG A 9 -0.18 -16.31 7.38
CA ARG A 9 0.27 -15.13 8.10
C ARG A 9 -0.92 -14.29 8.57
N VAL A 10 -0.67 -13.38 9.50
CA VAL A 10 -1.59 -12.31 9.85
C VAL A 10 -1.74 -11.36 8.66
N THR A 11 -2.78 -10.51 8.65
CA THR A 11 -2.98 -9.50 7.62
C THR A 11 -3.29 -8.17 8.31
N LEU A 12 -2.24 -7.38 8.58
CA LEU A 12 -2.39 -6.03 9.09
C LEU A 12 -3.15 -5.21 8.04
N GLU A 13 -3.92 -4.20 8.46
CA GLU A 13 -4.77 -3.43 7.56
C GLU A 13 -3.95 -2.80 6.43
N VAL A 14 -2.79 -2.23 6.77
CA VAL A 14 -1.84 -1.69 5.81
C VAL A 14 -1.44 -2.78 4.82
N GLY A 15 -0.98 -3.95 5.29
CA GLY A 15 -0.60 -5.05 4.41
C GLY A 15 -1.74 -5.50 3.50
N LYS A 16 -2.98 -5.54 3.99
CA LYS A 16 -4.15 -5.87 3.18
C LYS A 16 -4.34 -4.82 2.09
N VAL A 17 -4.45 -3.54 2.45
CA VAL A 17 -4.65 -2.45 1.50
C VAL A 17 -3.51 -2.41 0.48
N ILE A 18 -2.28 -2.66 0.90
CA ILE A 18 -1.11 -2.72 0.03
C ILE A 18 -1.37 -3.80 -1.03
N GLN A 19 -1.58 -5.05 -0.61
CA GLN A 19 -1.69 -6.16 -1.53
C GLN A 19 -2.89 -5.99 -2.47
N GLN A 20 -4.01 -5.43 -1.99
CA GLN A 20 -5.14 -5.06 -2.83
C GLN A 20 -4.76 -4.00 -3.86
N GLY A 21 -4.18 -2.89 -3.42
CA GLY A 21 -3.89 -1.76 -4.28
C GLY A 21 -2.86 -2.10 -5.35
N ARG A 22 -1.86 -2.91 -4.99
CA ARG A 22 -0.88 -3.42 -5.94
C ARG A 22 -1.60 -4.18 -7.05
N GLN A 23 -2.31 -5.24 -6.71
CA GLN A 23 -3.02 -6.10 -7.65
C GLN A 23 -4.09 -5.34 -8.43
N SER A 24 -4.69 -4.30 -7.86
CA SER A 24 -5.68 -3.47 -8.56
C SER A 24 -5.09 -2.69 -9.75
N LYS A 25 -3.76 -2.64 -9.86
CA LYS A 25 -3.03 -2.11 -11.01
C LYS A 25 -2.09 -3.18 -11.58
N GLY A 26 -2.23 -4.42 -11.11
CA GLY A 26 -1.43 -5.57 -11.49
C GLY A 26 0.07 -5.38 -11.18
N LEU A 27 0.43 -4.53 -10.22
CA LEU A 27 1.82 -4.14 -9.97
C LEU A 27 2.52 -5.11 -9.02
N THR A 28 3.79 -5.42 -9.31
CA THR A 28 4.62 -6.29 -8.49
C THR A 28 5.17 -5.51 -7.29
N GLN A 29 5.68 -6.22 -6.26
CA GLN A 29 6.31 -5.57 -5.10
C GLN A 29 7.50 -4.71 -5.54
N LYS A 30 8.28 -5.22 -6.50
CA LYS A 30 9.41 -4.50 -7.05
C LYS A 30 8.99 -3.20 -7.73
N ASP A 31 7.83 -3.15 -8.38
CA ASP A 31 7.32 -1.90 -8.98
C ASP A 31 6.96 -0.88 -7.90
N LEU A 32 6.42 -1.35 -6.76
CA LEU A 32 6.07 -0.47 -5.65
C LEU A 32 7.32 0.21 -5.11
N ALA A 33 8.37 -0.58 -4.90
CA ALA A 33 9.67 -0.17 -4.38
C ALA A 33 10.15 1.01 -5.20
N THR A 34 10.20 0.84 -6.52
CA THR A 34 10.54 1.89 -7.46
C THR A 34 9.59 3.10 -7.33
N LYS A 35 8.27 2.90 -7.32
CA LYS A 35 7.29 3.98 -7.21
C LYS A 35 7.44 4.84 -5.95
N ILE A 36 8.10 4.36 -4.90
CA ILE A 36 8.37 5.14 -3.69
C ILE A 36 9.86 5.37 -3.46
N ASN A 37 10.70 4.94 -4.42
CA ASN A 37 12.15 4.96 -4.38
C ASN A 37 12.67 4.38 -3.06
N GLU A 38 12.40 3.09 -2.86
CA GLU A 38 12.79 2.27 -1.71
C GLU A 38 13.25 0.89 -2.21
N LYS A 39 13.74 0.08 -1.26
CA LYS A 39 14.08 -1.32 -1.47
C LYS A 39 12.80 -2.15 -1.57
N PRO A 40 12.77 -3.17 -2.44
CA PRO A 40 11.63 -4.08 -2.54
C PRO A 40 11.51 -5.02 -1.34
N GLN A 41 12.55 -5.09 -0.51
CA GLN A 41 12.51 -5.85 0.73
C GLN A 41 11.68 -5.14 1.81
N VAL A 42 11.56 -3.81 1.81
CA VAL A 42 10.65 -3.18 2.77
C VAL A 42 9.20 -3.36 2.34
N ILE A 43 8.90 -3.37 1.03
CA ILE A 43 7.54 -3.58 0.52
C ILE A 43 7.02 -4.95 0.97
N ALA A 44 7.80 -6.00 0.70
CA ALA A 44 7.41 -7.35 1.03
C ALA A 44 7.22 -7.51 2.55
N ASP A 45 7.98 -6.77 3.34
CA ASP A 45 7.92 -6.81 4.78
C ASP A 45 6.73 -6.00 5.31
N TYR A 46 6.38 -4.88 4.66
CA TYR A 46 5.19 -4.07 4.93
C TYR A 46 3.93 -4.95 4.84
N GLU A 47 3.83 -5.76 3.79
CA GLU A 47 2.71 -6.68 3.59
C GLU A 47 2.61 -7.67 4.74
N SER A 48 3.72 -8.30 5.13
CA SER A 48 3.73 -9.28 6.19
C SER A 48 3.57 -8.63 7.58
N GLY A 49 3.85 -7.33 7.70
CA GLY A 49 3.69 -6.55 8.91
C GLY A 49 5.00 -6.17 9.58
N ARG A 50 6.15 -6.62 9.07
CA ARG A 50 7.46 -6.52 9.70
C ARG A 50 7.98 -5.09 9.69
N ALA A 51 8.01 -4.46 8.51
CA ALA A 51 8.58 -3.13 8.33
C ALA A 51 7.85 -2.16 9.26
N ILE A 52 8.60 -1.37 10.03
CA ILE A 52 8.02 -0.32 10.86
C ILE A 52 7.54 0.78 9.90
N PRO A 53 6.24 1.11 9.89
CA PRO A 53 5.72 2.00 8.87
C PRO A 53 5.94 3.46 9.27
N ASN A 54 6.79 4.17 8.52
CA ASN A 54 7.06 5.58 8.75
C ASN A 54 5.92 6.36 8.13
N ASN A 55 5.48 7.45 8.77
CA ASN A 55 4.40 8.31 8.28
C ASN A 55 4.68 8.83 6.87
N GLN A 56 5.94 9.17 6.57
CA GLN A 56 6.37 9.57 5.24
C GLN A 56 6.30 8.40 4.26
N VAL A 57 6.87 7.23 4.58
CA VAL A 57 6.91 6.10 3.65
C VAL A 57 5.48 5.61 3.37
N LEU A 58 4.63 5.50 4.39
CA LEU A 58 3.19 5.33 4.28
C LEU A 58 2.65 6.33 3.24
N GLY A 59 2.97 7.61 3.37
CA GLY A 59 2.55 8.64 2.44
C GLY A 59 3.03 8.43 1.01
N LYS A 60 4.20 7.83 0.79
CA LYS A 60 4.67 7.48 -0.54
C LYS A 60 3.86 6.31 -1.07
N ILE A 61 3.68 5.25 -0.27
CA ILE A 61 2.90 4.08 -0.63
C ILE A 61 1.48 4.49 -1.03
N GLU A 62 0.93 5.51 -0.39
CA GLU A 62 -0.39 6.02 -0.77
C GLU A 62 -0.42 6.41 -2.24
N ARG A 63 0.53 7.22 -2.70
CA ARG A 63 0.62 7.61 -4.12
C ARG A 63 0.94 6.42 -5.02
N ALA A 64 1.57 5.38 -4.48
CA ALA A 64 1.93 4.18 -5.20
C ALA A 64 0.71 3.38 -5.68
N ILE A 65 -0.38 3.37 -4.90
CA ILE A 65 -1.63 2.65 -5.26
C ILE A 65 -2.82 3.60 -5.44
N GLY A 66 -2.66 4.86 -5.04
CA GLY A 66 -3.71 5.88 -5.05
C GLY A 66 -4.79 5.65 -4.02
N LEU A 67 -4.45 5.12 -2.84
CA LEU A 67 -5.38 5.02 -1.71
C LEU A 67 -4.68 5.47 -0.43
N LYS A 68 -5.46 5.74 0.62
CA LYS A 68 -5.03 6.04 1.98
C LYS A 68 -4.47 4.78 2.61
N LEU A 69 -3.40 4.95 3.39
CA LEU A 69 -2.72 3.90 4.16
C LEU A 69 -2.79 4.23 5.66
N ARG A 70 -3.52 5.28 6.05
CA ARG A 70 -3.61 5.76 7.42
C ARG A 70 -5.05 6.13 7.72
N GLY A 71 -5.37 6.25 9.01
CA GLY A 71 -6.73 6.28 9.51
C GLY A 71 -7.42 4.94 9.30
N LYS A 72 -8.61 4.80 9.90
CA LYS A 72 -9.53 3.70 9.61
C LYS A 72 -10.11 3.83 8.20
N ASP A 73 -10.00 5.01 7.58
CA ASP A 73 -10.35 5.28 6.19
C ASP A 73 -9.38 4.60 5.21
N ILE A 74 -8.60 3.63 5.66
CA ILE A 74 -7.63 2.92 4.84
C ILE A 74 -8.33 2.31 3.62
N GLY A 75 -7.61 2.24 2.50
CA GLY A 75 -8.14 1.70 1.26
C GLY A 75 -9.12 2.64 0.54
N LYS A 76 -9.44 3.81 1.10
CA LYS A 76 -10.20 4.84 0.43
C LYS A 76 -9.24 5.69 -0.41
N PRO A 77 -9.70 6.28 -1.52
CA PRO A 77 -8.86 6.99 -2.47
C PRO A 77 -8.33 8.33 -1.91
N ILE A 78 -7.28 8.84 -2.55
CA ILE A 78 -6.55 10.05 -2.16
C ILE A 78 -6.74 11.17 -3.19
N GLU A 79 -6.51 12.39 -2.75
CA GLU A 79 -6.76 13.66 -3.42
C GLU A 79 -8.26 13.81 -3.76
N LYS A 80 -8.67 14.91 -4.43
CA LYS A 80 -10.05 15.09 -4.85
C LYS A 80 -10.39 14.08 -5.95
N GLY A 81 -11.48 13.36 -5.76
CA GLY A 81 -12.10 12.49 -6.75
C GLY A 81 -13.55 12.23 -6.31
N PRO A 82 -14.41 11.70 -7.20
CA PRO A 82 -15.81 11.45 -6.90
C PRO A 82 -15.95 10.31 -5.89
N ARG A 83 -16.61 10.56 -4.75
CA ARG A 83 -16.84 9.53 -3.74
C ARG A 83 -18.10 9.77 -2.89
N ALA A 84 -18.31 10.97 -2.33
CA ALA A 84 -19.28 11.25 -1.25
C ALA A 84 -19.06 10.31 -0.04
N LYS A 85 -19.92 10.41 0.99
CA LYS A 85 -19.91 9.67 2.26
C LYS A 85 -18.51 9.23 2.71
N SER A 86 -17.79 10.12 3.38
CA SER A 86 -16.53 9.85 4.07
C SER A 86 -16.42 10.71 5.32
N GLY A 87 -15.29 10.68 6.04
CA GLY A 87 -15.07 11.59 7.15
C GLY A 87 -15.00 13.03 6.64
N PRO A 88 -15.32 14.03 7.46
CA PRO A 88 -15.25 15.43 7.05
C PRO A 88 -13.81 15.81 6.75
N SER A 89 -13.64 16.83 5.90
CA SER A 89 -12.34 17.39 5.57
C SER A 89 -12.52 18.80 5.01
N SER A 90 -11.63 19.69 5.43
CA SER A 90 -11.40 20.99 4.81
C SER A 90 -10.92 20.77 3.37
N GLY A 91 -10.81 21.85 2.58
CA GLY A 91 -10.33 21.79 1.21
C GLY A 91 -10.64 23.09 0.54
N GLY A 1 16.22 -12.88 -11.27
CA GLY A 1 15.87 -13.42 -9.95
C GLY A 1 16.27 -14.88 -9.85
N SER A 2 15.89 -15.54 -8.76
CA SER A 2 15.95 -16.99 -8.61
C SER A 2 14.73 -17.38 -7.78
N SER A 3 14.67 -16.92 -6.53
CA SER A 3 13.61 -17.25 -5.58
C SER A 3 13.40 -18.76 -5.45
N GLY A 4 12.28 -19.14 -4.85
CA GLY A 4 11.86 -20.51 -4.61
C GLY A 4 10.53 -20.42 -3.88
N SER A 5 10.26 -21.40 -3.02
CA SER A 5 9.17 -21.34 -2.07
C SER A 5 9.37 -20.20 -1.07
N SER A 6 8.28 -19.67 -0.52
CA SER A 6 8.26 -18.74 0.59
C SER A 6 7.07 -19.11 1.49
N GLY A 7 6.84 -18.38 2.58
CA GLY A 7 5.75 -18.65 3.52
C GLY A 7 5.23 -17.35 4.10
N ASP A 8 5.18 -16.29 3.28
CA ASP A 8 4.82 -14.95 3.74
C ASP A 8 3.35 -14.90 4.19
N ARG A 9 2.93 -13.84 4.88
CA ARG A 9 1.62 -13.79 5.53
C ARG A 9 0.99 -12.43 5.30
N VAL A 10 -0.19 -12.44 4.71
CA VAL A 10 -0.98 -11.25 4.44
C VAL A 10 -1.44 -10.74 5.80
N THR A 11 -1.01 -9.56 6.20
CA THR A 11 -1.18 -9.06 7.55
C THR A 11 -1.61 -7.59 7.49
N LEU A 12 -2.25 -7.12 8.57
CA LEU A 12 -2.55 -5.73 8.88
C LEU A 12 -3.52 -5.09 7.90
N GLU A 13 -3.96 -3.88 8.22
CA GLU A 13 -4.70 -3.00 7.34
C GLU A 13 -3.76 -2.60 6.21
N VAL A 14 -2.59 -2.04 6.57
CA VAL A 14 -1.58 -1.55 5.65
C VAL A 14 -1.19 -2.64 4.66
N GLY A 15 -0.65 -3.78 5.10
CA GLY A 15 -0.27 -4.88 4.23
C GLY A 15 -1.41 -5.31 3.31
N LYS A 16 -2.60 -5.59 3.86
CA LYS A 16 -3.76 -6.03 3.07
C LYS A 16 -4.15 -5.00 2.02
N VAL A 17 -4.13 -3.70 2.32
CA VAL A 17 -4.42 -2.64 1.35
C VAL A 17 -3.29 -2.51 0.32
N ILE A 18 -2.02 -2.67 0.74
CA ILE A 18 -0.86 -2.64 -0.15
C ILE A 18 -1.06 -3.71 -1.20
N GLN A 19 -1.24 -4.96 -0.76
CA GLN A 19 -1.39 -6.13 -1.60
C GLN A 19 -2.50 -5.89 -2.61
N GLN A 20 -3.70 -5.55 -2.12
CA GLN A 20 -4.87 -5.25 -2.91
C GLN A 20 -4.56 -4.20 -3.99
N GLY A 21 -4.14 -3.01 -3.59
CA GLY A 21 -4.02 -1.91 -4.53
C GLY A 21 -2.88 -2.09 -5.51
N ARG A 22 -1.82 -2.82 -5.13
CA ARG A 22 -0.81 -3.27 -6.08
C ARG A 22 -1.50 -4.13 -7.14
N GLN A 23 -2.13 -5.22 -6.70
CA GLN A 23 -2.75 -6.22 -7.54
C GLN A 23 -3.81 -5.62 -8.46
N SER A 24 -4.63 -4.66 -8.01
CA SER A 24 -5.62 -4.02 -8.88
C SER A 24 -4.94 -3.34 -10.07
N LYS A 25 -3.79 -2.71 -9.84
CA LYS A 25 -2.97 -2.08 -10.88
C LYS A 25 -2.09 -3.11 -11.60
N GLY A 26 -2.12 -4.38 -11.18
CA GLY A 26 -1.31 -5.48 -11.68
C GLY A 26 0.15 -5.39 -11.27
N LEU A 27 0.50 -4.45 -10.38
CA LEU A 27 1.87 -4.07 -10.13
C LEU A 27 2.52 -5.02 -9.13
N THR A 28 3.82 -5.26 -9.28
CA THR A 28 4.58 -6.11 -8.37
C THR A 28 4.97 -5.32 -7.11
N GLN A 29 5.61 -6.01 -6.15
CA GLN A 29 6.26 -5.36 -5.02
C GLN A 29 7.43 -4.48 -5.51
N LYS A 30 8.23 -4.94 -6.47
CA LYS A 30 9.28 -4.15 -7.10
C LYS A 30 8.76 -2.86 -7.69
N ASP A 31 7.60 -2.90 -8.36
CA ASP A 31 7.01 -1.73 -8.97
C ASP A 31 6.62 -0.72 -7.88
N LEU A 32 6.08 -1.20 -6.76
CA LEU A 32 5.72 -0.36 -5.60
C LEU A 32 6.98 0.28 -5.05
N ALA A 33 8.01 -0.54 -4.83
CA ALA A 33 9.28 -0.14 -4.27
C ALA A 33 9.82 1.03 -5.07
N THR A 34 9.98 0.84 -6.38
CA THR A 34 10.43 1.89 -7.27
C THR A 34 9.44 3.08 -7.32
N LYS A 35 8.12 2.88 -7.19
CA LYS A 35 7.16 3.99 -7.10
C LYS A 35 7.36 4.84 -5.84
N ILE A 36 8.11 4.37 -4.85
CA ILE A 36 8.46 5.11 -3.65
C ILE A 36 9.99 5.27 -3.51
N ASN A 37 10.75 4.86 -4.53
CA ASN A 37 12.21 4.78 -4.58
C ASN A 37 12.85 3.94 -3.46
N GLU A 38 12.15 2.92 -2.98
CA GLU A 38 12.61 1.98 -1.96
C GLU A 38 12.96 0.63 -2.57
N LYS A 39 13.34 -0.32 -1.71
CA LYS A 39 13.70 -1.70 -2.02
C LYS A 39 12.46 -2.59 -2.12
N PRO A 40 12.45 -3.59 -3.01
CA PRO A 40 11.41 -4.60 -3.07
C PRO A 40 11.41 -5.46 -1.81
N GLN A 41 12.51 -5.50 -1.05
CA GLN A 41 12.56 -6.23 0.19
C GLN A 41 11.60 -5.62 1.22
N VAL A 42 11.61 -4.29 1.37
CA VAL A 42 10.80 -3.67 2.43
C VAL A 42 9.32 -3.79 2.09
N ILE A 43 8.91 -3.78 0.81
CA ILE A 43 7.48 -3.91 0.50
C ILE A 43 6.97 -5.29 0.93
N ALA A 44 7.74 -6.34 0.64
CA ALA A 44 7.42 -7.68 1.10
C ALA A 44 7.41 -7.76 2.63
N ASP A 45 8.25 -6.99 3.31
CA ASP A 45 8.21 -6.82 4.76
C ASP A 45 6.87 -6.15 5.17
N TYR A 46 6.53 -4.96 4.65
CA TYR A 46 5.31 -4.20 4.96
C TYR A 46 4.04 -5.05 4.79
N GLU A 47 3.99 -5.95 3.82
CA GLU A 47 2.85 -6.84 3.65
C GLU A 47 2.73 -7.86 4.79
N SER A 48 3.82 -8.17 5.49
CA SER A 48 3.83 -8.85 6.78
C SER A 48 3.60 -7.83 7.91
N GLY A 49 4.06 -6.59 7.77
CA GLY A 49 4.02 -5.58 8.82
C GLY A 49 5.15 -5.76 9.84
N ARG A 50 6.33 -6.22 9.40
CA ARG A 50 7.48 -6.36 10.29
C ARG A 50 8.02 -4.98 10.64
N ALA A 51 8.43 -4.24 9.63
CA ALA A 51 8.86 -2.87 9.64
C ALA A 51 7.78 -2.01 10.28
N ILE A 52 8.19 -1.07 11.13
CA ILE A 52 7.26 -0.13 11.73
C ILE A 52 6.87 0.84 10.62
N PRO A 53 5.59 0.90 10.21
CA PRO A 53 5.18 1.67 9.06
C PRO A 53 5.37 3.14 9.40
N ASN A 54 6.27 3.85 8.70
CA ASN A 54 6.62 5.22 9.07
C ASN A 54 5.82 6.19 8.22
N ASN A 55 5.38 7.31 8.78
CA ASN A 55 4.44 8.22 8.12
C ASN A 55 5.06 8.76 6.82
N GLN A 56 6.36 9.06 6.82
CA GLN A 56 7.10 9.50 5.62
C GLN A 56 7.08 8.46 4.48
N VAL A 57 6.94 7.17 4.75
CA VAL A 57 6.87 6.11 3.74
C VAL A 57 5.41 5.83 3.41
N LEU A 58 4.53 5.75 4.42
CA LEU A 58 3.11 5.51 4.25
C LEU A 58 2.53 6.48 3.21
N GLY A 59 2.86 7.77 3.31
CA GLY A 59 2.44 8.75 2.33
C GLY A 59 2.92 8.43 0.91
N LYS A 60 4.16 7.96 0.75
CA LYS A 60 4.68 7.54 -0.56
C LYS A 60 3.84 6.40 -1.12
N ILE A 61 3.48 5.43 -0.28
CA ILE A 61 2.69 4.27 -0.68
C ILE A 61 1.28 4.72 -1.06
N GLU A 62 0.71 5.72 -0.38
CA GLU A 62 -0.61 6.22 -0.80
C GLU A 62 -0.53 6.70 -2.24
N ARG A 63 0.48 7.51 -2.58
CA ARG A 63 0.68 7.95 -3.97
C ARG A 63 1.00 6.80 -4.92
N ALA A 64 1.47 5.67 -4.42
CA ALA A 64 1.82 4.51 -5.22
C ALA A 64 0.58 3.83 -5.82
N ILE A 65 -0.42 3.50 -4.99
CA ILE A 65 -1.64 2.81 -5.42
C ILE A 65 -2.82 3.78 -5.61
N GLY A 66 -2.72 5.01 -5.07
CA GLY A 66 -3.74 6.06 -5.13
C GLY A 66 -4.89 5.83 -4.16
N LEU A 67 -4.63 5.14 -3.04
CA LEU A 67 -5.59 4.97 -1.96
C LEU A 67 -4.92 5.33 -0.64
N LYS A 68 -5.70 5.53 0.42
CA LYS A 68 -5.24 5.79 1.77
C LYS A 68 -4.61 4.53 2.35
N LEU A 69 -3.57 4.72 3.15
CA LEU A 69 -2.85 3.68 3.89
C LEU A 69 -2.97 3.94 5.39
N ARG A 70 -3.91 4.79 5.81
CA ARG A 70 -4.06 5.30 7.16
C ARG A 70 -5.54 5.46 7.47
N GLY A 71 -5.87 5.56 8.76
CA GLY A 71 -7.23 5.59 9.27
C GLY A 71 -7.92 4.23 9.12
N LYS A 72 -9.11 4.08 9.69
CA LYS A 72 -10.00 2.97 9.36
C LYS A 72 -10.49 3.12 7.92
N ASP A 73 -10.52 4.35 7.40
CA ASP A 73 -10.85 4.72 6.02
C ASP A 73 -9.74 4.34 5.03
N ILE A 74 -8.86 3.40 5.38
CA ILE A 74 -7.85 2.86 4.49
C ILE A 74 -8.50 2.33 3.20
N GLY A 75 -7.79 2.32 2.08
CA GLY A 75 -8.34 1.83 0.82
C GLY A 75 -9.38 2.76 0.19
N LYS A 76 -9.81 3.84 0.84
CA LYS A 76 -10.52 4.93 0.20
C LYS A 76 -9.50 5.69 -0.65
N PRO A 77 -9.92 6.28 -1.77
CA PRO A 77 -9.03 6.95 -2.70
C PRO A 77 -8.48 8.25 -2.13
N ILE A 78 -7.35 8.72 -2.67
CA ILE A 78 -6.72 9.99 -2.28
C ILE A 78 -6.97 11.02 -3.37
N GLU A 79 -7.27 12.27 -2.96
CA GLU A 79 -7.47 13.44 -3.83
C GLU A 79 -8.46 13.11 -4.95
N LYS A 80 -9.65 12.61 -4.60
CA LYS A 80 -10.64 12.09 -5.54
C LYS A 80 -11.95 12.79 -5.23
N GLY A 81 -12.37 13.70 -6.10
CA GLY A 81 -13.58 14.50 -5.93
C GLY A 81 -13.23 15.99 -5.89
N PRO A 82 -14.24 16.84 -5.60
CA PRO A 82 -14.19 18.29 -5.73
C PRO A 82 -13.38 18.90 -4.58
N ARG A 83 -12.06 18.84 -4.69
CA ARG A 83 -11.10 19.38 -3.73
C ARG A 83 -9.77 19.47 -4.44
N ALA A 84 -9.50 20.58 -5.11
CA ALA A 84 -8.23 20.91 -5.74
C ALA A 84 -8.11 22.43 -5.81
N LYS A 85 -6.93 22.95 -6.12
CA LYS A 85 -6.63 24.39 -6.14
C LYS A 85 -6.10 24.89 -7.49
N SER A 86 -6.15 24.06 -8.53
CA SER A 86 -5.67 24.39 -9.88
C SER A 86 -6.79 24.01 -10.86
N GLY A 87 -6.64 24.41 -12.12
CA GLY A 87 -7.58 24.16 -13.21
C GLY A 87 -8.16 25.49 -13.69
N PRO A 88 -7.47 26.23 -14.58
CA PRO A 88 -7.92 27.54 -15.03
C PRO A 88 -9.11 27.43 -16.01
N SER A 89 -9.60 28.58 -16.42
CA SER A 89 -10.45 28.81 -17.58
C SER A 89 -10.01 30.15 -18.20
N SER A 90 -10.47 30.45 -19.40
CA SER A 90 -10.29 31.70 -20.11
C SER A 90 -11.52 31.95 -21.00
N GLY A 91 -12.65 31.33 -20.69
CA GLY A 91 -13.42 30.57 -21.66
C GLY A 91 -13.15 29.10 -21.37
N GLY A 1 8.67 -21.78 2.17
CA GLY A 1 9.98 -21.97 2.82
C GLY A 1 10.64 -20.61 2.95
N SER A 2 11.57 -20.47 3.91
CA SER A 2 12.04 -19.18 4.43
C SER A 2 10.88 -18.45 5.12
N SER A 3 9.86 -18.02 4.36
CA SER A 3 8.53 -17.73 4.86
C SER A 3 7.89 -18.97 5.49
N GLY A 4 6.79 -18.76 6.22
CA GLY A 4 5.94 -19.81 6.75
C GLY A 4 4.77 -20.02 5.80
N SER A 5 3.77 -19.15 5.90
CA SER A 5 2.51 -19.17 5.15
C SER A 5 1.79 -20.51 5.26
N SER A 6 0.87 -20.62 6.22
CA SER A 6 -0.07 -21.72 6.34
C SER A 6 -1.43 -21.18 6.83
N GLY A 7 -2.53 -21.70 6.30
CA GLY A 7 -3.89 -21.28 6.59
C GLY A 7 -4.25 -19.91 5.99
N ASP A 8 -5.53 -19.54 6.02
CA ASP A 8 -6.09 -18.33 5.39
C ASP A 8 -5.88 -17.10 6.28
N ARG A 9 -4.65 -16.90 6.77
CA ARG A 9 -4.35 -15.81 7.69
C ARG A 9 -4.56 -14.47 7.00
N VAL A 10 -5.26 -13.58 7.69
CA VAL A 10 -5.27 -12.15 7.41
C VAL A 10 -3.85 -11.58 7.58
N THR A 11 -3.65 -10.38 7.04
CA THR A 11 -2.59 -9.47 7.43
C THR A 11 -3.25 -8.21 7.99
N LEU A 12 -2.43 -7.31 8.51
CA LEU A 12 -2.85 -6.03 9.04
C LEU A 12 -3.43 -5.17 7.93
N GLU A 13 -4.21 -4.14 8.32
CA GLU A 13 -4.96 -3.31 7.38
C GLU A 13 -4.07 -2.76 6.28
N VAL A 14 -2.94 -2.16 6.69
CA VAL A 14 -1.89 -1.61 5.84
C VAL A 14 -1.45 -2.67 4.84
N GLY A 15 -0.88 -3.79 5.31
CA GLY A 15 -0.38 -4.85 4.44
C GLY A 15 -1.43 -5.33 3.44
N LYS A 16 -2.69 -5.46 3.87
CA LYS A 16 -3.76 -5.93 3.01
C LYS A 16 -4.00 -4.94 1.88
N VAL A 17 -4.18 -3.65 2.21
CA VAL A 17 -4.45 -2.61 1.22
C VAL A 17 -3.25 -2.40 0.31
N ILE A 18 -2.04 -2.57 0.82
CA ILE A 18 -0.82 -2.54 0.04
C ILE A 18 -0.92 -3.59 -1.06
N GLN A 19 -1.14 -4.85 -0.68
CA GLN A 19 -1.25 -5.97 -1.60
C GLN A 19 -2.39 -5.74 -2.60
N GLN A 20 -3.59 -5.35 -2.13
CA GLN A 20 -4.72 -5.09 -3.00
C GLN A 20 -4.43 -4.00 -4.01
N GLY A 21 -3.98 -2.83 -3.58
CA GLY A 21 -3.82 -1.73 -4.50
C GLY A 21 -2.62 -1.92 -5.44
N ARG A 22 -1.61 -2.69 -5.03
CA ARG A 22 -0.66 -3.23 -5.98
C ARG A 22 -1.40 -4.01 -7.07
N GLN A 23 -1.99 -5.14 -6.67
CA GLN A 23 -2.51 -6.12 -7.58
C GLN A 23 -3.61 -5.52 -8.46
N SER A 24 -4.40 -4.60 -7.91
CA SER A 24 -5.50 -3.95 -8.60
C SER A 24 -4.98 -3.00 -9.70
N LYS A 25 -3.69 -2.72 -9.75
CA LYS A 25 -3.01 -1.95 -10.79
C LYS A 25 -1.97 -2.82 -11.50
N GLY A 26 -1.90 -4.12 -11.21
CA GLY A 26 -0.96 -5.09 -11.74
C GLY A 26 0.48 -4.91 -11.23
N LEU A 27 0.71 -3.95 -10.33
CA LEU A 27 2.01 -3.58 -9.81
C LEU A 27 2.51 -4.75 -8.98
N THR A 28 3.64 -5.31 -9.38
CA THR A 28 4.32 -6.26 -8.51
C THR A 28 4.93 -5.53 -7.32
N GLN A 29 5.48 -6.28 -6.35
CA GLN A 29 6.20 -5.71 -5.23
C GLN A 29 7.29 -4.77 -5.72
N LYS A 30 8.19 -5.24 -6.59
CA LYS A 30 9.25 -4.43 -7.16
C LYS A 30 8.72 -3.22 -7.92
N ASP A 31 7.51 -3.29 -8.47
CA ASP A 31 6.91 -2.08 -9.09
C ASP A 31 6.55 -1.05 -8.03
N LEU A 32 6.10 -1.49 -6.85
CA LEU A 32 5.73 -0.60 -5.76
C LEU A 32 6.95 0.11 -5.18
N ALA A 33 8.00 -0.67 -4.89
CA ALA A 33 9.28 -0.16 -4.45
C ALA A 33 9.78 0.92 -5.41
N THR A 34 9.81 0.61 -6.69
CA THR A 34 10.28 1.52 -7.72
C THR A 34 9.33 2.72 -7.89
N LYS A 35 8.02 2.58 -7.65
CA LYS A 35 7.09 3.71 -7.58
C LYS A 35 7.48 4.69 -6.48
N ILE A 36 7.75 4.23 -5.26
CA ILE A 36 8.05 5.12 -4.14
C ILE A 36 9.55 5.49 -4.07
N ASN A 37 10.35 4.86 -4.92
CA ASN A 37 11.81 4.86 -4.96
C ASN A 37 12.44 4.33 -3.66
N GLU A 38 12.20 3.05 -3.39
CA GLU A 38 12.73 2.28 -2.27
C GLU A 38 13.25 0.92 -2.75
N LYS A 39 13.79 0.12 -1.82
CA LYS A 39 14.13 -1.28 -2.04
C LYS A 39 12.86 -2.12 -1.94
N PRO A 40 12.80 -3.27 -2.61
CA PRO A 40 11.63 -4.13 -2.58
C PRO A 40 11.51 -5.02 -1.34
N GLN A 41 12.57 -5.14 -0.54
CA GLN A 41 12.54 -5.96 0.65
C GLN A 41 11.66 -5.31 1.72
N VAL A 42 11.82 -4.01 1.90
CA VAL A 42 11.18 -3.28 2.97
C VAL A 42 9.66 -3.28 2.72
N ILE A 43 9.24 -3.15 1.45
CA ILE A 43 7.86 -3.32 0.99
C ILE A 43 7.32 -4.70 1.38
N ALA A 44 8.07 -5.76 1.07
CA ALA A 44 7.65 -7.12 1.41
C ALA A 44 7.45 -7.28 2.93
N ASP A 45 8.21 -6.54 3.72
CA ASP A 45 8.09 -6.55 5.17
C ASP A 45 6.90 -5.72 5.64
N TYR A 46 6.50 -4.65 4.94
CA TYR A 46 5.24 -3.95 5.20
C TYR A 46 4.06 -4.90 5.04
N GLU A 47 4.06 -5.73 3.99
CA GLU A 47 2.93 -6.55 3.61
C GLU A 47 2.45 -7.48 4.73
N SER A 48 3.39 -8.07 5.45
CA SER A 48 3.08 -8.96 6.57
C SER A 48 3.31 -8.34 7.93
N GLY A 49 3.58 -7.04 8.01
CA GLY A 49 3.45 -6.34 9.27
C GLY A 49 4.76 -6.15 10.02
N ARG A 50 5.89 -6.64 9.49
CA ARG A 50 7.17 -6.61 10.20
C ARG A 50 8.02 -5.38 9.91
N ALA A 51 7.80 -4.67 8.80
CA ALA A 51 8.41 -3.36 8.66
C ALA A 51 7.77 -2.46 9.72
N ILE A 52 8.52 -1.52 10.28
CA ILE A 52 7.97 -0.52 11.16
C ILE A 52 7.19 0.45 10.26
N PRO A 53 5.86 0.57 10.41
CA PRO A 53 5.08 1.43 9.55
C PRO A 53 5.39 2.88 9.93
N ASN A 54 5.85 3.65 8.95
CA ASN A 54 6.36 4.99 9.14
C ASN A 54 5.70 5.90 8.11
N ASN A 55 5.02 6.94 8.58
CA ASN A 55 4.35 7.92 7.76
C ASN A 55 5.20 8.47 6.63
N GLN A 56 6.51 8.60 6.85
CA GLN A 56 7.43 9.10 5.84
C GLN A 56 7.38 8.26 4.55
N VAL A 57 7.19 6.95 4.68
CA VAL A 57 7.04 5.97 3.60
C VAL A 57 5.56 5.76 3.30
N LEU A 58 4.66 5.66 4.29
CA LEU A 58 3.24 5.42 4.05
C LEU A 58 2.65 6.49 3.14
N GLY A 59 3.03 7.76 3.31
CA GLY A 59 2.59 8.82 2.42
C GLY A 59 2.97 8.58 0.96
N LYS A 60 4.18 8.04 0.72
CA LYS A 60 4.62 7.62 -0.60
C LYS A 60 3.76 6.46 -1.11
N ILE A 61 3.55 5.43 -0.28
CA ILE A 61 2.78 4.24 -0.65
C ILE A 61 1.35 4.62 -1.01
N GLU A 62 0.78 5.62 -0.36
CA GLU A 62 -0.55 6.09 -0.72
C GLU A 62 -0.60 6.49 -2.19
N ARG A 63 0.35 7.32 -2.66
CA ARG A 63 0.41 7.69 -4.07
C ARG A 63 0.59 6.44 -4.95
N ALA A 64 1.35 5.47 -4.45
CA ALA A 64 1.74 4.27 -5.16
C ALA A 64 0.54 3.44 -5.63
N ILE A 65 -0.56 3.43 -4.86
CA ILE A 65 -1.79 2.72 -5.21
C ILE A 65 -2.98 3.68 -5.43
N GLY A 66 -2.82 4.96 -5.05
CA GLY A 66 -3.84 5.99 -5.06
C GLY A 66 -4.99 5.69 -4.11
N LEU A 67 -4.71 5.16 -2.92
CA LEU A 67 -5.72 4.95 -1.88
C LEU A 67 -5.09 5.24 -0.50
N LYS A 68 -5.93 5.41 0.51
CA LYS A 68 -5.56 5.67 1.90
C LYS A 68 -4.90 4.46 2.53
N LEU A 69 -3.90 4.68 3.37
CA LEU A 69 -3.15 3.69 4.14
C LEU A 69 -3.33 3.90 5.65
N ARG A 70 -4.17 4.85 6.08
CA ARG A 70 -4.48 5.10 7.48
C ARG A 70 -5.96 5.38 7.67
N GLY A 71 -6.41 5.26 8.91
CA GLY A 71 -7.80 5.28 9.33
C GLY A 71 -8.47 3.96 8.97
N LYS A 72 -9.66 3.70 9.51
CA LYS A 72 -10.45 2.56 9.03
C LYS A 72 -11.04 2.89 7.65
N ASP A 73 -10.91 4.13 7.18
CA ASP A 73 -11.12 4.55 5.79
C ASP A 73 -10.05 3.96 4.84
N ILE A 74 -9.16 3.07 5.29
CA ILE A 74 -8.11 2.49 4.47
C ILE A 74 -8.70 1.92 3.16
N GLY A 75 -7.98 2.06 2.05
CA GLY A 75 -8.46 1.59 0.77
C GLY A 75 -9.62 2.42 0.18
N LYS A 76 -10.06 3.51 0.82
CA LYS A 76 -10.82 4.57 0.16
C LYS A 76 -9.78 5.46 -0.55
N PRO A 77 -10.17 6.17 -1.60
CA PRO A 77 -9.24 6.90 -2.44
C PRO A 77 -8.65 8.12 -1.75
N ILE A 78 -7.50 8.57 -2.26
CA ILE A 78 -6.85 9.82 -1.88
C ILE A 78 -7.17 10.81 -2.98
N GLU A 79 -7.32 12.09 -2.60
CA GLU A 79 -7.64 13.24 -3.45
C GLU A 79 -8.35 12.89 -4.75
N LYS A 80 -9.52 12.24 -4.64
CA LYS A 80 -10.11 11.56 -5.78
C LYS A 80 -10.42 12.56 -6.89
N GLY A 81 -10.91 13.75 -6.54
CA GLY A 81 -11.10 14.84 -7.48
C GLY A 81 -10.77 16.18 -6.83
N PRO A 82 -10.74 17.27 -7.63
CA PRO A 82 -10.48 18.62 -7.19
C PRO A 82 -11.58 19.12 -6.24
N ARG A 83 -11.29 19.10 -4.93
CA ARG A 83 -12.23 19.36 -3.84
C ARG A 83 -13.50 18.55 -4.07
N ALA A 84 -14.65 19.23 -4.22
CA ALA A 84 -15.98 18.74 -4.57
C ALA A 84 -16.15 17.24 -4.29
N LYS A 85 -16.35 16.88 -3.02
CA LYS A 85 -16.37 15.48 -2.58
C LYS A 85 -17.43 14.64 -3.32
N SER A 86 -18.56 15.24 -3.70
CA SER A 86 -19.56 14.58 -4.52
C SER A 86 -20.27 15.63 -5.38
N GLY A 87 -21.13 15.17 -6.28
CA GLY A 87 -21.75 15.94 -7.34
C GLY A 87 -20.90 15.79 -8.61
N PRO A 88 -21.48 15.47 -9.78
CA PRO A 88 -20.76 15.52 -11.04
C PRO A 88 -20.45 16.98 -11.39
N SER A 89 -19.51 17.21 -12.32
CA SER A 89 -19.12 18.56 -12.72
C SER A 89 -18.53 18.52 -14.12
N SER A 90 -17.37 17.87 -14.27
CA SER A 90 -16.91 17.40 -15.56
C SER A 90 -17.64 16.10 -15.86
N GLY A 91 -18.15 15.96 -17.08
CA GLY A 91 -18.58 14.69 -17.62
C GLY A 91 -17.36 13.81 -17.83
N GLY A 1 12.02 -12.57 -8.11
CA GLY A 1 11.25 -11.69 -7.23
C GLY A 1 11.34 -12.14 -5.78
N SER A 2 10.88 -13.36 -5.47
CA SER A 2 10.94 -14.07 -4.20
C SER A 2 9.66 -13.86 -3.37
N SER A 3 8.53 -14.14 -3.99
CA SER A 3 7.24 -14.39 -3.36
C SER A 3 6.57 -15.52 -4.16
N GLY A 4 5.51 -16.12 -3.63
CA GLY A 4 4.82 -17.24 -4.25
C GLY A 4 4.30 -18.29 -3.26
N SER A 5 4.27 -17.99 -1.96
CA SER A 5 3.63 -18.83 -0.96
C SER A 5 2.10 -18.66 -1.07
N SER A 6 1.32 -19.48 -0.35
CA SER A 6 -0.09 -19.21 -0.17
C SER A 6 -0.23 -18.04 0.80
N GLY A 7 0.36 -18.13 2.00
CA GLY A 7 0.28 -17.11 3.03
C GLY A 7 0.44 -17.74 4.40
N ASP A 8 0.33 -16.94 5.47
CA ASP A 8 0.29 -17.39 6.85
C ASP A 8 -0.28 -16.28 7.72
N ARG A 9 -1.09 -16.61 8.74
CA ARG A 9 -2.02 -15.71 9.43
C ARG A 9 -2.99 -15.08 8.43
N VAL A 10 -3.79 -14.13 8.89
CA VAL A 10 -4.39 -13.12 8.05
C VAL A 10 -3.37 -11.98 7.86
N THR A 11 -3.60 -11.09 6.91
CA THR A 11 -2.82 -9.86 6.79
C THR A 11 -3.35 -8.80 7.76
N LEU A 12 -2.46 -7.85 8.07
CA LEU A 12 -2.77 -6.57 8.71
C LEU A 12 -3.55 -5.69 7.72
N GLU A 13 -4.14 -4.59 8.21
CA GLU A 13 -4.80 -3.57 7.41
C GLU A 13 -3.87 -2.98 6.34
N VAL A 14 -2.73 -2.43 6.75
CA VAL A 14 -1.75 -1.81 5.85
C VAL A 14 -1.38 -2.83 4.76
N GLY A 15 -0.88 -4.00 5.13
CA GLY A 15 -0.55 -5.06 4.19
C GLY A 15 -1.69 -5.40 3.27
N LYS A 16 -2.92 -5.55 3.79
CA LYS A 16 -4.07 -5.92 2.98
C LYS A 16 -4.27 -4.88 1.90
N VAL A 17 -4.35 -3.60 2.27
CA VAL A 17 -4.56 -2.51 1.33
C VAL A 17 -3.37 -2.41 0.36
N ILE A 18 -2.14 -2.72 0.77
CA ILE A 18 -0.97 -2.74 -0.11
C ILE A 18 -1.15 -3.86 -1.14
N GLN A 19 -1.29 -5.10 -0.69
CA GLN A 19 -1.43 -6.30 -1.49
C GLN A 19 -2.57 -6.12 -2.51
N GLN A 20 -3.71 -5.61 -2.04
CA GLN A 20 -4.86 -5.25 -2.83
C GLN A 20 -4.49 -4.17 -3.84
N GLY A 21 -4.14 -2.97 -3.38
CA GLY A 21 -3.96 -1.80 -4.23
C GLY A 21 -2.83 -1.96 -5.24
N ARG A 22 -1.83 -2.79 -4.95
CA ARG A 22 -0.86 -3.27 -5.93
C ARG A 22 -1.60 -3.98 -7.04
N GLN A 23 -2.25 -5.09 -6.71
CA GLN A 23 -2.94 -5.97 -7.63
C GLN A 23 -4.21 -5.35 -8.24
N SER A 24 -4.66 -4.19 -7.78
CA SER A 24 -5.61 -3.32 -8.48
C SER A 24 -5.00 -2.67 -9.72
N LYS A 25 -3.68 -2.71 -9.91
CA LYS A 25 -2.94 -2.29 -11.10
C LYS A 25 -1.89 -3.33 -11.51
N GLY A 26 -1.93 -4.53 -10.94
CA GLY A 26 -0.95 -5.61 -11.14
C GLY A 26 0.46 -5.30 -10.62
N LEU A 27 0.68 -4.16 -9.95
CA LEU A 27 2.03 -3.64 -9.71
C LEU A 27 2.76 -4.58 -8.76
N THR A 28 3.95 -5.04 -9.16
CA THR A 28 4.76 -5.92 -8.33
C THR A 28 5.23 -5.19 -7.08
N GLN A 29 5.79 -5.93 -6.12
CA GLN A 29 6.41 -5.32 -4.96
C GLN A 29 7.64 -4.49 -5.37
N LYS A 30 8.38 -4.93 -6.40
CA LYS A 30 9.45 -4.13 -7.00
C LYS A 30 8.90 -2.83 -7.58
N ASP A 31 7.78 -2.89 -8.29
CA ASP A 31 7.22 -1.71 -8.92
C ASP A 31 6.75 -0.72 -7.87
N LEU A 32 6.17 -1.19 -6.76
CA LEU A 32 5.85 -0.36 -5.60
C LEU A 32 7.12 0.29 -5.08
N ALA A 33 8.17 -0.52 -4.83
CA ALA A 33 9.44 -0.06 -4.27
C ALA A 33 10.00 1.08 -5.13
N THR A 34 10.03 0.90 -6.44
CA THR A 34 10.44 1.93 -7.40
C THR A 34 9.57 3.18 -7.27
N LYS A 35 8.25 3.06 -7.18
CA LYS A 35 7.34 4.21 -7.02
C LYS A 35 7.61 5.04 -5.76
N ILE A 36 8.26 4.49 -4.74
CA ILE A 36 8.60 5.19 -3.51
C ILE A 36 10.12 5.36 -3.34
N ASN A 37 10.91 4.97 -4.35
CA ASN A 37 12.36 4.94 -4.36
C ASN A 37 12.91 4.23 -3.12
N GLU A 38 12.38 3.05 -2.81
CA GLU A 38 12.75 2.20 -1.69
C GLU A 38 13.05 0.78 -2.21
N LYS A 39 13.24 -0.20 -1.33
CA LYS A 39 13.65 -1.56 -1.68
C LYS A 39 12.47 -2.53 -1.62
N PRO A 40 12.41 -3.55 -2.48
CA PRO A 40 11.30 -4.49 -2.51
C PRO A 40 11.30 -5.48 -1.35
N GLN A 41 12.42 -5.68 -0.65
CA GLN A 41 12.41 -6.40 0.62
C GLN A 41 11.47 -5.67 1.58
N VAL A 42 11.65 -4.35 1.78
CA VAL A 42 10.85 -3.64 2.76
C VAL A 42 9.38 -3.61 2.34
N ILE A 43 9.03 -3.64 1.04
CA ILE A 43 7.65 -3.74 0.59
C ILE A 43 7.02 -5.04 1.08
N ALA A 44 7.70 -6.17 0.85
CA ALA A 44 7.22 -7.48 1.29
C ALA A 44 7.14 -7.55 2.82
N ASP A 45 8.01 -6.85 3.53
CA ASP A 45 8.00 -6.80 4.98
C ASP A 45 6.89 -5.87 5.48
N TYR A 46 6.58 -4.80 4.75
CA TYR A 46 5.44 -3.91 4.97
C TYR A 46 4.15 -4.73 4.91
N GLU A 47 4.00 -5.63 3.94
CA GLU A 47 2.83 -6.48 3.78
C GLU A 47 2.65 -7.34 5.04
N SER A 48 3.66 -8.14 5.40
CA SER A 48 3.56 -8.98 6.60
C SER A 48 3.53 -8.18 7.92
N GLY A 49 3.77 -6.86 7.91
CA GLY A 49 3.75 -6.06 9.12
C GLY A 49 5.10 -5.96 9.80
N ARG A 50 6.13 -6.61 9.24
CA ARG A 50 7.47 -6.68 9.78
C ARG A 50 8.18 -5.34 9.69
N ALA A 51 8.08 -4.64 8.56
CA ALA A 51 8.63 -3.30 8.47
C ALA A 51 7.86 -2.40 9.44
N ILE A 52 8.57 -1.51 10.13
CA ILE A 52 7.93 -0.44 10.90
C ILE A 52 7.45 0.58 9.86
N PRO A 53 6.14 0.84 9.73
CA PRO A 53 5.64 1.65 8.64
C PRO A 53 5.92 3.13 8.95
N ASN A 54 6.77 3.75 8.14
CA ASN A 54 7.27 5.10 8.30
C ASN A 54 6.21 6.05 7.76
N ASN A 55 5.83 7.10 8.50
CA ASN A 55 4.83 8.09 8.09
C ASN A 55 5.14 8.73 6.73
N GLN A 56 6.41 8.94 6.39
CA GLN A 56 6.84 9.41 5.08
C GLN A 56 6.38 8.42 4.02
N VAL A 57 6.91 7.21 4.10
CA VAL A 57 6.72 6.16 3.12
C VAL A 57 5.25 5.79 3.03
N LEU A 58 4.53 5.71 4.15
CA LEU A 58 3.10 5.43 4.17
C LEU A 58 2.36 6.31 3.17
N GLY A 59 2.65 7.61 3.13
CA GLY A 59 2.02 8.53 2.17
C GLY A 59 2.51 8.34 0.74
N LYS A 60 3.77 7.97 0.54
CA LYS A 60 4.30 7.64 -0.78
C LYS A 60 3.61 6.39 -1.32
N ILE A 61 3.36 5.40 -0.47
CA ILE A 61 2.59 4.20 -0.78
C ILE A 61 1.16 4.61 -1.12
N GLU A 62 0.58 5.61 -0.45
CA GLU A 62 -0.76 6.06 -0.85
C GLU A 62 -0.74 6.49 -2.31
N ARG A 63 0.20 7.35 -2.72
CA ARG A 63 0.33 7.75 -4.12
C ARG A 63 0.69 6.56 -4.99
N ALA A 64 1.36 5.54 -4.45
CA ALA A 64 1.75 4.34 -5.17
C ALA A 64 0.53 3.55 -5.69
N ILE A 65 -0.57 3.47 -4.92
CA ILE A 65 -1.76 2.69 -5.29
C ILE A 65 -3.02 3.54 -5.44
N GLY A 66 -2.96 4.81 -5.07
CA GLY A 66 -4.06 5.77 -5.06
C GLY A 66 -5.18 5.39 -4.10
N LEU A 67 -4.86 4.82 -2.94
CA LEU A 67 -5.78 4.60 -1.82
C LEU A 67 -5.08 5.04 -0.54
N LYS A 68 -5.83 5.20 0.55
CA LYS A 68 -5.34 5.62 1.86
C LYS A 68 -4.66 4.45 2.54
N LEU A 69 -3.56 4.71 3.26
CA LEU A 69 -2.77 3.74 4.01
C LEU A 69 -2.76 4.09 5.52
N ARG A 70 -3.61 5.02 5.96
CA ARG A 70 -3.77 5.41 7.36
C ARG A 70 -5.27 5.62 7.63
N GLY A 71 -5.64 5.75 8.90
CA GLY A 71 -7.02 5.82 9.38
C GLY A 71 -7.71 4.46 9.29
N LYS A 72 -8.91 4.33 9.85
CA LYS A 72 -9.80 3.19 9.55
C LYS A 72 -10.45 3.37 8.18
N ASP A 73 -10.40 4.57 7.59
CA ASP A 73 -10.76 4.82 6.19
C ASP A 73 -9.65 4.29 5.25
N ILE A 74 -8.75 3.39 5.69
CA ILE A 74 -7.77 2.74 4.84
C ILE A 74 -8.45 2.07 3.64
N GLY A 75 -7.75 2.01 2.51
CA GLY A 75 -8.27 1.44 1.27
C GLY A 75 -9.43 2.22 0.65
N LYS A 76 -9.88 3.32 1.28
CA LYS A 76 -10.65 4.33 0.57
C LYS A 76 -9.68 5.10 -0.32
N PRO A 77 -10.15 5.71 -1.40
CA PRO A 77 -9.32 6.50 -2.29
C PRO A 77 -8.60 7.64 -1.55
N ILE A 78 -7.49 8.09 -2.14
CA ILE A 78 -6.97 9.42 -1.97
C ILE A 78 -7.39 10.19 -3.22
N GLU A 79 -7.51 11.52 -3.08
CA GLU A 79 -7.63 12.53 -4.14
C GLU A 79 -8.21 11.98 -5.46
N LYS A 80 -9.45 11.47 -5.40
CA LYS A 80 -10.22 10.88 -6.51
C LYS A 80 -11.68 10.60 -6.12
N GLY A 81 -11.97 10.30 -4.85
CA GLY A 81 -13.28 9.82 -4.42
C GLY A 81 -14.02 10.87 -3.59
N PRO A 82 -15.07 11.51 -4.12
CA PRO A 82 -15.84 12.57 -3.47
C PRO A 82 -16.74 11.99 -2.36
N ARG A 83 -16.13 11.51 -1.27
CA ARG A 83 -16.79 10.79 -0.18
C ARG A 83 -16.15 11.22 1.13
N ALA A 84 -16.95 11.87 1.99
CA ALA A 84 -16.55 12.25 3.33
C ALA A 84 -16.08 11.03 4.11
N LYS A 85 -15.04 11.19 4.91
CA LYS A 85 -14.46 10.15 5.75
C LYS A 85 -15.48 9.73 6.79
N SER A 86 -15.47 8.46 7.18
CA SER A 86 -16.25 8.04 8.33
C SER A 86 -15.56 8.61 9.59
N GLY A 87 -14.24 8.46 9.72
CA GLY A 87 -13.48 8.95 10.86
C GLY A 87 -13.23 10.46 10.75
N PRO A 88 -13.74 11.29 11.68
CA PRO A 88 -13.32 12.69 11.80
C PRO A 88 -11.94 12.77 12.45
N SER A 89 -11.47 13.98 12.73
CA SER A 89 -10.40 14.25 13.67
C SER A 89 -10.79 15.48 14.47
N SER A 90 -10.15 15.72 15.61
CA SER A 90 -9.96 17.07 16.06
C SER A 90 -8.79 17.58 15.24
N GLY A 91 -8.98 18.69 14.54
CA GLY A 91 -8.09 19.26 13.56
C GLY A 91 -8.77 20.53 13.13
N GLY A 1 18.00 -18.77 -7.34
CA GLY A 1 17.46 -19.94 -6.64
C GLY A 1 15.93 -19.90 -6.57
N SER A 2 15.35 -20.93 -5.95
CA SER A 2 13.91 -21.09 -5.87
C SER A 2 13.30 -20.07 -4.89
N SER A 3 12.00 -19.84 -5.04
CA SER A 3 11.17 -19.09 -4.13
C SER A 3 9.85 -19.82 -3.91
N GLY A 4 9.73 -20.54 -2.80
CA GLY A 4 8.48 -21.04 -2.27
C GLY A 4 8.37 -20.71 -0.79
N SER A 5 7.20 -20.88 -0.19
CA SER A 5 7.01 -20.69 1.25
C SER A 5 5.76 -21.42 1.77
N SER A 6 4.64 -21.39 1.03
CA SER A 6 3.37 -22.04 1.34
C SER A 6 3.02 -21.97 2.84
N GLY A 7 2.59 -20.79 3.29
CA GLY A 7 2.19 -20.51 4.66
C GLY A 7 0.93 -19.64 4.66
N ASP A 8 0.44 -19.31 5.85
CA ASP A 8 -0.81 -18.58 6.05
C ASP A 8 -0.69 -17.71 7.29
N ARG A 9 -1.31 -16.53 7.29
CA ARG A 9 -1.30 -15.58 8.41
C ARG A 9 -2.22 -14.39 8.16
N VAL A 10 -2.66 -13.75 9.22
CA VAL A 10 -3.17 -12.38 9.19
C VAL A 10 -2.03 -11.41 8.81
N THR A 11 -2.37 -10.20 8.38
CA THR A 11 -1.45 -9.07 8.28
C THR A 11 -2.13 -7.83 8.84
N LEU A 12 -1.36 -6.76 9.02
CA LEU A 12 -1.82 -5.44 9.45
C LEU A 12 -2.68 -4.82 8.34
N GLU A 13 -3.46 -3.79 8.68
CA GLU A 13 -4.27 -3.09 7.68
C GLU A 13 -3.38 -2.53 6.58
N VAL A 14 -2.21 -1.98 6.92
CA VAL A 14 -1.25 -1.45 5.95
C VAL A 14 -0.88 -2.55 4.95
N GLY A 15 -0.35 -3.69 5.38
CA GLY A 15 0.02 -4.78 4.49
C GLY A 15 -1.17 -5.26 3.64
N LYS A 16 -2.38 -5.31 4.22
CA LYS A 16 -3.58 -5.66 3.48
C LYS A 16 -3.83 -4.63 2.38
N VAL A 17 -4.00 -3.35 2.72
CA VAL A 17 -4.35 -2.27 1.80
C VAL A 17 -3.26 -2.10 0.74
N ILE A 18 -1.98 -2.26 1.12
CA ILE A 18 -0.87 -2.34 0.18
C ILE A 18 -1.22 -3.41 -0.82
N GLN A 19 -1.25 -4.67 -0.39
CA GLN A 19 -1.34 -5.80 -1.28
C GLN A 19 -2.60 -5.72 -2.14
N GLN A 20 -3.70 -5.18 -1.61
CA GLN A 20 -4.95 -4.91 -2.30
C GLN A 20 -4.70 -4.00 -3.50
N GLY A 21 -4.36 -2.73 -3.25
CA GLY A 21 -4.26 -1.75 -4.32
C GLY A 21 -3.06 -2.03 -5.23
N ARG A 22 -1.98 -2.59 -4.67
CA ARG A 22 -0.82 -3.08 -5.38
C ARG A 22 -1.28 -4.08 -6.45
N GLN A 23 -1.90 -5.20 -6.06
CA GLN A 23 -2.32 -6.21 -7.01
C GLN A 23 -3.37 -5.67 -7.97
N SER A 24 -4.30 -4.83 -7.51
CA SER A 24 -5.37 -4.33 -8.37
C SER A 24 -4.89 -3.24 -9.33
N LYS A 25 -3.62 -2.83 -9.26
CA LYS A 25 -2.95 -2.04 -10.29
C LYS A 25 -1.80 -2.83 -10.93
N GLY A 26 -1.75 -4.13 -10.68
CA GLY A 26 -0.82 -5.12 -11.24
C GLY A 26 0.59 -5.07 -10.68
N LEU A 27 0.85 -4.20 -9.70
CA LEU A 27 2.20 -3.73 -9.38
C LEU A 27 2.95 -4.86 -8.69
N THR A 28 4.17 -5.15 -9.16
CA THR A 28 5.04 -6.05 -8.41
C THR A 28 5.48 -5.35 -7.10
N GLN A 29 6.14 -6.10 -6.22
CA GLN A 29 6.81 -5.48 -5.08
C GLN A 29 7.93 -4.53 -5.57
N LYS A 30 8.57 -4.79 -6.72
CA LYS A 30 9.55 -3.89 -7.33
C LYS A 30 8.93 -2.64 -7.89
N ASP A 31 7.75 -2.72 -8.52
CA ASP A 31 7.07 -1.55 -9.08
C ASP A 31 6.70 -0.62 -7.93
N LEU A 32 6.09 -1.18 -6.88
CA LEU A 32 5.74 -0.44 -5.66
C LEU A 32 6.98 0.21 -5.05
N ALA A 33 8.07 -0.54 -4.92
CA ALA A 33 9.33 -0.04 -4.38
C ALA A 33 9.86 1.14 -5.20
N THR A 34 9.93 0.97 -6.51
CA THR A 34 10.35 2.00 -7.47
C THR A 34 9.50 3.26 -7.28
N LYS A 35 8.17 3.10 -7.21
CA LYS A 35 7.20 4.17 -7.00
C LYS A 35 7.39 4.95 -5.71
N ILE A 36 8.16 4.44 -4.76
CA ILE A 36 8.49 5.13 -3.51
C ILE A 36 10.01 5.27 -3.35
N ASN A 37 10.78 5.06 -4.42
CA ASN A 37 12.24 5.17 -4.45
C ASN A 37 12.95 4.23 -3.43
N GLU A 38 12.25 3.26 -2.84
CA GLU A 38 12.71 2.39 -1.76
C GLU A 38 12.95 0.97 -2.33
N LYS A 39 13.19 -0.05 -1.50
CA LYS A 39 13.53 -1.39 -1.98
C LYS A 39 12.35 -2.36 -1.89
N PRO A 40 12.27 -3.36 -2.79
CA PRO A 40 11.20 -4.35 -2.80
C PRO A 40 11.26 -5.31 -1.62
N GLN A 41 12.39 -5.34 -0.91
CA GLN A 41 12.51 -5.96 0.38
C GLN A 41 11.45 -5.39 1.32
N VAL A 42 11.49 -4.07 1.56
CA VAL A 42 10.62 -3.50 2.57
C VAL A 42 9.17 -3.75 2.18
N ILE A 43 8.81 -3.62 0.90
CA ILE A 43 7.42 -3.84 0.46
C ILE A 43 6.92 -5.21 0.91
N ALA A 44 7.73 -6.25 0.69
CA ALA A 44 7.39 -7.60 1.13
C ALA A 44 7.20 -7.68 2.65
N ASP A 45 7.96 -6.92 3.42
CA ASP A 45 7.93 -6.92 4.88
C ASP A 45 6.75 -6.11 5.40
N TYR A 46 6.42 -4.99 4.76
CA TYR A 46 5.22 -4.21 5.01
C TYR A 46 3.99 -5.09 4.77
N GLU A 47 4.00 -5.95 3.75
CA GLU A 47 2.89 -6.83 3.41
C GLU A 47 2.65 -7.95 4.42
N SER A 48 3.69 -8.50 5.06
CA SER A 48 3.48 -9.39 6.20
C SER A 48 3.06 -8.56 7.42
N GLY A 49 3.50 -7.31 7.50
CA GLY A 49 3.29 -6.43 8.64
C GLY A 49 4.51 -6.40 9.55
N ARG A 50 5.64 -6.95 9.11
CA ARG A 50 6.90 -6.93 9.83
C ARG A 50 7.39 -5.50 9.96
N ALA A 51 7.62 -4.86 8.82
CA ALA A 51 8.25 -3.54 8.73
C ALA A 51 7.42 -2.53 9.51
N ILE A 52 8.11 -1.61 10.19
CA ILE A 52 7.50 -0.60 11.04
C ILE A 52 6.88 0.44 10.10
N PRO A 53 5.57 0.73 10.20
CA PRO A 53 4.93 1.68 9.30
C PRO A 53 5.48 3.09 9.55
N ASN A 54 6.18 3.66 8.57
CA ASN A 54 6.78 5.00 8.61
C ASN A 54 5.92 5.95 7.80
N ASN A 55 5.32 6.97 8.43
CA ASN A 55 4.39 7.92 7.80
C ASN A 55 4.89 8.48 6.48
N GLN A 56 6.18 8.78 6.35
CA GLN A 56 6.73 9.33 5.12
C GLN A 56 6.57 8.35 3.97
N VAL A 57 7.04 7.12 4.18
CA VAL A 57 6.99 6.04 3.19
C VAL A 57 5.53 5.72 2.90
N LEU A 58 4.69 5.64 3.93
CA LEU A 58 3.25 5.42 3.77
C LEU A 58 2.66 6.44 2.81
N GLY A 59 2.94 7.74 2.98
CA GLY A 59 2.46 8.78 2.08
C GLY A 59 2.90 8.57 0.63
N LYS A 60 4.10 8.02 0.41
CA LYS A 60 4.60 7.69 -0.92
C LYS A 60 3.82 6.49 -1.47
N ILE A 61 3.61 5.46 -0.65
CA ILE A 61 2.85 4.26 -0.99
C ILE A 61 1.42 4.64 -1.37
N GLU A 62 0.83 5.65 -0.74
CA GLU A 62 -0.51 6.08 -1.13
C GLU A 62 -0.56 6.40 -2.62
N ARG A 63 0.36 7.24 -3.13
CA ARG A 63 0.40 7.59 -4.55
C ARG A 63 0.89 6.44 -5.44
N ALA A 64 1.37 5.35 -4.83
CA ALA A 64 1.73 4.13 -5.54
C ALA A 64 0.48 3.36 -5.98
N ILE A 65 -0.57 3.34 -5.14
CA ILE A 65 -1.77 2.51 -5.37
C ILE A 65 -3.07 3.32 -5.47
N GLY A 66 -3.01 4.61 -5.14
CA GLY A 66 -4.11 5.56 -5.13
C GLY A 66 -5.15 5.24 -4.06
N LEU A 67 -4.73 4.72 -2.91
CA LEU A 67 -5.57 4.58 -1.72
C LEU A 67 -4.86 5.17 -0.51
N LYS A 68 -5.61 5.40 0.57
CA LYS A 68 -5.13 5.84 1.87
C LYS A 68 -4.54 4.66 2.61
N LEU A 69 -3.43 4.90 3.30
CA LEU A 69 -2.63 3.95 4.06
C LEU A 69 -2.58 4.35 5.54
N ARG A 70 -3.19 5.47 5.92
CA ARG A 70 -3.27 5.93 7.29
C ARG A 70 -4.65 6.53 7.55
N GLY A 71 -4.94 6.79 8.81
CA GLY A 71 -6.28 7.16 9.26
C GLY A 71 -7.16 5.91 9.31
N LYS A 72 -8.30 6.04 9.99
CA LYS A 72 -9.30 4.97 10.06
C LYS A 72 -10.13 4.90 8.77
N ASP A 73 -9.81 5.74 7.78
CA ASP A 73 -10.35 5.72 6.42
C ASP A 73 -9.39 4.96 5.47
N ILE A 74 -8.53 4.05 5.96
CA ILE A 74 -7.63 3.26 5.11
C ILE A 74 -8.42 2.54 4.00
N GLY A 75 -7.76 2.30 2.87
CA GLY A 75 -8.34 1.60 1.73
C GLY A 75 -9.36 2.45 0.97
N LYS A 76 -9.72 3.65 1.43
CA LYS A 76 -10.44 4.62 0.65
C LYS A 76 -9.46 5.25 -0.34
N PRO A 77 -9.92 5.69 -1.50
CA PRO A 77 -9.08 6.33 -2.51
C PRO A 77 -8.60 7.71 -2.06
N ILE A 78 -7.50 8.17 -2.64
CA ILE A 78 -6.93 9.49 -2.37
C ILE A 78 -7.30 10.42 -3.53
N GLU A 79 -7.45 11.71 -3.20
CA GLU A 79 -7.72 12.82 -4.10
C GLU A 79 -8.61 12.42 -5.28
N LYS A 80 -9.88 12.13 -4.96
CA LYS A 80 -10.96 11.91 -5.91
C LYS A 80 -12.06 12.93 -5.66
N GLY A 81 -13.07 12.94 -6.52
CA GLY A 81 -14.23 13.82 -6.39
C GLY A 81 -14.95 13.63 -5.05
N PRO A 82 -15.88 14.52 -4.71
CA PRO A 82 -16.59 14.46 -3.45
C PRO A 82 -17.60 13.31 -3.45
N ARG A 83 -17.99 12.84 -2.25
CA ARG A 83 -19.16 11.97 -2.07
C ARG A 83 -19.75 12.11 -0.65
N ALA A 84 -19.24 13.04 0.15
CA ALA A 84 -19.67 13.39 1.50
C ALA A 84 -18.90 14.65 1.88
N LYS A 85 -19.10 15.15 3.11
CA LYS A 85 -18.19 16.05 3.79
C LYS A 85 -18.17 15.71 5.28
N SER A 86 -17.69 16.62 6.13
CA SER A 86 -17.68 16.55 7.59
C SER A 86 -16.88 15.37 8.15
N GLY A 87 -16.83 15.29 9.48
CA GLY A 87 -16.51 14.09 10.23
C GLY A 87 -17.57 13.85 11.30
N PRO A 88 -17.46 12.78 12.08
CA PRO A 88 -18.34 12.54 13.22
C PRO A 88 -17.97 13.46 14.41
N SER A 89 -16.67 13.74 14.60
CA SER A 89 -16.07 14.68 15.54
C SER A 89 -16.44 14.42 17.03
N SER A 90 -15.74 15.04 17.98
CA SER A 90 -16.04 15.05 19.42
C SER A 90 -15.33 16.20 20.16
N GLY A 91 -14.20 16.69 19.64
CA GLY A 91 -13.38 17.72 20.26
C GLY A 91 -11.97 17.62 19.72
N GLY A 1 16.92 -14.18 -1.32
CA GLY A 1 15.45 -14.29 -1.28
C GLY A 1 14.79 -13.57 -2.45
N SER A 2 14.76 -12.23 -2.45
CA SER A 2 13.79 -11.44 -3.21
C SER A 2 12.37 -11.99 -2.94
N SER A 3 12.07 -12.22 -1.66
CA SER A 3 10.85 -12.88 -1.23
C SER A 3 9.65 -12.00 -1.57
N GLY A 4 8.61 -12.63 -2.11
CA GLY A 4 7.29 -12.02 -2.30
C GLY A 4 6.52 -12.27 -1.03
N SER A 5 5.70 -13.32 -1.00
CA SER A 5 4.90 -13.77 0.13
C SER A 5 4.66 -15.27 -0.04
N SER A 6 5.16 -16.08 0.89
CA SER A 6 4.78 -17.46 1.07
C SER A 6 4.73 -17.72 2.57
N GLY A 7 3.72 -18.39 3.11
CA GLY A 7 3.64 -18.65 4.53
C GLY A 7 2.23 -18.94 5.00
N ASP A 8 1.97 -18.71 6.29
CA ASP A 8 0.67 -18.69 6.93
C ASP A 8 0.68 -17.65 8.04
N ARG A 9 -0.02 -16.52 7.85
CA ARG A 9 -0.14 -15.46 8.85
C ARG A 9 -1.39 -14.65 8.48
N VAL A 10 -1.92 -13.85 9.41
CA VAL A 10 -2.89 -12.82 9.13
C VAL A 10 -2.28 -11.79 8.16
N THR A 11 -3.14 -11.07 7.45
CA THR A 11 -2.78 -9.95 6.60
C THR A 11 -3.24 -8.68 7.31
N LEU A 12 -2.29 -7.90 7.85
CA LEU A 12 -2.60 -6.66 8.56
C LEU A 12 -3.20 -5.65 7.58
N GLU A 13 -4.01 -4.70 8.07
CA GLU A 13 -4.67 -3.65 7.29
C GLU A 13 -3.75 -3.06 6.22
N VAL A 14 -2.58 -2.57 6.63
CA VAL A 14 -1.61 -1.95 5.75
C VAL A 14 -1.23 -2.94 4.65
N GLY A 15 -0.67 -4.10 4.97
CA GLY A 15 -0.27 -5.10 3.99
C GLY A 15 -1.43 -5.58 3.12
N LYS A 16 -2.64 -5.63 3.65
CA LYS A 16 -3.86 -6.00 2.94
C LYS A 16 -4.18 -4.95 1.87
N VAL A 17 -4.27 -3.68 2.24
CA VAL A 17 -4.55 -2.59 1.30
C VAL A 17 -3.40 -2.46 0.29
N ILE A 18 -2.15 -2.62 0.71
CA ILE A 18 -1.00 -2.57 -0.17
C ILE A 18 -1.17 -3.64 -1.24
N GLN A 19 -1.33 -4.90 -0.83
CA GLN A 19 -1.52 -6.03 -1.71
C GLN A 19 -2.63 -5.73 -2.71
N GLN A 20 -3.81 -5.35 -2.21
CA GLN A 20 -4.95 -5.07 -3.05
C GLN A 20 -4.64 -3.96 -4.04
N GLY A 21 -4.19 -2.78 -3.60
CA GLY A 21 -4.04 -1.67 -4.53
C GLY A 21 -2.90 -1.85 -5.50
N ARG A 22 -1.87 -2.64 -5.16
CA ARG A 22 -0.94 -3.14 -6.16
C ARG A 22 -1.71 -3.98 -7.18
N GLN A 23 -2.36 -5.06 -6.73
CA GLN A 23 -2.93 -6.08 -7.59
C GLN A 23 -4.07 -5.53 -8.44
N SER A 24 -4.80 -4.51 -7.95
CA SER A 24 -5.80 -3.76 -8.70
C SER A 24 -5.21 -3.13 -9.97
N LYS A 25 -3.88 -2.96 -10.01
CA LYS A 25 -3.13 -2.33 -11.07
C LYS A 25 -2.12 -3.34 -11.64
N GLY A 26 -2.21 -4.62 -11.27
CA GLY A 26 -1.32 -5.71 -11.66
C GLY A 26 0.07 -5.67 -11.00
N LEU A 27 0.38 -4.64 -10.22
CA LEU A 27 1.76 -4.26 -9.89
C LEU A 27 2.41 -5.28 -8.95
N THR A 28 3.73 -5.41 -8.98
CA THR A 28 4.52 -6.20 -8.03
C THR A 28 5.02 -5.33 -6.87
N GLN A 29 5.53 -5.95 -5.81
CA GLN A 29 6.34 -5.29 -4.79
C GLN A 29 7.49 -4.49 -5.42
N LYS A 30 8.13 -5.00 -6.47
CA LYS A 30 9.22 -4.30 -7.15
C LYS A 30 8.73 -2.99 -7.75
N ASP A 31 7.52 -2.99 -8.32
CA ASP A 31 6.94 -1.80 -8.93
C ASP A 31 6.66 -0.74 -7.86
N LEU A 32 6.16 -1.17 -6.70
CA LEU A 32 5.87 -0.34 -5.54
C LEU A 32 7.18 0.30 -5.05
N ALA A 33 8.18 -0.54 -4.79
CA ALA A 33 9.52 -0.14 -4.35
C ALA A 33 10.05 0.97 -5.25
N THR A 34 10.12 0.72 -6.56
CA THR A 34 10.59 1.68 -7.55
C THR A 34 9.77 2.98 -7.55
N LYS A 35 8.45 2.92 -7.37
CA LYS A 35 7.60 4.12 -7.28
C LYS A 35 8.02 5.03 -6.12
N ILE A 36 8.39 4.47 -4.98
CA ILE A 36 8.69 5.23 -3.76
C ILE A 36 10.19 5.32 -3.51
N ASN A 37 11.00 4.93 -4.51
CA ASN A 37 12.45 5.00 -4.54
C ASN A 37 13.14 4.10 -3.50
N GLU A 38 12.67 2.87 -3.33
CA GLU A 38 13.14 1.95 -2.29
C GLU A 38 13.36 0.53 -2.81
N LYS A 39 13.74 -0.38 -1.90
CA LYS A 39 13.96 -1.79 -2.18
C LYS A 39 12.69 -2.60 -1.91
N PRO A 40 12.42 -3.65 -2.69
CA PRO A 40 11.25 -4.49 -2.50
C PRO A 40 11.33 -5.37 -1.24
N GLN A 41 12.47 -5.37 -0.54
CA GLN A 41 12.59 -5.97 0.77
C GLN A 41 11.67 -5.29 1.77
N VAL A 42 11.69 -3.95 1.87
CA VAL A 42 10.87 -3.29 2.88
C VAL A 42 9.40 -3.42 2.51
N ILE A 43 9.09 -3.50 1.22
CA ILE A 43 7.74 -3.70 0.70
C ILE A 43 7.21 -5.08 1.13
N ALA A 44 8.02 -6.12 0.98
CA ALA A 44 7.67 -7.46 1.44
C ALA A 44 7.44 -7.48 2.95
N ASP A 45 8.19 -6.68 3.70
CA ASP A 45 8.05 -6.59 5.15
C ASP A 45 6.79 -5.81 5.53
N TYR A 46 6.49 -4.72 4.82
CA TYR A 46 5.24 -3.96 4.95
C TYR A 46 4.04 -4.89 4.77
N GLU A 47 4.06 -5.72 3.74
CA GLU A 47 2.98 -6.66 3.44
C GLU A 47 2.71 -7.60 4.60
N SER A 48 3.76 -8.12 5.24
CA SER A 48 3.55 -9.02 6.37
C SER A 48 3.20 -8.26 7.65
N GLY A 49 3.60 -6.99 7.77
CA GLY A 49 3.42 -6.21 8.98
C GLY A 49 4.68 -6.19 9.83
N ARG A 50 5.84 -5.99 9.21
CA ARG A 50 7.16 -6.12 9.83
C ARG A 50 8.05 -4.91 9.58
N ALA A 51 7.78 -4.12 8.53
CA ALA A 51 8.43 -2.84 8.39
C ALA A 51 7.93 -1.96 9.53
N ILE A 52 8.80 -1.26 10.25
CA ILE A 52 8.37 -0.24 11.20
C ILE A 52 7.80 0.89 10.31
N PRO A 53 6.49 1.11 10.30
CA PRO A 53 5.86 1.82 9.20
C PRO A 53 5.98 3.31 9.46
N ASN A 54 6.74 4.01 8.62
CA ASN A 54 6.95 5.45 8.76
C ASN A 54 5.73 6.11 8.15
N ASN A 55 5.21 7.19 8.75
CA ASN A 55 4.12 7.95 8.13
C ASN A 55 4.58 8.55 6.80
N GLN A 56 5.87 8.87 6.70
CA GLN A 56 6.51 9.32 5.47
C GLN A 56 6.32 8.28 4.38
N VAL A 57 6.82 7.08 4.59
CA VAL A 57 6.78 5.99 3.63
C VAL A 57 5.34 5.57 3.37
N LEU A 58 4.51 5.39 4.41
CA LEU A 58 3.09 5.15 4.28
C LEU A 58 2.47 6.18 3.33
N GLY A 59 2.77 7.47 3.52
CA GLY A 59 2.34 8.57 2.66
C GLY A 59 2.73 8.39 1.19
N LYS A 60 3.96 7.97 0.92
CA LYS A 60 4.44 7.65 -0.42
C LYS A 60 3.70 6.46 -1.01
N ILE A 61 3.48 5.41 -0.20
CA ILE A 61 2.70 4.25 -0.59
C ILE A 61 1.26 4.68 -0.92
N GLU A 62 0.71 5.70 -0.25
CA GLU A 62 -0.62 6.21 -0.65
C GLU A 62 -0.60 6.68 -2.10
N ARG A 63 0.41 7.47 -2.51
CA ARG A 63 0.57 7.84 -3.92
C ARG A 63 0.69 6.59 -4.79
N ALA A 64 1.44 5.59 -4.31
CA ALA A 64 1.83 4.40 -5.03
C ALA A 64 0.66 3.51 -5.49
N ILE A 65 -0.50 3.57 -4.82
CA ILE A 65 -1.70 2.83 -5.22
C ILE A 65 -2.93 3.76 -5.38
N GLY A 66 -2.83 5.00 -4.90
CA GLY A 66 -3.87 6.02 -4.92
C GLY A 66 -4.99 5.75 -3.92
N LEU A 67 -4.67 5.09 -2.80
CA LEU A 67 -5.58 4.84 -1.68
C LEU A 67 -4.89 5.25 -0.38
N LYS A 68 -5.66 5.43 0.70
CA LYS A 68 -5.17 5.72 2.05
C LYS A 68 -4.53 4.47 2.63
N LEU A 69 -3.46 4.64 3.40
CA LEU A 69 -2.73 3.55 4.07
C LEU A 69 -2.75 3.76 5.58
N ARG A 70 -3.54 4.72 6.09
CA ARG A 70 -3.41 5.18 7.46
C ARG A 70 -4.80 5.44 8.02
N GLY A 71 -5.07 4.84 9.18
CA GLY A 71 -6.30 5.02 9.93
C GLY A 71 -7.38 4.06 9.49
N LYS A 72 -8.54 4.13 10.14
CA LYS A 72 -9.72 3.30 9.85
C LYS A 72 -10.32 3.52 8.46
N ASP A 73 -9.94 4.58 7.75
CA ASP A 73 -10.40 4.86 6.39
C ASP A 73 -9.40 4.28 5.37
N ILE A 74 -8.61 3.28 5.76
CA ILE A 74 -7.64 2.64 4.89
C ILE A 74 -8.34 2.11 3.63
N GLY A 75 -7.62 2.09 2.52
CA GLY A 75 -8.12 1.58 1.25
C GLY A 75 -9.06 2.55 0.56
N LYS A 76 -9.58 3.60 1.21
CA LYS A 76 -10.36 4.61 0.54
C LYS A 76 -9.43 5.39 -0.38
N PRO A 77 -9.88 5.83 -1.55
CA PRO A 77 -9.07 6.54 -2.53
C PRO A 77 -8.70 7.94 -2.03
N ILE A 78 -7.54 8.44 -2.48
CA ILE A 78 -7.00 9.74 -2.08
C ILE A 78 -7.26 10.76 -3.19
N GLU A 79 -7.48 12.01 -2.78
CA GLU A 79 -7.70 13.18 -3.62
C GLU A 79 -8.72 12.90 -4.74
N LYS A 80 -9.95 12.54 -4.36
CA LYS A 80 -11.07 12.39 -5.28
C LYS A 80 -12.20 13.26 -4.75
N GLY A 81 -12.48 14.37 -5.43
CA GLY A 81 -13.49 15.33 -5.01
C GLY A 81 -13.10 16.70 -5.52
N PRO A 82 -13.76 17.78 -5.03
CA PRO A 82 -13.22 19.12 -5.11
C PRO A 82 -11.88 19.19 -4.37
N ARG A 83 -11.18 20.32 -4.49
CA ARG A 83 -9.99 20.61 -3.70
C ARG A 83 -9.95 22.13 -3.56
N ALA A 84 -9.46 22.62 -2.41
CA ALA A 84 -9.18 24.04 -2.26
C ALA A 84 -7.97 24.42 -3.14
N LYS A 85 -6.92 23.60 -3.10
CA LYS A 85 -5.70 23.75 -3.86
C LYS A 85 -4.98 22.40 -3.85
N SER A 86 -3.82 22.35 -4.51
CA SER A 86 -2.90 21.21 -4.48
C SER A 86 -1.45 21.63 -4.22
N GLY A 87 -1.17 22.92 -4.06
CA GLY A 87 0.17 23.47 -3.95
C GLY A 87 0.16 24.89 -4.50
N PRO A 88 1.31 25.58 -4.51
CA PRO A 88 1.46 26.81 -5.26
C PRO A 88 1.27 26.53 -6.76
N SER A 89 0.68 27.50 -7.46
CA SER A 89 0.59 27.50 -8.91
C SER A 89 0.77 28.95 -9.38
N SER A 90 1.81 29.18 -10.18
CA SER A 90 2.21 30.48 -10.68
C SER A 90 2.45 30.46 -12.20
N GLY A 91 2.23 29.33 -12.87
CA GLY A 91 2.39 29.16 -14.31
C GLY A 91 2.75 27.72 -14.61
N GLY A 1 14.03 -19.96 -10.42
CA GLY A 1 13.42 -20.00 -9.08
C GLY A 1 13.92 -18.83 -8.24
N SER A 2 13.49 -18.76 -6.98
CA SER A 2 14.11 -17.94 -5.93
C SER A 2 13.61 -18.37 -4.56
N SER A 3 12.33 -18.72 -4.42
CA SER A 3 11.68 -18.99 -3.14
C SER A 3 10.50 -19.96 -3.29
N GLY A 4 9.89 -20.02 -4.47
CA GLY A 4 8.55 -20.56 -4.64
C GLY A 4 7.55 -19.45 -4.34
N SER A 5 6.42 -19.79 -3.72
CA SER A 5 5.34 -18.88 -3.38
C SER A 5 4.89 -19.18 -1.96
N SER A 6 4.25 -18.21 -1.31
CA SER A 6 3.92 -18.27 0.11
C SER A 6 2.49 -17.78 0.39
N GLY A 7 2.21 -17.57 1.67
CA GLY A 7 0.98 -17.02 2.20
C GLY A 7 1.28 -16.26 3.48
N ASP A 8 0.28 -15.56 3.97
CA ASP A 8 0.30 -14.76 5.19
C ASP A 8 -1.14 -14.66 5.69
N ARG A 9 -1.34 -14.52 7.00
CA ARG A 9 -2.65 -14.63 7.64
C ARG A 9 -2.79 -13.57 8.72
N VAL A 10 -4.04 -13.24 9.04
CA VAL A 10 -4.40 -12.22 10.01
C VAL A 10 -3.62 -10.93 9.73
N THR A 11 -3.49 -10.57 8.45
CA THR A 11 -2.68 -9.46 8.01
C THR A 11 -3.25 -8.15 8.55
N LEU A 12 -2.36 -7.19 8.83
CA LEU A 12 -2.69 -5.83 9.18
C LEU A 12 -3.58 -5.24 8.09
N GLU A 13 -4.50 -4.32 8.43
CA GLU A 13 -5.28 -3.65 7.39
C GLU A 13 -4.40 -2.91 6.40
N VAL A 14 -3.24 -2.41 6.85
CA VAL A 14 -2.22 -1.83 5.99
C VAL A 14 -1.80 -2.87 4.95
N GLY A 15 -1.24 -4.00 5.35
CA GLY A 15 -0.82 -5.05 4.43
C GLY A 15 -1.95 -5.48 3.49
N LYS A 16 -3.19 -5.58 4.00
CA LYS A 16 -4.35 -5.92 3.19
C LYS A 16 -4.60 -4.86 2.11
N VAL A 17 -4.78 -3.59 2.48
CA VAL A 17 -5.06 -2.50 1.55
C VAL A 17 -3.92 -2.36 0.55
N ILE A 18 -2.67 -2.56 1.01
CA ILE A 18 -1.50 -2.58 0.15
C ILE A 18 -1.69 -3.65 -0.90
N GLN A 19 -1.81 -4.92 -0.51
CA GLN A 19 -1.90 -6.03 -1.44
C GLN A 19 -3.05 -5.84 -2.43
N GLN A 20 -4.20 -5.36 -1.97
CA GLN A 20 -5.36 -5.02 -2.79
C GLN A 20 -5.06 -3.91 -3.80
N GLY A 21 -4.36 -2.86 -3.38
CA GLY A 21 -4.04 -1.70 -4.18
C GLY A 21 -2.96 -1.97 -5.20
N ARG A 22 -2.00 -2.84 -4.86
CA ARG A 22 -1.03 -3.35 -5.81
C ARG A 22 -1.73 -4.20 -6.86
N GLN A 23 -2.58 -5.13 -6.44
CA GLN A 23 -3.38 -5.96 -7.33
C GLN A 23 -4.25 -5.12 -8.27
N SER A 24 -4.73 -3.96 -7.83
CA SER A 24 -5.59 -3.07 -8.61
C SER A 24 -4.87 -2.54 -9.86
N LYS A 25 -3.54 -2.57 -9.90
CA LYS A 25 -2.71 -2.01 -10.97
C LYS A 25 -1.68 -3.04 -11.46
N GLY A 26 -1.76 -4.28 -10.97
CA GLY A 26 -0.81 -5.35 -11.20
C GLY A 26 0.64 -4.93 -10.97
N LEU A 27 0.90 -4.25 -9.84
CA LEU A 27 2.24 -3.76 -9.53
C LEU A 27 2.91 -4.68 -8.53
N THR A 28 4.03 -5.28 -8.91
CA THR A 28 4.82 -6.13 -8.04
C THR A 28 5.45 -5.28 -6.93
N GLN A 29 6.03 -5.94 -5.93
CA GLN A 29 6.70 -5.29 -4.83
C GLN A 29 7.92 -4.53 -5.33
N LYS A 30 8.65 -5.06 -6.32
CA LYS A 30 9.68 -4.32 -7.07
C LYS A 30 9.15 -3.07 -7.75
N ASP A 31 7.99 -3.11 -8.39
CA ASP A 31 7.48 -1.95 -9.13
C ASP A 31 7.16 -0.85 -8.12
N LEU A 32 6.53 -1.22 -7.01
CA LEU A 32 6.21 -0.35 -5.89
C LEU A 32 7.47 0.27 -5.29
N ALA A 33 8.47 -0.55 -4.98
CA ALA A 33 9.76 -0.15 -4.44
C ALA A 33 10.37 0.93 -5.33
N THR A 34 10.41 0.74 -6.65
CA THR A 34 10.88 1.75 -7.57
C THR A 34 10.03 3.03 -7.50
N LYS A 35 8.70 2.91 -7.53
CA LYS A 35 7.79 4.06 -7.47
C LYS A 35 8.03 4.91 -6.23
N ILE A 36 8.30 4.30 -5.07
CA ILE A 36 8.52 5.01 -3.82
C ILE A 36 10.01 5.17 -3.50
N ASN A 37 10.88 4.78 -4.43
CA ASN A 37 12.34 4.72 -4.31
C ASN A 37 12.81 4.11 -2.98
N GLU A 38 12.50 2.83 -2.77
CA GLU A 38 12.94 2.00 -1.65
C GLU A 38 13.30 0.58 -2.15
N LYS A 39 13.60 -0.37 -1.24
CA LYS A 39 13.90 -1.75 -1.62
C LYS A 39 12.62 -2.55 -1.82
N PRO A 40 12.62 -3.54 -2.73
CA PRO A 40 11.52 -4.51 -2.84
C PRO A 40 11.42 -5.40 -1.61
N GLN A 41 12.53 -5.63 -0.91
CA GLN A 41 12.54 -6.49 0.25
C GLN A 41 11.74 -5.83 1.38
N VAL A 42 11.93 -4.53 1.61
CA VAL A 42 11.17 -3.86 2.67
C VAL A 42 9.70 -3.78 2.32
N ILE A 43 9.32 -3.68 1.04
CA ILE A 43 7.91 -3.79 0.64
C ILE A 43 7.39 -5.15 1.08
N ALA A 44 8.10 -6.24 0.76
CA ALA A 44 7.65 -7.55 1.18
C ALA A 44 7.54 -7.70 2.70
N ASP A 45 8.27 -6.88 3.47
CA ASP A 45 8.13 -6.81 4.91
C ASP A 45 7.00 -5.86 5.34
N TYR A 46 6.62 -4.86 4.55
CA TYR A 46 5.47 -3.97 4.78
C TYR A 46 4.20 -4.82 4.75
N GLU A 47 3.92 -5.51 3.64
CA GLU A 47 2.80 -6.39 3.52
C GLU A 47 2.74 -7.42 4.65
N SER A 48 3.87 -8.03 5.01
CA SER A 48 3.92 -8.98 6.11
C SER A 48 3.62 -8.36 7.47
N GLY A 49 3.84 -7.05 7.67
CA GLY A 49 3.62 -6.43 8.98
C GLY A 49 4.90 -6.27 9.79
N ARG A 50 6.07 -6.20 9.15
CA ARG A 50 7.37 -6.25 9.83
C ARG A 50 8.25 -5.04 9.53
N ALA A 51 8.15 -4.42 8.35
CA ALA A 51 8.82 -3.15 8.09
C ALA A 51 8.16 -2.10 8.98
N ILE A 52 8.93 -1.28 9.69
CA ILE A 52 8.37 -0.24 10.54
C ILE A 52 7.73 0.81 9.62
N PRO A 53 6.40 0.97 9.64
CA PRO A 53 5.70 1.87 8.75
C PRO A 53 5.85 3.30 9.29
N ASN A 54 6.53 4.18 8.54
CA ASN A 54 6.63 5.59 8.90
C ASN A 54 5.57 6.34 8.12
N ASN A 55 5.03 7.42 8.69
CA ASN A 55 3.99 8.26 8.09
C ASN A 55 4.43 8.74 6.70
N GLN A 56 5.67 9.20 6.58
CA GLN A 56 6.23 9.68 5.32
C GLN A 56 6.16 8.59 4.23
N VAL A 57 6.66 7.39 4.52
CA VAL A 57 6.69 6.29 3.55
C VAL A 57 5.28 5.79 3.27
N LEU A 58 4.43 5.70 4.30
CA LEU A 58 3.01 5.40 4.14
C LEU A 58 2.42 6.37 3.13
N GLY A 59 2.75 7.66 3.18
CA GLY A 59 2.31 8.65 2.19
C GLY A 59 2.79 8.33 0.78
N LYS A 60 4.04 7.85 0.60
CA LYS A 60 4.53 7.45 -0.71
C LYS A 60 3.71 6.26 -1.22
N ILE A 61 3.45 5.27 -0.37
CA ILE A 61 2.67 4.08 -0.67
C ILE A 61 1.22 4.47 -0.98
N GLU A 62 0.68 5.48 -0.32
CA GLU A 62 -0.68 5.92 -0.61
C GLU A 62 -0.77 6.32 -2.07
N ARG A 63 0.13 7.18 -2.55
CA ARG A 63 0.15 7.56 -3.96
C ARG A 63 0.33 6.33 -4.85
N ALA A 64 1.19 5.41 -4.43
CA ALA A 64 1.51 4.17 -5.12
C ALA A 64 0.29 3.28 -5.40
N ILE A 65 -0.79 3.36 -4.60
CA ILE A 65 -2.03 2.65 -4.89
C ILE A 65 -3.19 3.61 -5.19
N GLY A 66 -3.06 4.89 -4.86
CA GLY A 66 -4.04 5.96 -4.93
C GLY A 66 -5.13 5.85 -3.88
N LEU A 67 -4.85 5.24 -2.72
CA LEU A 67 -5.80 5.04 -1.61
C LEU A 67 -5.11 5.37 -0.29
N LYS A 68 -5.90 5.67 0.74
CA LYS A 68 -5.45 5.94 2.10
C LYS A 68 -4.87 4.67 2.70
N LEU A 69 -3.77 4.83 3.45
CA LEU A 69 -3.14 3.79 4.26
C LEU A 69 -3.24 4.14 5.74
N ARG A 70 -3.86 5.27 6.07
CA ARG A 70 -3.85 5.87 7.39
C ARG A 70 -5.27 6.30 7.73
N GLY A 71 -5.66 6.13 9.00
CA GLY A 71 -7.00 6.36 9.48
C GLY A 71 -7.93 5.22 9.07
N LYS A 72 -9.09 5.12 9.72
CA LYS A 72 -10.02 4.00 9.47
C LYS A 72 -10.75 4.10 8.12
N ASP A 73 -10.53 5.17 7.35
CA ASP A 73 -10.93 5.23 5.93
C ASP A 73 -9.96 4.44 5.05
N ILE A 74 -9.13 3.55 5.59
CA ILE A 74 -8.12 2.83 4.83
C ILE A 74 -8.74 2.19 3.58
N GLY A 75 -8.06 2.32 2.45
CA GLY A 75 -8.53 1.79 1.19
C GLY A 75 -9.57 2.66 0.50
N LYS A 76 -10.04 3.77 1.09
CA LYS A 76 -10.75 4.82 0.38
C LYS A 76 -9.71 5.60 -0.43
N PRO A 77 -10.08 6.17 -1.57
CA PRO A 77 -9.16 6.84 -2.46
C PRO A 77 -8.55 8.10 -1.85
N ILE A 78 -7.40 8.53 -2.34
CA ILE A 78 -6.82 9.84 -2.03
C ILE A 78 -7.11 10.75 -3.22
N GLU A 79 -7.48 12.00 -2.94
CA GLU A 79 -7.81 13.17 -3.75
C GLU A 79 -8.61 13.03 -5.06
N LYS A 80 -8.61 11.89 -5.75
CA LYS A 80 -9.39 11.65 -6.97
C LYS A 80 -10.88 11.65 -6.61
N GLY A 81 -11.74 11.64 -7.64
CA GLY A 81 -13.16 11.94 -7.47
C GLY A 81 -13.83 11.02 -6.43
N PRO A 82 -14.77 11.53 -5.62
CA PRO A 82 -15.43 10.75 -4.58
C PRO A 82 -16.33 9.70 -5.21
N ARG A 83 -16.61 8.63 -4.47
CA ARG A 83 -17.54 7.59 -4.87
C ARG A 83 -17.96 6.74 -3.66
N ALA A 84 -17.98 7.33 -2.46
CA ALA A 84 -18.41 6.67 -1.24
C ALA A 84 -19.38 7.56 -0.48
N LYS A 85 -19.95 7.05 0.60
CA LYS A 85 -20.82 7.79 1.51
C LYS A 85 -20.05 8.05 2.80
N SER A 86 -20.19 9.25 3.36
CA SER A 86 -19.53 9.77 4.55
C SER A 86 -19.98 11.23 4.67
N GLY A 87 -19.95 11.82 5.87
CA GLY A 87 -20.28 13.22 6.09
C GLY A 87 -18.99 14.02 6.30
N PRO A 88 -18.48 14.77 5.31
CA PRO A 88 -17.29 15.59 5.51
C PRO A 88 -17.55 16.76 6.47
N SER A 89 -16.47 17.40 6.90
CA SER A 89 -16.49 18.59 7.74
C SER A 89 -15.30 19.49 7.36
N SER A 90 -15.13 20.62 8.05
CA SER A 90 -14.02 21.55 7.91
C SER A 90 -13.85 22.28 9.24
N GLY A 91 -12.68 22.90 9.45
CA GLY A 91 -12.55 24.09 10.27
C GLY A 91 -12.49 25.29 9.34
N GLY A 1 14.03 -18.26 -5.42
CA GLY A 1 15.43 -17.92 -5.16
C GLY A 1 15.50 -17.35 -3.76
N SER A 2 16.11 -18.08 -2.83
CA SER A 2 15.56 -18.31 -1.50
C SER A 2 14.12 -18.86 -1.57
N SER A 3 13.60 -19.30 -0.43
CA SER A 3 12.19 -19.29 -0.09
C SER A 3 12.12 -19.17 1.43
N GLY A 4 10.92 -19.19 2.02
CA GLY A 4 10.68 -18.88 3.43
C GLY A 4 9.89 -19.97 4.15
N SER A 5 9.66 -19.78 5.45
CA SER A 5 8.79 -20.62 6.27
C SER A 5 7.92 -19.76 7.17
N SER A 6 8.50 -18.81 7.91
CA SER A 6 7.75 -17.95 8.82
C SER A 6 8.42 -16.57 8.93
N GLY A 7 7.66 -15.57 9.38
CA GLY A 7 8.02 -14.17 9.28
C GLY A 7 6.81 -13.23 9.21
N ASP A 8 5.61 -13.72 9.56
CA ASP A 8 4.31 -13.06 9.59
C ASP A 8 3.68 -13.01 8.19
N ARG A 9 2.38 -13.30 8.09
CA ARG A 9 1.55 -13.29 6.88
C ARG A 9 0.08 -13.20 7.28
N VAL A 10 -0.76 -13.00 6.25
CA VAL A 10 -2.20 -12.78 6.23
C VAL A 10 -2.56 -11.58 7.11
N THR A 11 -3.80 -11.54 7.65
CA THR A 11 -4.29 -10.55 8.60
C THR A 11 -4.08 -9.12 8.11
N LEU A 12 -4.04 -8.15 9.02
CA LEU A 12 -3.54 -6.79 8.84
C LEU A 12 -4.47 -5.89 8.03
N GLU A 13 -4.29 -4.58 8.23
CA GLU A 13 -4.83 -3.55 7.36
C GLU A 13 -3.78 -3.07 6.37
N VAL A 14 -2.65 -2.50 6.83
CA VAL A 14 -1.67 -1.89 5.92
C VAL A 14 -1.22 -2.89 4.86
N GLY A 15 -0.69 -4.06 5.25
CA GLY A 15 -0.31 -5.11 4.34
C GLY A 15 -1.44 -5.53 3.40
N LYS A 16 -2.68 -5.68 3.91
CA LYS A 16 -3.83 -6.04 3.09
C LYS A 16 -4.09 -4.95 2.04
N VAL A 17 -4.12 -3.69 2.44
CA VAL A 17 -4.37 -2.55 1.55
C VAL A 17 -3.29 -2.49 0.48
N ILE A 18 -2.03 -2.69 0.87
CA ILE A 18 -0.89 -2.71 -0.04
C ILE A 18 -1.10 -3.82 -1.07
N GLN A 19 -1.37 -5.05 -0.62
CA GLN A 19 -1.61 -6.21 -1.44
C GLN A 19 -2.75 -5.93 -2.45
N GLN A 20 -3.89 -5.41 -1.96
CA GLN A 20 -5.04 -5.05 -2.77
C GLN A 20 -4.68 -4.00 -3.83
N GLY A 21 -4.13 -2.86 -3.42
CA GLY A 21 -3.92 -1.77 -4.35
C GLY A 21 -2.76 -2.03 -5.29
N ARG A 22 -1.80 -2.89 -4.93
CA ARG A 22 -0.86 -3.42 -5.90
C ARG A 22 -1.64 -4.20 -6.95
N GLN A 23 -2.30 -5.29 -6.54
CA GLN A 23 -2.94 -6.24 -7.44
C GLN A 23 -3.95 -5.55 -8.34
N SER A 24 -4.68 -4.56 -7.81
CA SER A 24 -5.74 -3.91 -8.56
C SER A 24 -5.18 -3.11 -9.75
N LYS A 25 -3.86 -2.89 -9.79
CA LYS A 25 -3.13 -2.06 -10.74
C LYS A 25 -1.99 -2.86 -11.38
N GLY A 26 -1.93 -4.17 -11.13
CA GLY A 26 -0.93 -5.09 -11.64
C GLY A 26 0.47 -4.88 -11.04
N LEU A 27 0.63 -3.99 -10.07
CA LEU A 27 1.95 -3.54 -9.60
C LEU A 27 2.62 -4.68 -8.84
N THR A 28 3.78 -5.12 -9.29
CA THR A 28 4.60 -6.05 -8.54
C THR A 28 5.12 -5.36 -7.26
N GLN A 29 5.81 -6.10 -6.37
CA GLN A 29 6.42 -5.50 -5.20
C GLN A 29 7.55 -4.56 -5.64
N LYS A 30 8.36 -4.98 -6.62
CA LYS A 30 9.44 -4.18 -7.16
C LYS A 30 8.91 -2.92 -7.86
N ASP A 31 7.67 -2.92 -8.34
CA ASP A 31 7.00 -1.74 -8.89
C ASP A 31 6.63 -0.79 -7.75
N LEU A 32 6.07 -1.30 -6.65
CA LEU A 32 5.74 -0.47 -5.48
C LEU A 32 7.03 0.17 -4.94
N ALA A 33 8.08 -0.63 -4.78
CA ALA A 33 9.41 -0.19 -4.35
C ALA A 33 9.89 0.95 -5.24
N THR A 34 9.82 0.77 -6.57
CA THR A 34 10.16 1.81 -7.55
C THR A 34 9.32 3.07 -7.31
N LYS A 35 7.99 2.93 -7.17
CA LYS A 35 7.06 4.03 -6.94
C LYS A 35 7.33 4.83 -5.66
N ILE A 36 8.11 4.33 -4.73
CA ILE A 36 8.46 5.06 -3.51
C ILE A 36 9.98 5.13 -3.30
N ASN A 37 10.74 4.70 -4.31
CA ASN A 37 12.20 4.69 -4.35
C ASN A 37 12.80 3.93 -3.15
N GLU A 38 12.13 2.91 -2.62
CA GLU A 38 12.54 2.13 -1.44
C GLU A 38 13.13 0.78 -1.87
N LYS A 39 13.58 -0.04 -0.91
CA LYS A 39 14.03 -1.40 -1.18
C LYS A 39 12.79 -2.28 -1.38
N PRO A 40 12.77 -3.18 -2.37
CA PRO A 40 11.67 -4.10 -2.57
C PRO A 40 11.56 -5.13 -1.43
N GLN A 41 12.65 -5.39 -0.70
CA GLN A 41 12.61 -6.24 0.47
C GLN A 41 11.70 -5.64 1.54
N VAL A 42 11.76 -4.33 1.80
CA VAL A 42 10.94 -3.74 2.86
C VAL A 42 9.47 -3.66 2.44
N ILE A 43 9.16 -3.55 1.14
CA ILE A 43 7.80 -3.68 0.62
C ILE A 43 7.23 -5.04 1.03
N ALA A 44 8.00 -6.11 0.81
CA ALA A 44 7.58 -7.45 1.17
C ALA A 44 7.24 -7.55 2.64
N ASP A 45 7.97 -6.83 3.49
CA ASP A 45 7.80 -6.87 4.94
C ASP A 45 6.69 -5.94 5.41
N TYR A 46 6.32 -4.92 4.64
CA TYR A 46 5.10 -4.16 4.86
C TYR A 46 3.89 -5.09 4.68
N GLU A 47 3.93 -6.06 3.75
CA GLU A 47 2.85 -7.03 3.60
C GLU A 47 2.79 -8.02 4.77
N SER A 48 3.95 -8.42 5.31
CA SER A 48 4.02 -9.25 6.51
C SER A 48 3.52 -8.50 7.76
N GLY A 49 3.73 -7.19 7.78
CA GLY A 49 3.48 -6.33 8.93
C GLY A 49 4.74 -6.05 9.75
N ARG A 50 5.89 -6.49 9.26
CA ARG A 50 7.18 -6.45 9.95
C ARG A 50 7.78 -5.05 9.90
N ALA A 51 7.97 -4.52 8.69
CA ALA A 51 8.63 -3.23 8.48
C ALA A 51 7.83 -2.14 9.20
N ILE A 52 8.51 -1.12 9.71
CA ILE A 52 7.86 -0.05 10.45
C ILE A 52 7.02 0.74 9.45
N PRO A 53 5.70 0.87 9.65
CA PRO A 53 4.91 1.77 8.84
C PRO A 53 5.27 3.17 9.30
N ASN A 54 5.91 3.96 8.43
CA ASN A 54 6.46 5.26 8.81
C ASN A 54 5.92 6.34 7.87
N ASN A 55 5.57 7.50 8.41
CA ASN A 55 4.77 8.53 7.73
C ASN A 55 5.33 8.91 6.36
N GLN A 56 6.65 9.14 6.26
CA GLN A 56 7.25 9.53 4.99
C GLN A 56 6.92 8.50 3.92
N VAL A 57 7.15 7.21 4.21
CA VAL A 57 7.00 6.11 3.29
C VAL A 57 5.51 5.81 3.07
N LEU A 58 4.71 5.71 4.14
CA LEU A 58 3.26 5.53 4.09
C LEU A 58 2.64 6.48 3.08
N GLY A 59 2.99 7.77 3.14
CA GLY A 59 2.53 8.77 2.19
C GLY A 59 2.84 8.42 0.74
N LYS A 60 4.05 7.94 0.48
CA LYS A 60 4.49 7.58 -0.86
C LYS A 60 3.72 6.36 -1.33
N ILE A 61 3.47 5.39 -0.43
CA ILE A 61 2.65 4.22 -0.71
C ILE A 61 1.22 4.67 -1.05
N GLU A 62 0.66 5.67 -0.38
CA GLU A 62 -0.66 6.14 -0.76
C GLU A 62 -0.62 6.63 -2.21
N ARG A 63 0.37 7.46 -2.54
CA ARG A 63 0.58 7.95 -3.89
C ARG A 63 0.95 6.83 -4.88
N ALA A 64 1.38 5.67 -4.37
CA ALA A 64 1.77 4.52 -5.16
C ALA A 64 0.52 3.82 -5.72
N ILE A 65 -0.41 3.44 -4.84
CA ILE A 65 -1.61 2.69 -5.24
C ILE A 65 -2.78 3.66 -5.54
N GLY A 66 -2.77 4.87 -4.98
CA GLY A 66 -3.84 5.85 -5.07
C GLY A 66 -4.98 5.57 -4.11
N LEU A 67 -4.68 5.01 -2.93
CA LEU A 67 -5.60 4.75 -1.83
C LEU A 67 -4.94 5.18 -0.51
N LYS A 68 -5.72 5.34 0.57
CA LYS A 68 -5.25 5.74 1.89
C LYS A 68 -4.56 4.57 2.59
N LEU A 69 -3.52 4.88 3.37
CA LEU A 69 -2.75 3.96 4.22
C LEU A 69 -2.87 4.42 5.69
N ARG A 70 -3.85 5.27 6.01
CA ARG A 70 -4.11 5.85 7.33
C ARG A 70 -5.61 5.80 7.62
N GLY A 71 -5.95 5.98 8.89
CA GLY A 71 -7.32 6.03 9.39
C GLY A 71 -8.03 4.69 9.26
N LYS A 72 -9.28 4.61 9.73
CA LYS A 72 -10.15 3.48 9.45
C LYS A 72 -10.65 3.52 8.00
N ASP A 73 -10.42 4.63 7.28
CA ASP A 73 -10.68 4.78 5.84
C ASP A 73 -9.58 4.12 5.00
N ILE A 74 -8.69 3.31 5.58
CA ILE A 74 -7.64 2.68 4.81
C ILE A 74 -8.21 1.92 3.61
N GLY A 75 -7.54 2.00 2.47
CA GLY A 75 -8.00 1.40 1.24
C GLY A 75 -9.07 2.22 0.51
N LYS A 76 -9.64 3.27 1.09
CA LYS A 76 -10.43 4.25 0.34
C LYS A 76 -9.49 4.99 -0.59
N PRO A 77 -9.96 5.49 -1.74
CA PRO A 77 -9.17 6.29 -2.67
C PRO A 77 -8.59 7.55 -2.01
N ILE A 78 -7.53 8.12 -2.59
CA ILE A 78 -7.06 9.48 -2.25
C ILE A 78 -7.53 10.43 -3.35
N GLU A 79 -7.93 11.64 -2.94
CA GLU A 79 -8.37 12.76 -3.77
C GLU A 79 -9.20 12.31 -4.97
N LYS A 80 -10.45 11.88 -4.74
CA LYS A 80 -11.30 11.34 -5.79
C LYS A 80 -11.49 12.33 -6.95
N GLY A 81 -11.72 13.60 -6.65
CA GLY A 81 -11.85 14.66 -7.65
C GLY A 81 -10.99 15.86 -7.26
N PRO A 82 -11.01 16.96 -8.02
CA PRO A 82 -10.28 18.17 -7.70
C PRO A 82 -10.94 18.89 -6.53
N ARG A 83 -10.42 18.71 -5.30
CA ARG A 83 -10.94 19.31 -4.07
C ARG A 83 -9.72 19.72 -3.24
N ALA A 84 -9.07 20.82 -3.64
CA ALA A 84 -7.93 21.41 -2.95
C ALA A 84 -8.35 22.69 -2.23
N LYS A 85 -7.38 23.34 -1.56
CA LYS A 85 -7.53 24.66 -0.93
C LYS A 85 -6.58 25.66 -1.60
N SER A 86 -5.34 25.24 -1.85
CA SER A 86 -4.39 25.94 -2.73
C SER A 86 -4.20 27.40 -2.31
N GLY A 87 -3.73 27.60 -1.07
CA GLY A 87 -3.42 28.91 -0.51
C GLY A 87 -1.98 28.96 -0.02
N PRO A 88 -0.97 28.94 -0.92
CA PRO A 88 0.43 28.94 -0.55
C PRO A 88 0.80 30.21 0.24
N SER A 89 1.82 30.13 1.08
CA SER A 89 2.19 31.17 2.03
C SER A 89 3.66 31.59 1.79
N SER A 90 3.97 31.91 0.54
CA SER A 90 5.29 32.32 0.09
C SER A 90 5.62 33.72 0.63
N GLY A 91 6.56 33.81 1.57
CA GLY A 91 7.26 35.04 1.92
C GLY A 91 8.58 35.02 1.21
N GLY A 1 19.72 -18.27 7.84
CA GLY A 1 18.87 -17.73 6.78
C GLY A 1 17.64 -17.03 7.32
N SER A 2 16.73 -16.66 6.43
CA SER A 2 15.37 -16.25 6.78
C SER A 2 14.44 -17.41 6.40
N SER A 3 13.21 -17.44 6.93
CA SER A 3 12.28 -18.53 6.65
C SER A 3 11.80 -18.53 5.19
N GLY A 4 11.81 -17.38 4.52
CA GLY A 4 11.29 -17.21 3.17
C GLY A 4 9.78 -17.02 3.19
N SER A 5 9.22 -16.67 2.03
CA SER A 5 7.80 -16.38 1.87
C SER A 5 7.03 -17.70 1.82
N SER A 6 6.47 -18.15 2.95
CA SER A 6 5.64 -19.34 3.06
C SER A 6 4.29 -18.96 3.70
N GLY A 7 3.45 -18.28 2.92
CA GLY A 7 2.23 -17.66 3.42
C GLY A 7 2.56 -16.42 4.25
N ASP A 8 1.53 -15.80 4.83
CA ASP A 8 1.68 -14.59 5.66
C ASP A 8 0.62 -14.61 6.76
N ARG A 9 -0.65 -14.77 6.36
CA ARG A 9 -1.89 -14.90 7.14
C ARG A 9 -2.19 -13.73 8.07
N VAL A 10 -3.49 -13.59 8.35
CA VAL A 10 -4.09 -12.43 9.00
C VAL A 10 -3.44 -11.18 8.43
N THR A 11 -3.68 -10.95 7.14
CA THR A 11 -3.24 -9.75 6.46
C THR A 11 -3.83 -8.55 7.18
N LEU A 12 -3.01 -7.86 7.98
CA LEU A 12 -3.40 -6.65 8.68
C LEU A 12 -3.86 -5.61 7.65
N GLU A 13 -4.58 -4.58 8.09
CA GLU A 13 -5.17 -3.59 7.20
C GLU A 13 -4.14 -3.01 6.22
N VAL A 14 -2.97 -2.57 6.69
CA VAL A 14 -1.94 -2.02 5.80
C VAL A 14 -1.54 -3.07 4.76
N GLY A 15 -1.04 -4.24 5.14
CA GLY A 15 -0.62 -5.28 4.22
C GLY A 15 -1.72 -5.71 3.26
N LYS A 16 -2.96 -5.92 3.74
CA LYS A 16 -4.09 -6.25 2.88
C LYS A 16 -4.27 -5.14 1.84
N VAL A 17 -4.39 -3.89 2.28
CA VAL A 17 -4.63 -2.76 1.39
C VAL A 17 -3.47 -2.59 0.40
N ILE A 18 -2.22 -2.83 0.82
CA ILE A 18 -1.05 -2.79 -0.04
C ILE A 18 -1.23 -3.86 -1.11
N GLN A 19 -1.33 -5.13 -0.72
CA GLN A 19 -1.42 -6.27 -1.61
C GLN A 19 -2.56 -6.07 -2.62
N GLN A 20 -3.72 -5.63 -2.14
CA GLN A 20 -4.89 -5.30 -2.93
C GLN A 20 -4.61 -4.19 -3.92
N GLY A 21 -4.18 -3.02 -3.44
CA GLY A 21 -3.87 -1.86 -4.26
C GLY A 21 -2.91 -2.24 -5.37
N ARG A 22 -1.80 -2.89 -5.02
CA ARG A 22 -0.81 -3.39 -5.95
C ARG A 22 -1.52 -4.17 -7.06
N GLN A 23 -2.21 -5.26 -6.70
CA GLN A 23 -2.88 -6.14 -7.62
C GLN A 23 -3.92 -5.40 -8.48
N SER A 24 -4.58 -4.37 -7.96
CA SER A 24 -5.68 -3.72 -8.67
C SER A 24 -5.17 -2.91 -9.88
N LYS A 25 -3.94 -2.39 -9.84
CA LYS A 25 -3.27 -1.84 -11.04
C LYS A 25 -2.37 -2.88 -11.70
N GLY A 26 -2.33 -4.10 -11.19
CA GLY A 26 -1.47 -5.15 -11.69
C GLY A 26 -0.01 -4.74 -11.55
N LEU A 27 0.36 -4.19 -10.39
CA LEU A 27 1.71 -3.77 -10.05
C LEU A 27 2.24 -4.71 -8.97
N THR A 28 3.57 -4.76 -8.85
CA THR A 28 4.30 -5.72 -8.04
C THR A 28 5.04 -5.01 -6.92
N GLN A 29 5.59 -5.75 -5.95
CA GLN A 29 6.43 -5.23 -4.88
C GLN A 29 7.62 -4.46 -5.45
N LYS A 30 8.29 -4.97 -6.48
CA LYS A 30 9.36 -4.24 -7.17
C LYS A 30 8.86 -2.89 -7.69
N ASP A 31 7.64 -2.79 -8.23
CA ASP A 31 7.16 -1.55 -8.81
C ASP A 31 6.76 -0.56 -7.73
N LEU A 32 6.18 -1.04 -6.63
CA LEU A 32 5.86 -0.27 -5.44
C LEU A 32 7.16 0.32 -4.89
N ALA A 33 8.19 -0.52 -4.74
CA ALA A 33 9.51 -0.15 -4.26
C ALA A 33 10.08 0.96 -5.14
N THR A 34 10.05 0.83 -6.46
CA THR A 34 10.45 1.88 -7.38
C THR A 34 9.61 3.14 -7.16
N LYS A 35 8.29 3.03 -7.02
CA LYS A 35 7.40 4.17 -6.82
C LYS A 35 7.69 4.94 -5.53
N ILE A 36 8.23 4.33 -4.48
CA ILE A 36 8.62 5.01 -3.24
C ILE A 36 10.14 5.15 -3.08
N ASN A 37 10.91 4.77 -4.10
CA ASN A 37 12.37 4.68 -4.09
C ASN A 37 12.91 3.93 -2.86
N GLU A 38 12.54 2.65 -2.75
CA GLU A 38 12.97 1.70 -1.74
C GLU A 38 13.36 0.37 -2.41
N LYS A 39 13.78 -0.63 -1.63
CA LYS A 39 13.99 -2.01 -2.10
C LYS A 39 12.67 -2.80 -1.99
N PRO A 40 12.47 -3.82 -2.82
CA PRO A 40 11.28 -4.66 -2.75
C PRO A 40 11.25 -5.48 -1.45
N GLN A 41 12.42 -5.77 -0.88
CA GLN A 41 12.56 -6.51 0.37
C GLN A 41 11.87 -5.81 1.54
N VAL A 42 11.78 -4.47 1.55
CA VAL A 42 11.01 -3.80 2.60
C VAL A 42 9.53 -3.87 2.27
N ILE A 43 9.11 -3.79 1.00
CA ILE A 43 7.68 -3.86 0.64
C ILE A 43 7.09 -5.21 1.09
N ALA A 44 7.82 -6.30 0.83
CA ALA A 44 7.41 -7.63 1.27
C ALA A 44 7.21 -7.70 2.79
N ASP A 45 7.96 -6.90 3.55
CA ASP A 45 7.87 -6.85 5.00
C ASP A 45 6.84 -5.82 5.47
N TYR A 46 6.52 -4.78 4.68
CA TYR A 46 5.36 -3.92 4.91
C TYR A 46 4.08 -4.75 4.79
N GLU A 47 4.00 -5.62 3.78
CA GLU A 47 2.91 -6.58 3.64
C GLU A 47 2.87 -7.51 4.84
N SER A 48 4.01 -8.01 5.31
CA SER A 48 4.04 -8.92 6.46
C SER A 48 3.60 -8.22 7.75
N GLY A 49 3.97 -6.97 7.93
CA GLY A 49 3.82 -6.24 9.18
C GLY A 49 5.10 -6.25 9.99
N ARG A 50 6.25 -6.34 9.33
CA ARG A 50 7.57 -6.55 9.93
C ARG A 50 8.44 -5.30 9.81
N ALA A 51 8.25 -4.48 8.77
CA ALA A 51 8.88 -3.17 8.65
C ALA A 51 8.26 -2.20 9.68
N ILE A 52 8.75 -0.96 9.72
CA ILE A 52 8.23 0.08 10.60
C ILE A 52 7.51 1.13 9.74
N PRO A 53 6.18 1.26 9.88
CA PRO A 53 5.37 2.14 9.06
C PRO A 53 5.53 3.57 9.55
N ASN A 54 6.10 4.43 8.72
CA ASN A 54 6.43 5.82 9.03
C ASN A 54 5.66 6.73 8.08
N ASN A 55 5.21 7.90 8.55
CA ASN A 55 4.32 8.82 7.85
C ASN A 55 4.76 9.07 6.42
N GLN A 56 6.06 9.32 6.25
CA GLN A 56 6.63 9.70 4.98
C GLN A 56 6.45 8.56 3.98
N VAL A 57 6.88 7.36 4.35
CA VAL A 57 6.78 6.16 3.53
C VAL A 57 5.29 5.84 3.29
N LEU A 58 4.46 5.84 4.34
CA LEU A 58 3.02 5.67 4.25
C LEU A 58 2.45 6.56 3.16
N GLY A 59 2.70 7.87 3.23
CA GLY A 59 2.27 8.84 2.24
C GLY A 59 2.78 8.54 0.83
N LYS A 60 3.99 7.98 0.69
CA LYS A 60 4.54 7.62 -0.61
C LYS A 60 3.79 6.42 -1.15
N ILE A 61 3.57 5.39 -0.33
CA ILE A 61 2.85 4.16 -0.70
C ILE A 61 1.42 4.52 -1.07
N GLU A 62 0.82 5.50 -0.40
CA GLU A 62 -0.53 5.92 -0.76
C GLU A 62 -0.55 6.34 -2.23
N ARG A 63 0.36 7.21 -2.67
CA ARG A 63 0.49 7.56 -4.09
C ARG A 63 0.76 6.32 -4.93
N ALA A 64 1.58 5.40 -4.44
CA ALA A 64 1.99 4.22 -5.16
C ALA A 64 0.83 3.34 -5.64
N ILE A 65 -0.33 3.38 -4.97
CA ILE A 65 -1.55 2.67 -5.38
C ILE A 65 -2.73 3.63 -5.62
N GLY A 66 -2.59 4.90 -5.23
CA GLY A 66 -3.60 5.96 -5.32
C GLY A 66 -4.76 5.76 -4.35
N LEU A 67 -4.53 5.09 -3.22
CA LEU A 67 -5.52 4.80 -2.19
C LEU A 67 -4.86 5.03 -0.81
N LYS A 68 -5.64 5.16 0.27
CA LYS A 68 -5.22 5.59 1.61
C LYS A 68 -4.72 4.43 2.46
N LEU A 69 -3.69 4.66 3.27
CA LEU A 69 -3.01 3.68 4.11
C LEU A 69 -3.13 4.03 5.59
N ARG A 70 -3.92 5.05 5.94
CA ARG A 70 -4.10 5.55 7.30
C ARG A 70 -5.56 5.95 7.50
N GLY A 71 -5.99 5.96 8.76
CA GLY A 71 -7.37 6.21 9.15
C GLY A 71 -8.27 5.02 8.85
N LYS A 72 -9.53 5.08 9.31
CA LYS A 72 -10.55 4.09 8.94
C LYS A 72 -10.88 4.15 7.46
N ASP A 73 -10.49 5.25 6.79
CA ASP A 73 -10.58 5.42 5.36
C ASP A 73 -9.61 4.52 4.59
N ILE A 74 -8.92 3.54 5.22
CA ILE A 74 -7.97 2.72 4.51
C ILE A 74 -8.63 2.07 3.29
N GLY A 75 -7.97 2.21 2.14
CA GLY A 75 -8.48 1.71 0.89
C GLY A 75 -9.34 2.69 0.11
N LYS A 76 -9.81 3.77 0.74
CA LYS A 76 -10.46 4.87 0.05
C LYS A 76 -9.40 5.56 -0.79
N PRO A 77 -9.80 6.18 -1.90
CA PRO A 77 -8.88 6.78 -2.83
C PRO A 77 -8.24 8.04 -2.26
N ILE A 78 -7.08 8.43 -2.79
CA ILE A 78 -6.53 9.77 -2.57
C ILE A 78 -6.83 10.54 -3.85
N GLU A 79 -7.42 11.73 -3.70
CA GLU A 79 -7.80 12.68 -4.76
C GLU A 79 -8.20 11.96 -6.06
N LYS A 80 -9.23 11.09 -6.02
CA LYS A 80 -9.58 10.29 -7.19
C LYS A 80 -9.95 11.24 -8.34
N GLY A 81 -9.54 10.89 -9.55
CA GLY A 81 -9.79 11.68 -10.73
C GLY A 81 -10.59 10.83 -11.71
N PRO A 82 -10.03 10.52 -12.89
CA PRO A 82 -10.71 9.72 -13.88
C PRO A 82 -10.92 8.28 -13.39
N ARG A 83 -11.86 7.60 -14.03
CA ARG A 83 -12.19 6.19 -13.82
C ARG A 83 -12.66 5.95 -12.39
N ALA A 84 -13.95 6.22 -12.18
CA ALA A 84 -14.67 5.76 -11.00
C ALA A 84 -14.49 4.24 -10.87
N LYS A 85 -14.39 3.77 -9.63
CA LYS A 85 -14.25 2.36 -9.31
C LYS A 85 -14.75 2.23 -7.87
N SER A 86 -16.03 1.92 -7.69
CA SER A 86 -16.67 1.87 -6.39
C SER A 86 -16.16 0.62 -5.65
N GLY A 87 -15.45 0.83 -4.55
CA GLY A 87 -14.81 -0.25 -3.83
C GLY A 87 -14.58 0.12 -2.37
N PRO A 88 -15.63 0.15 -1.52
CA PRO A 88 -15.47 0.30 -0.09
C PRO A 88 -14.89 -0.98 0.53
N SER A 89 -14.70 -0.96 1.85
CA SER A 89 -14.11 -2.05 2.61
C SER A 89 -15.16 -2.64 3.56
N SER A 90 -15.54 -1.93 4.62
CA SER A 90 -16.56 -2.39 5.54
C SER A 90 -17.92 -2.57 4.84
N GLY A 91 -18.27 -1.65 3.94
CA GLY A 91 -19.50 -1.65 3.16
C GLY A 91 -19.98 -0.22 2.99
N GLY A 1 -0.45 -9.21 -14.03
CA GLY A 1 -0.33 -10.49 -14.73
C GLY A 1 -0.86 -11.65 -13.90
N SER A 2 -0.17 -12.79 -13.94
CA SER A 2 -0.58 -14.01 -13.26
C SER A 2 -0.80 -13.76 -11.77
N SER A 3 -1.89 -14.32 -11.24
CA SER A 3 -2.19 -14.25 -9.84
C SER A 3 -1.33 -15.27 -9.10
N GLY A 4 -0.22 -14.83 -8.53
CA GLY A 4 0.58 -15.61 -7.59
C GLY A 4 -0.26 -15.85 -6.35
N SER A 5 -1.00 -16.96 -6.33
CA SER A 5 -2.00 -17.40 -5.37
C SER A 5 -3.26 -16.52 -5.36
N SER A 6 -3.14 -15.19 -5.21
CA SER A 6 -4.20 -14.24 -4.87
C SER A 6 -5.02 -14.65 -3.63
N GLY A 7 -4.50 -15.60 -2.83
CA GLY A 7 -5.17 -16.25 -1.72
C GLY A 7 -4.87 -15.55 -0.40
N ASP A 8 -5.12 -16.27 0.70
CA ASP A 8 -4.96 -15.86 2.10
C ASP A 8 -5.84 -14.68 2.50
N ARG A 9 -6.09 -14.52 3.82
CA ARG A 9 -6.79 -13.36 4.38
C ARG A 9 -6.07 -12.71 5.56
N VAL A 10 -5.04 -13.37 6.09
CA VAL A 10 -4.46 -13.06 7.40
C VAL A 10 -3.30 -12.07 7.20
N THR A 11 -3.63 -10.79 6.99
CA THR A 11 -2.65 -9.72 6.85
C THR A 11 -3.10 -8.49 7.62
N LEU A 12 -2.12 -7.73 8.10
CA LEU A 12 -2.31 -6.44 8.74
C LEU A 12 -2.91 -5.50 7.70
N GLU A 13 -3.77 -4.57 8.12
CA GLU A 13 -4.61 -3.81 7.20
C GLU A 13 -3.79 -2.96 6.23
N VAL A 14 -2.67 -2.37 6.66
CA VAL A 14 -1.72 -1.69 5.77
C VAL A 14 -1.29 -2.66 4.67
N GLY A 15 -0.66 -3.78 5.03
CA GLY A 15 -0.24 -4.83 4.12
C GLY A 15 -1.37 -5.34 3.23
N LYS A 16 -2.61 -5.41 3.72
CA LYS A 16 -3.74 -5.86 2.93
C LYS A 16 -4.13 -4.81 1.90
N VAL A 17 -4.29 -3.55 2.30
CA VAL A 17 -4.60 -2.44 1.37
C VAL A 17 -3.49 -2.34 0.33
N ILE A 18 -2.23 -2.52 0.73
CA ILE A 18 -1.10 -2.55 -0.18
C ILE A 18 -1.31 -3.68 -1.19
N GLN A 19 -1.46 -4.92 -0.71
CA GLN A 19 -1.60 -6.09 -1.56
C GLN A 19 -2.77 -5.89 -2.54
N GLN A 20 -3.92 -5.41 -2.05
CA GLN A 20 -5.08 -5.07 -2.84
C GLN A 20 -4.71 -4.08 -3.95
N GLY A 21 -4.27 -2.86 -3.59
CA GLY A 21 -4.04 -1.84 -4.59
C GLY A 21 -3.00 -2.22 -5.63
N ARG A 22 -1.98 -2.97 -5.23
CA ARG A 22 -1.01 -3.50 -6.16
C ARG A 22 -1.72 -4.46 -7.13
N GLN A 23 -2.40 -5.49 -6.61
CA GLN A 23 -3.12 -6.48 -7.39
C GLN A 23 -4.13 -5.83 -8.32
N SER A 24 -4.85 -4.80 -7.88
CA SER A 24 -5.90 -4.17 -8.69
C SER A 24 -5.25 -3.48 -9.90
N LYS A 25 -4.12 -2.80 -9.70
CA LYS A 25 -3.37 -2.14 -10.77
C LYS A 25 -2.42 -3.10 -11.51
N GLY A 26 -2.36 -4.36 -11.12
CA GLY A 26 -1.45 -5.36 -11.67
C GLY A 26 0.02 -5.07 -11.37
N LEU A 27 0.33 -4.20 -10.40
CA LEU A 27 1.69 -3.78 -10.06
C LEU A 27 2.36 -4.86 -9.22
N THR A 28 3.69 -4.94 -9.25
CA THR A 28 4.48 -5.85 -8.42
C THR A 28 4.91 -5.16 -7.12
N GLN A 29 5.46 -5.93 -6.17
CA GLN A 29 6.17 -5.37 -5.03
C GLN A 29 7.39 -4.56 -5.50
N LYS A 30 8.09 -5.02 -6.54
CA LYS A 30 9.19 -4.29 -7.16
C LYS A 30 8.73 -2.93 -7.69
N ASP A 31 7.53 -2.86 -8.27
CA ASP A 31 6.96 -1.61 -8.76
C ASP A 31 6.66 -0.68 -7.59
N LEU A 32 6.23 -1.21 -6.45
CA LEU A 32 5.94 -0.43 -5.25
C LEU A 32 7.23 0.20 -4.73
N ALA A 33 8.29 -0.60 -4.59
CA ALA A 33 9.62 -0.15 -4.20
C ALA A 33 10.07 1.00 -5.09
N THR A 34 9.86 0.85 -6.40
CA THR A 34 10.20 1.82 -7.40
C THR A 34 9.40 3.12 -7.16
N LYS A 35 8.06 3.02 -7.04
CA LYS A 35 7.16 4.14 -6.83
C LYS A 35 7.44 4.95 -5.57
N ILE A 36 8.15 4.39 -4.58
CA ILE A 36 8.53 5.09 -3.35
C ILE A 36 10.05 5.27 -3.23
N ASN A 37 10.81 4.84 -4.24
CA ASN A 37 12.28 4.84 -4.28
C ASN A 37 12.92 4.19 -3.03
N GLU A 38 12.54 2.93 -2.74
CA GLU A 38 13.08 2.07 -1.68
C GLU A 38 13.49 0.71 -2.27
N LYS A 39 13.92 -0.25 -1.45
CA LYS A 39 14.23 -1.61 -1.86
C LYS A 39 12.98 -2.49 -1.78
N PRO A 40 12.82 -3.49 -2.68
CA PRO A 40 11.67 -4.38 -2.65
C PRO A 40 11.61 -5.28 -1.41
N GLN A 41 12.70 -5.46 -0.67
CA GLN A 41 12.65 -6.17 0.60
C GLN A 41 11.72 -5.46 1.59
N VAL A 42 11.79 -4.12 1.69
CA VAL A 42 10.97 -3.43 2.67
C VAL A 42 9.49 -3.63 2.33
N ILE A 43 9.15 -3.74 1.03
CA ILE A 43 7.80 -3.98 0.55
C ILE A 43 7.32 -5.35 1.04
N ALA A 44 8.15 -6.40 0.92
CA ALA A 44 7.82 -7.71 1.46
C ALA A 44 7.47 -7.63 2.95
N ASP A 45 8.20 -6.81 3.70
CA ASP A 45 8.01 -6.65 5.14
C ASP A 45 6.83 -5.72 5.47
N TYR A 46 6.51 -4.75 4.61
CA TYR A 46 5.32 -3.90 4.72
C TYR A 46 4.08 -4.79 4.60
N GLU A 47 3.99 -5.60 3.57
CA GLU A 47 2.92 -6.55 3.38
C GLU A 47 2.80 -7.59 4.49
N SER A 48 3.92 -8.14 4.95
CA SER A 48 3.94 -9.18 5.98
C SER A 48 3.45 -8.62 7.32
N GLY A 49 3.81 -7.37 7.65
CA GLY A 49 3.50 -6.73 8.93
C GLY A 49 4.72 -6.39 9.77
N ARG A 50 5.95 -6.63 9.28
CA ARG A 50 7.17 -6.51 10.09
C ARG A 50 7.96 -5.24 9.83
N ALA A 51 7.69 -4.49 8.75
CA ALA A 51 8.34 -3.20 8.56
C ALA A 51 7.92 -2.26 9.68
N ILE A 52 8.77 -1.30 10.04
CA ILE A 52 8.32 -0.19 10.88
C ILE A 52 7.59 0.78 9.94
N PRO A 53 6.29 1.03 10.10
CA PRO A 53 5.61 2.02 9.30
C PRO A 53 6.08 3.40 9.73
N ASN A 54 6.24 4.31 8.76
CA ASN A 54 6.46 5.72 9.06
C ASN A 54 5.62 6.59 8.13
N ASN A 55 5.22 7.76 8.60
CA ASN A 55 4.33 8.69 7.90
C ASN A 55 4.88 9.03 6.53
N GLN A 56 6.19 9.25 6.45
CA GLN A 56 6.92 9.48 5.22
C GLN A 56 6.63 8.38 4.21
N VAL A 57 6.95 7.13 4.57
CA VAL A 57 6.80 5.99 3.68
C VAL A 57 5.32 5.76 3.38
N LEU A 58 4.46 5.69 4.39
CA LEU A 58 3.02 5.58 4.25
C LEU A 58 2.50 6.54 3.19
N GLY A 59 2.86 7.82 3.25
CA GLY A 59 2.42 8.82 2.28
C GLY A 59 2.89 8.51 0.86
N LYS A 60 4.10 7.96 0.69
CA LYS A 60 4.61 7.55 -0.62
C LYS A 60 3.81 6.35 -1.11
N ILE A 61 3.55 5.38 -0.23
CA ILE A 61 2.74 4.20 -0.56
C ILE A 61 1.35 4.65 -0.98
N GLU A 62 0.78 5.71 -0.40
CA GLU A 62 -0.53 6.18 -0.85
C GLU A 62 -0.47 6.51 -2.34
N ARG A 63 0.58 7.20 -2.79
CA ARG A 63 0.79 7.57 -4.19
C ARG A 63 1.20 6.39 -5.07
N ALA A 64 1.58 5.28 -4.45
CA ALA A 64 1.98 4.06 -5.13
C ALA A 64 0.78 3.34 -5.75
N ILE A 65 -0.34 3.26 -5.04
CA ILE A 65 -1.56 2.57 -5.48
C ILE A 65 -2.74 3.55 -5.65
N GLY A 66 -2.63 4.74 -5.07
CA GLY A 66 -3.64 5.79 -5.09
C GLY A 66 -4.75 5.57 -4.07
N LEU A 67 -4.46 4.91 -2.94
CA LEU A 67 -5.40 4.73 -1.84
C LEU A 67 -4.77 5.29 -0.56
N LYS A 68 -5.60 5.54 0.45
CA LYS A 68 -5.23 5.91 1.80
C LYS A 68 -4.65 4.69 2.49
N LEU A 69 -3.50 4.89 3.14
CA LEU A 69 -2.76 3.91 3.93
C LEU A 69 -2.78 4.30 5.41
N ARG A 70 -3.56 5.32 5.78
CA ARG A 70 -3.66 5.90 7.10
C ARG A 70 -5.10 6.37 7.29
N GLY A 71 -5.50 6.59 8.54
CA GLY A 71 -6.88 6.81 8.93
C GLY A 71 -7.71 5.52 8.80
N LYS A 72 -8.85 5.46 9.48
CA LYS A 72 -9.81 4.36 9.34
C LYS A 72 -10.39 4.31 7.92
N ASP A 73 -10.17 5.34 7.11
CA ASP A 73 -10.53 5.41 5.69
C ASP A 73 -9.61 4.49 4.85
N ILE A 74 -8.73 3.66 5.42
CA ILE A 74 -7.76 2.88 4.66
C ILE A 74 -8.45 2.14 3.50
N GLY A 75 -7.82 2.15 2.32
CA GLY A 75 -8.35 1.54 1.11
C GLY A 75 -9.26 2.48 0.30
N LYS A 76 -9.67 3.62 0.83
CA LYS A 76 -10.35 4.66 0.09
C LYS A 76 -9.32 5.38 -0.78
N PRO A 77 -9.69 5.93 -1.93
CA PRO A 77 -8.76 6.60 -2.84
C PRO A 77 -8.28 7.93 -2.27
N ILE A 78 -7.16 8.44 -2.81
CA ILE A 78 -6.61 9.73 -2.38
C ILE A 78 -7.00 10.81 -3.40
N GLU A 79 -7.90 11.68 -2.98
CA GLU A 79 -8.43 12.83 -3.70
C GLU A 79 -9.10 12.48 -5.03
N LYS A 80 -10.43 12.52 -5.04
CA LYS A 80 -11.33 12.00 -6.07
C LYS A 80 -11.29 10.46 -6.05
N GLY A 81 -11.85 9.80 -7.07
CA GLY A 81 -11.71 8.37 -7.28
C GLY A 81 -12.86 7.52 -6.74
N PRO A 82 -12.82 6.20 -7.00
CA PRO A 82 -13.89 5.23 -6.73
C PRO A 82 -14.15 5.05 -5.23
N ARG A 83 -15.26 5.61 -4.75
CA ARG A 83 -15.56 5.70 -3.32
C ARG A 83 -16.14 4.40 -2.76
N ALA A 84 -16.77 3.56 -3.59
CA ALA A 84 -17.37 2.31 -3.14
C ALA A 84 -16.30 1.22 -3.03
N LYS A 85 -16.63 0.13 -2.32
CA LYS A 85 -15.75 -1.00 -2.09
C LYS A 85 -16.53 -2.28 -1.81
N SER A 86 -15.82 -3.39 -1.74
CA SER A 86 -16.21 -4.66 -1.15
C SER A 86 -14.96 -5.17 -0.40
N GLY A 87 -15.10 -6.22 0.39
CA GLY A 87 -13.99 -6.94 1.00
C GLY A 87 -14.28 -7.27 2.47
N PRO A 88 -13.62 -8.30 3.02
CA PRO A 88 -13.89 -8.82 4.37
C PRO A 88 -13.17 -7.99 5.45
N SER A 89 -13.31 -6.67 5.40
CA SER A 89 -12.76 -5.73 6.35
C SER A 89 -13.96 -4.98 6.94
N SER A 90 -14.33 -5.31 8.17
CA SER A 90 -15.44 -4.66 8.87
C SER A 90 -14.95 -3.34 9.46
N GLY A 91 -15.10 -2.24 8.72
CA GLY A 91 -14.60 -0.95 9.13
C GLY A 91 -13.09 -1.00 9.24
N GLY A 1 6.87 -17.19 -13.23
CA GLY A 1 6.39 -16.38 -12.12
C GLY A 1 7.46 -16.12 -11.07
N SER A 2 7.63 -14.85 -10.68
CA SER A 2 8.54 -14.42 -9.62
C SER A 2 7.90 -13.30 -8.81
N SER A 3 8.54 -12.94 -7.69
CA SER A 3 8.10 -11.94 -6.72
C SER A 3 6.62 -12.06 -6.35
N GLY A 4 6.26 -13.12 -5.63
CA GLY A 4 4.92 -13.26 -5.08
C GLY A 4 4.89 -14.29 -3.97
N SER A 5 3.76 -14.35 -3.29
CA SER A 5 3.46 -15.26 -2.21
C SER A 5 1.96 -15.26 -1.95
N SER A 6 1.46 -16.30 -1.30
CA SER A 6 0.15 -16.31 -0.68
C SER A 6 0.19 -15.47 0.61
N GLY A 7 -0.97 -15.05 1.10
CA GLY A 7 -1.06 -14.42 2.42
C GLY A 7 -0.87 -15.49 3.50
N ASP A 8 -0.38 -15.09 4.67
CA ASP A 8 -0.26 -15.96 5.84
C ASP A 8 -0.71 -15.19 7.07
N ARG A 9 -1.40 -15.88 7.99
CA ARG A 9 -2.02 -15.30 9.18
C ARG A 9 -2.99 -14.18 8.79
N VAL A 10 -3.40 -13.37 9.76
CA VAL A 10 -4.42 -12.34 9.57
C VAL A 10 -3.75 -11.15 8.89
N THR A 11 -4.19 -10.83 7.67
CA THR A 11 -3.63 -9.75 6.88
C THR A 11 -4.02 -8.40 7.50
N LEU A 12 -3.07 -7.70 8.14
CA LEU A 12 -3.26 -6.39 8.77
C LEU A 12 -3.82 -5.41 7.74
N GLU A 13 -4.52 -4.38 8.22
CA GLU A 13 -5.08 -3.29 7.43
C GLU A 13 -4.08 -2.77 6.39
N VAL A 14 -2.91 -2.31 6.83
CA VAL A 14 -1.88 -1.76 5.94
C VAL A 14 -1.48 -2.81 4.90
N GLY A 15 -1.03 -3.99 5.32
CA GLY A 15 -0.60 -5.05 4.40
C GLY A 15 -1.70 -5.48 3.43
N LYS A 16 -2.95 -5.49 3.86
CA LYS A 16 -4.09 -5.88 3.04
C LYS A 16 -4.33 -4.84 1.96
N VAL A 17 -4.44 -3.57 2.34
CA VAL A 17 -4.66 -2.49 1.39
C VAL A 17 -3.49 -2.41 0.41
N ILE A 18 -2.26 -2.65 0.87
CA ILE A 18 -1.09 -2.75 0.03
C ILE A 18 -1.31 -3.83 -1.02
N GLN A 19 -1.53 -5.09 -0.61
CA GLN A 19 -1.69 -6.18 -1.55
C GLN A 19 -2.79 -5.85 -2.56
N GLN A 20 -3.97 -5.44 -2.07
CA GLN A 20 -5.15 -5.10 -2.84
C GLN A 20 -4.88 -4.01 -3.87
N GLY A 21 -4.23 -2.92 -3.48
CA GLY A 21 -4.00 -1.80 -4.36
C GLY A 21 -2.91 -2.10 -5.37
N ARG A 22 -1.86 -2.84 -4.97
CA ARG A 22 -0.89 -3.34 -5.91
C ARG A 22 -1.58 -4.18 -6.98
N GLN A 23 -2.33 -5.20 -6.54
CA GLN A 23 -3.06 -6.14 -7.36
C GLN A 23 -3.93 -5.42 -8.37
N SER A 24 -4.71 -4.43 -7.89
CA SER A 24 -5.68 -3.71 -8.70
C SER A 24 -5.03 -2.92 -9.84
N LYS A 25 -3.69 -2.87 -9.90
CA LYS A 25 -2.89 -2.09 -10.83
C LYS A 25 -1.80 -2.98 -11.47
N GLY A 26 -1.79 -4.28 -11.19
CA GLY A 26 -0.78 -5.23 -11.65
C GLY A 26 0.61 -4.95 -11.08
N LEU A 27 0.74 -4.14 -10.03
CA LEU A 27 2.05 -3.67 -9.57
C LEU A 27 2.76 -4.82 -8.87
N THR A 28 3.99 -5.12 -9.26
CA THR A 28 4.83 -6.03 -8.48
C THR A 28 5.20 -5.38 -7.15
N GLN A 29 5.78 -6.15 -6.22
CA GLN A 29 6.41 -5.57 -5.06
C GLN A 29 7.58 -4.66 -5.49
N LYS A 30 8.31 -5.00 -6.56
CA LYS A 30 9.39 -4.17 -7.06
C LYS A 30 8.84 -2.89 -7.71
N ASP A 31 7.70 -2.92 -8.38
CA ASP A 31 7.06 -1.74 -8.96
C ASP A 31 6.84 -0.73 -7.85
N LEU A 32 6.21 -1.19 -6.79
CA LEU A 32 5.84 -0.38 -5.64
C LEU A 32 7.08 0.26 -5.05
N ALA A 33 8.12 -0.56 -4.84
CA ALA A 33 9.41 -0.15 -4.34
C ALA A 33 9.98 0.99 -5.18
N THR A 34 9.98 0.86 -6.50
CA THR A 34 10.40 1.90 -7.43
C THR A 34 9.53 3.15 -7.29
N LYS A 35 8.19 3.01 -7.21
CA LYS A 35 7.26 4.11 -6.99
C LYS A 35 7.62 4.94 -5.77
N ILE A 36 8.26 4.35 -4.76
CA ILE A 36 8.67 5.02 -3.54
C ILE A 36 10.21 5.14 -3.40
N ASN A 37 10.98 4.78 -4.43
CA ASN A 37 12.44 4.81 -4.49
C ASN A 37 13.12 4.00 -3.37
N GLU A 38 12.42 3.04 -2.77
CA GLU A 38 12.87 2.27 -1.62
C GLU A 38 13.04 0.80 -1.99
N LYS A 39 13.58 -0.01 -1.08
CA LYS A 39 13.93 -1.40 -1.32
C LYS A 39 12.66 -2.27 -1.44
N PRO A 40 12.62 -3.23 -2.37
CA PRO A 40 11.50 -4.14 -2.53
C PRO A 40 11.46 -5.21 -1.45
N GLN A 41 12.53 -5.33 -0.66
CA GLN A 41 12.52 -6.03 0.61
C GLN A 41 11.48 -5.39 1.51
N VAL A 42 11.59 -4.09 1.79
CA VAL A 42 10.77 -3.46 2.81
C VAL A 42 9.30 -3.44 2.40
N ILE A 43 8.98 -3.49 1.10
CA ILE A 43 7.63 -3.65 0.59
C ILE A 43 7.03 -4.99 1.00
N ALA A 44 7.79 -6.08 0.82
CA ALA A 44 7.37 -7.41 1.23
C ALA A 44 7.23 -7.49 2.76
N ASP A 45 8.10 -6.81 3.48
CA ASP A 45 8.06 -6.75 4.94
C ASP A 45 6.89 -5.86 5.43
N TYR A 46 6.50 -4.82 4.69
CA TYR A 46 5.30 -4.02 4.92
C TYR A 46 4.03 -4.86 4.88
N GLU A 47 3.96 -5.84 3.98
CA GLU A 47 2.81 -6.73 3.86
C GLU A 47 2.61 -7.51 5.16
N SER A 48 3.61 -8.29 5.59
CA SER A 48 3.48 -9.12 6.78
C SER A 48 3.33 -8.29 8.06
N GLY A 49 3.88 -7.07 8.08
CA GLY A 49 3.98 -6.26 9.29
C GLY A 49 5.36 -6.37 9.94
N ARG A 50 6.33 -7.02 9.27
CA ARG A 50 7.70 -7.05 9.73
C ARG A 50 8.34 -5.67 9.59
N ALA A 51 8.04 -4.92 8.52
CA ALA A 51 8.56 -3.57 8.36
C ALA A 51 7.85 -2.66 9.36
N ILE A 52 8.63 -1.77 9.98
CA ILE A 52 8.08 -0.69 10.77
C ILE A 52 7.56 0.36 9.77
N PRO A 53 6.31 0.79 9.84
CA PRO A 53 5.80 1.82 8.93
C PRO A 53 6.48 3.16 9.24
N ASN A 54 6.48 4.08 8.28
CA ASN A 54 6.93 5.45 8.49
C ASN A 54 5.93 6.37 7.79
N ASN A 55 5.52 7.48 8.40
CA ASN A 55 4.55 8.43 7.83
C ASN A 55 5.00 8.90 6.45
N GLN A 56 6.31 9.03 6.24
CA GLN A 56 6.90 9.44 4.97
C GLN A 56 6.55 8.41 3.90
N VAL A 57 6.95 7.17 4.12
CA VAL A 57 6.77 6.05 3.19
C VAL A 57 5.28 5.75 3.05
N LEU A 58 4.49 5.66 4.14
CA LEU A 58 3.02 5.58 4.08
C LEU A 58 2.47 6.60 3.09
N GLY A 59 2.78 7.89 3.26
CA GLY A 59 2.28 8.95 2.37
C GLY A 59 2.76 8.82 0.92
N LYS A 60 3.77 7.99 0.65
CA LYS A 60 4.22 7.63 -0.70
C LYS A 60 3.47 6.41 -1.19
N ILE A 61 3.33 5.35 -0.38
CA ILE A 61 2.56 4.16 -0.70
C ILE A 61 1.15 4.58 -1.10
N GLU A 62 0.57 5.60 -0.47
CA GLU A 62 -0.73 6.09 -0.90
C GLU A 62 -0.70 6.48 -2.38
N ARG A 63 0.22 7.35 -2.80
CA ARG A 63 0.36 7.73 -4.22
C ARG A 63 0.91 6.59 -5.08
N ALA A 64 1.33 5.49 -4.46
CA ALA A 64 1.81 4.30 -5.13
C ALA A 64 0.64 3.43 -5.62
N ILE A 65 -0.53 3.47 -4.96
CA ILE A 65 -1.71 2.67 -5.31
C ILE A 65 -2.99 3.51 -5.48
N GLY A 66 -2.97 4.77 -5.09
CA GLY A 66 -4.09 5.69 -5.07
C GLY A 66 -5.16 5.25 -4.08
N LEU A 67 -4.77 4.76 -2.91
CA LEU A 67 -5.66 4.51 -1.77
C LEU A 67 -5.05 5.11 -0.50
N LYS A 68 -5.86 5.28 0.54
CA LYS A 68 -5.46 5.71 1.88
C LYS A 68 -4.75 4.56 2.58
N LEU A 69 -3.68 4.85 3.31
CA LEU A 69 -2.90 3.87 4.09
C LEU A 69 -2.98 4.21 5.59
N ARG A 70 -3.87 5.13 5.98
CA ARG A 70 -4.08 5.54 7.37
C ARG A 70 -5.57 5.73 7.61
N GLY A 71 -5.96 5.73 8.88
CA GLY A 71 -7.34 5.82 9.31
C GLY A 71 -8.07 4.50 9.09
N LYS A 72 -9.27 4.39 9.65
CA LYS A 72 -10.18 3.27 9.36
C LYS A 72 -10.71 3.32 7.93
N ASP A 73 -10.59 4.47 7.26
CA ASP A 73 -10.92 4.66 5.85
C ASP A 73 -9.81 4.11 4.95
N ILE A 74 -8.88 3.29 5.47
CA ILE A 74 -7.84 2.64 4.69
C ILE A 74 -8.47 1.89 3.51
N GLY A 75 -7.81 1.91 2.36
CA GLY A 75 -8.30 1.23 1.18
C GLY A 75 -9.46 1.95 0.50
N LYS A 76 -9.94 3.10 1.01
CA LYS A 76 -10.67 4.07 0.22
C LYS A 76 -9.66 4.83 -0.62
N PRO A 77 -10.07 5.39 -1.76
CA PRO A 77 -9.19 6.14 -2.65
C PRO A 77 -8.75 7.48 -2.06
N ILE A 78 -7.69 8.04 -2.66
CA ILE A 78 -7.17 9.38 -2.39
C ILE A 78 -7.40 10.24 -3.64
N GLU A 79 -7.17 11.56 -3.54
CA GLU A 79 -7.34 12.56 -4.60
C GLU A 79 -8.83 12.71 -4.96
N LYS A 80 -9.24 13.81 -5.62
CA LYS A 80 -10.64 13.98 -6.01
C LYS A 80 -10.91 13.23 -7.29
N GLY A 81 -11.10 11.93 -7.17
CA GLY A 81 -11.74 11.10 -8.18
C GLY A 81 -12.48 9.99 -7.46
N PRO A 82 -13.80 9.85 -7.61
CA PRO A 82 -14.57 8.74 -7.05
C PRO A 82 -14.35 7.47 -7.88
N ARG A 83 -13.11 6.96 -7.83
CA ARG A 83 -12.75 5.62 -8.28
C ARG A 83 -13.31 4.61 -7.27
N ALA A 84 -13.10 3.32 -7.56
CA ALA A 84 -13.17 2.16 -6.67
C ALA A 84 -13.73 2.48 -5.28
N LYS A 85 -15.06 2.33 -5.08
CA LYS A 85 -15.63 2.33 -3.73
C LYS A 85 -15.31 0.97 -3.10
N SER A 86 -14.02 0.74 -2.85
CA SER A 86 -13.60 -0.21 -1.85
C SER A 86 -13.80 0.45 -0.49
N GLY A 87 -14.08 -0.35 0.53
CA GLY A 87 -14.39 0.09 1.87
C GLY A 87 -14.42 -1.14 2.75
N PRO A 88 -13.27 -1.67 3.16
CA PRO A 88 -13.22 -2.83 4.04
C PRO A 88 -13.89 -2.54 5.39
N SER A 89 -14.10 -3.57 6.21
CA SER A 89 -14.63 -3.44 7.57
C SER A 89 -13.97 -4.52 8.42
N SER A 90 -13.79 -4.23 9.72
CA SER A 90 -13.19 -5.13 10.69
C SER A 90 -13.86 -4.97 12.05
N GLY A 91 -13.71 -5.98 12.91
CA GLY A 91 -13.96 -5.91 14.33
C GLY A 91 -12.62 -5.58 14.96
#